data_8HAO
#
_entry.id   8HAO
#
_cell.length_a   1.00
_cell.length_b   1.00
_cell.length_c   1.00
_cell.angle_alpha   90.00
_cell.angle_beta   90.00
_cell.angle_gamma   90.00
#
_symmetry.space_group_name_H-M   'P 1'
#
loop_
_entity.id
_entity.type
_entity.pdbx_description
1 polymer 'Guanine nucleotide-binding protein G(s) subunit alpha'
2 polymer 'Guanine nucleotide-binding protein G(I)/G(S)/G(T) subunit beta-1'
3 polymer 'Guanine nucleotide-binding protein G(I)/G(S)/G(O) subunit gamma-2'
4 polymer 'Nanobody 35'
5 polymer 'Parathyroid hormone'
6 polymer 'Parathyroid hormone/parathyroid hormone-related peptide receptor'
#
loop_
_entity_poly.entity_id
_entity_poly.type
_entity_poly.pdbx_seq_one_letter_code
_entity_poly.pdbx_strand_id
1 'polypeptide(L)'
;MGCTLSAEDKAAVERSKMIEKQLQKDKQVYRATHRLLLLGADNSGKSTIVKQMRIYHVNGYSEEECKQYKAVVYSNTIQS
IIAIIRAMGRLKIDFGDSARADDARQLFVLAGAAEEGFMTAELAGVIKRLWKDSGVQACFNRSREYQLNDSAAYYLNDLD
RIAQPNYIPTQQDVLRTRVKTSGIFETKFQVDKVNFHMFDVGAQRDERRKWIQCFNDVTAIIFVVDSSDYNRLQEALNDF
KSIWNNRWLRTISVILFLNKQDLLAEKVLAGKSKIEDYFPEFARYTTPEDATPEPGEDPRVTRAKYFIRDEFLRISTASG
DGRHYCYPHFTCSVDTENARRIFNDCRDIIQRMHLRQYELL
;
A,C
2 'polypeptide(L)'
;MHHHHHHSSGLVPRGSHMASHHHHHHHHHHGSLLQSELDQLRQEAEQLKNQIRDARKACADATLSQITNNIDPVGRIQMR
TRRTLRGHLAKIYAMHWGTDSRLLVSASQDGKLIIWDSYTTNKVHAIPLRSSWVMTCAYAPSGNYVACGGLDNICSIYNL
KTREGNVRVSRELAGHTGYLSCCRFLDDNQIVTSSGDTTCALWDIETGQQTTTFTGHTGDVMSLSLAPDTRLFVSGACDA
SAKLWDVREGMCRQTFTGHESDINAICFFPNGNAFATGSDDATCRLFDLRADQELMTYSHDNIICGITSVSFSKSGRLLL
AGYDDFNCNVWDALKADRAGVLAGHDNRVSCLGVTDDGMAVATGSWDSFLKIWNGSSGGGGSGGGGSSGVSGWRLFKKIS
;
B,D
3 'polypeptide(L)' MASNNTASIAQARKLVEQLKMEANIDRIKVSKAAADLMAYCEAHAKEDPLLTPVPASENPFREKKFFCAIL E,G
4 'polypeptide(L)'
;MAQVQLQESGGGLVQPGGSLRLSCAASGFTFSNYKMNWVRQAPGKGLEWVSDISQSGASISYTGSVKGRFTISRDNAKNT
LYLQMNSLKPEDTAVYYCARCPAPFTRDCFDVTSTTYAYRGQGTQVTVSSHHHHHHEPEA
;
F,N
5 'polypeptide(L)' SVSEIQLMHNLGKHLNSMERVEWLRKKLQDVHNF(NH2) H,P
6 'polypeptide(L)'
;DADDVMTKEEQIFLLHRAQAQCEKRLKEVLQRPASIMESDKGWTSASTSGKPRKDKASGKLYPESEEDKEAPTGSRYRGR
PCLPEWDHILCWPLGAPGEVVAVPCPDYIYDFNHKGHAYRRCDRNGSWELVPGHNRTWANYSECVKFLTNETREREVFDR
LAMIYTVGYSVSLASLTVAVLILAYFRRLHCTRNYIHMHLFLSFMLRAVSIFVKDAVLYSGATLDEAERLTEEELRAIAQ
APPPPATAAAGYAGCRVAVTFFLYFLATNYYWILVEGLYLHSLIFMAFFSEKKYLWGFTVFGWGLPAVFVAVWVSVRATL
ANTGCWDLSSGNKKWIIQVPILASIVLNFILFINIVRVLATKLRETNAGRCDTRQQYRKLLKSTLVLMPLFGVHYIVFMA
TPYTEVSGTLWQVQMHYEMLFNSFQGFFVAIIYCFCNGEVQAEIKKSWSRWTLALDFRRKARSGSSSYSYGPMVSH
;
I,R
#
loop_
_chem_comp.id
_chem_comp.type
_chem_comp.name
_chem_comp.formula
NH2 non-polymer 'AMINO GROUP' 'H2 N'
#
# COMPACT_ATOMS: atom_id res chain seq x y z
N LEU A 5 -27.96 65.09 0.82
CA LEU A 5 -28.22 64.34 2.08
C LEU A 5 -29.06 63.10 1.81
N SER A 6 -30.28 63.32 1.30
CA SER A 6 -31.19 62.20 1.03
C SER A 6 -30.61 61.29 -0.05
N ALA A 7 -30.06 61.88 -1.11
CA ALA A 7 -29.54 61.07 -2.22
C ALA A 7 -28.38 60.18 -1.77
N GLU A 8 -27.44 60.75 -1.00
CA GLU A 8 -26.31 59.96 -0.54
C GLU A 8 -26.75 58.84 0.39
N ASP A 9 -27.68 59.14 1.30
CA ASP A 9 -28.18 58.11 2.20
C ASP A 9 -28.88 57.00 1.42
N LYS A 10 -29.69 57.37 0.42
CA LYS A 10 -30.39 56.37 -0.38
C LYS A 10 -29.40 55.50 -1.15
N ALA A 11 -28.36 56.12 -1.71
CA ALA A 11 -27.36 55.35 -2.44
C ALA A 11 -26.63 54.38 -1.51
N ALA A 12 -26.27 54.84 -0.32
CA ALA A 12 -25.59 53.97 0.63
C ALA A 12 -26.50 52.82 1.05
N VAL A 13 -27.79 53.11 1.24
CA VAL A 13 -28.74 52.06 1.61
C VAL A 13 -28.86 51.04 0.48
N GLU A 14 -28.94 51.50 -0.77
CA GLU A 14 -29.07 50.57 -1.89
C GLU A 14 -27.84 49.69 -1.99
N ARG A 15 -26.65 50.29 -1.81
CA ARG A 15 -25.42 49.50 -1.83
C ARG A 15 -25.42 48.47 -0.70
N SER A 16 -25.87 48.87 0.49
CA SER A 16 -25.91 47.96 1.63
C SER A 16 -26.85 46.80 1.36
N LYS A 17 -28.01 47.06 0.78
CA LYS A 17 -28.94 45.96 0.45
C LYS A 17 -28.41 45.07 -0.66
N MET A 18 -27.68 45.62 -1.63
CA MET A 18 -27.05 44.76 -2.62
C MET A 18 -26.01 43.85 -1.96
N ILE A 19 -25.21 44.41 -1.05
CA ILE A 19 -24.27 43.59 -0.29
C ILE A 19 -25.03 42.54 0.52
N GLU A 20 -26.18 42.91 1.07
CA GLU A 20 -26.97 41.96 1.86
C GLU A 20 -27.47 40.80 1.01
N LYS A 21 -27.92 41.09 -0.21
CA LYS A 21 -28.34 40.02 -1.12
C LYS A 21 -27.17 39.09 -1.43
N GLN A 22 -26.01 39.68 -1.74
CA GLN A 22 -24.84 38.86 -2.02
C GLN A 22 -24.48 38.01 -0.82
N LEU A 23 -24.57 38.59 0.38
CA LEU A 23 -24.24 37.85 1.59
C LEU A 23 -25.26 36.76 1.89
N GLN A 24 -26.53 36.97 1.54
CA GLN A 24 -27.51 35.91 1.69
C GLN A 24 -27.20 34.72 0.79
N LYS A 25 -26.84 35.00 -0.47
CA LYS A 25 -26.43 33.92 -1.36
C LYS A 25 -25.18 33.23 -0.81
N ASP A 26 -24.23 34.01 -0.31
CA ASP A 26 -23.01 33.45 0.26
C ASP A 26 -23.32 32.57 1.47
N LYS A 27 -24.26 33.01 2.31
CA LYS A 27 -24.66 32.21 3.47
C LYS A 27 -25.31 30.90 3.02
N GLN A 28 -26.16 30.96 2.01
CA GLN A 28 -26.77 29.73 1.49
C GLN A 28 -25.68 28.74 1.07
N VAL A 29 -24.74 29.20 0.24
CA VAL A 29 -23.71 28.27 -0.24
C VAL A 29 -22.83 27.81 0.92
N TYR A 30 -22.51 28.70 1.85
CA TYR A 30 -21.61 28.36 2.95
C TYR A 30 -22.22 27.30 3.86
N ARG A 31 -23.52 27.43 4.18
CA ARG A 31 -24.20 26.42 4.96
C ARG A 31 -24.44 25.14 4.15
N ALA A 32 -24.49 25.24 2.83
CA ALA A 32 -24.68 24.04 2.01
C ALA A 32 -23.52 23.06 2.19
N THR A 33 -22.29 23.57 2.23
CA THR A 33 -21.12 22.70 2.27
C THR A 33 -20.74 22.37 3.72
N HIS A 34 -19.91 21.34 3.86
CA HIS A 34 -19.38 20.90 5.14
C HIS A 34 -17.86 20.98 5.11
N ARG A 35 -17.27 21.53 6.16
CA ARG A 35 -15.84 21.72 6.26
C ARG A 35 -15.22 20.61 7.10
N LEU A 36 -14.09 20.08 6.62
CA LEU A 36 -13.38 19.01 7.31
C LEU A 36 -11.91 19.37 7.42
N LEU A 37 -11.28 18.90 8.49
CA LEU A 37 -9.85 19.10 8.74
C LEU A 37 -9.17 17.74 8.74
N LEU A 38 -8.13 17.60 7.92
CA LEU A 38 -7.36 16.37 7.82
C LEU A 38 -6.09 16.51 8.65
N LEU A 39 -5.90 15.60 9.59
CA LEU A 39 -4.78 15.65 10.52
C LEU A 39 -4.08 14.29 10.57
N GLY A 40 -2.78 14.32 10.83
CA GLY A 40 -2.00 13.10 10.92
C GLY A 40 -0.53 13.33 10.71
N ALA A 41 0.30 12.45 11.28
CA ALA A 41 1.75 12.59 11.14
C ALA A 41 2.19 12.16 9.75
N ASP A 42 3.49 12.35 9.48
CA ASP A 42 4.04 12.02 8.17
C ASP A 42 3.90 10.54 7.84
N ASN A 43 4.12 9.65 8.80
CA ASN A 43 4.06 8.22 8.52
C ASN A 43 2.70 7.82 7.95
N SER A 44 1.63 8.45 8.43
CA SER A 44 0.30 8.16 7.92
C SER A 44 0.18 8.59 6.46
N GLY A 45 -0.48 7.77 5.66
CA GLY A 45 -0.60 8.02 4.24
C GLY A 45 -1.64 9.06 3.88
N LYS A 46 -1.47 10.28 4.38
CA LYS A 46 -2.44 11.33 4.10
C LYS A 46 -2.47 11.69 2.61
N SER A 47 -1.30 11.74 1.96
CA SER A 47 -1.26 12.10 0.56
C SER A 47 -2.02 11.10 -0.31
N THR A 48 -1.89 9.81 0.00
CA THR A 48 -2.63 8.80 -0.76
C THR A 48 -4.13 9.02 -0.60
N ILE A 49 -4.59 9.31 0.62
CA ILE A 49 -6.00 9.54 0.86
C ILE A 49 -6.48 10.77 0.10
N VAL A 50 -5.66 11.83 0.08
CA VAL A 50 -6.01 13.02 -0.69
C VAL A 50 -6.16 12.66 -2.16
N LYS A 51 -5.25 11.84 -2.70
CA LYS A 51 -5.38 11.42 -4.09
C LYS A 51 -6.68 10.64 -4.30
N GLN A 52 -7.01 9.72 -3.39
CA GLN A 52 -8.23 8.94 -3.57
C GLN A 52 -9.47 9.84 -3.60
N MET A 53 -9.54 10.81 -2.69
CA MET A 53 -10.67 11.75 -2.74
C MET A 53 -10.56 12.75 -3.89
N ARG A 54 -9.40 12.89 -4.52
CA ARG A 54 -9.32 13.75 -5.70
C ARG A 54 -10.09 13.20 -6.89
N ILE A 55 -10.53 11.94 -6.83
CA ILE A 55 -11.28 11.35 -7.95
C ILE A 55 -12.58 12.12 -8.18
N TYR A 56 -13.23 12.56 -7.10
CA TYR A 56 -14.51 13.26 -7.19
C TYR A 56 -14.23 14.72 -7.53
N HIS A 57 -14.05 14.97 -8.83
CA HIS A 57 -13.78 16.32 -9.29
C HIS A 57 -14.97 17.24 -9.03
N VAL A 58 -14.68 18.48 -8.65
CA VAL A 58 -15.72 19.46 -8.38
C VAL A 58 -15.39 20.75 -9.11
N THR A 181 5.74 28.00 2.14
CA THR A 181 5.15 29.13 1.43
C THR A 181 3.82 28.74 0.78
N SER A 182 3.70 27.45 0.45
CA SER A 182 2.47 26.99 -0.19
C SER A 182 1.27 27.16 0.73
N GLY A 183 1.43 26.88 2.02
CA GLY A 183 0.36 27.07 2.97
C GLY A 183 -0.63 25.92 2.98
N ILE A 184 -1.85 26.23 3.40
CA ILE A 184 -2.88 25.21 3.52
C ILE A 184 -3.45 24.88 2.14
N PHE A 185 -3.90 23.65 1.98
CA PHE A 185 -4.50 23.17 0.75
C PHE A 185 -5.93 22.70 1.01
N GLU A 186 -6.81 22.92 0.04
CA GLU A 186 -8.20 22.52 0.13
C GLU A 186 -8.55 21.60 -1.02
N THR A 187 -9.29 20.52 -0.73
CA THR A 187 -9.78 19.59 -1.73
C THR A 187 -11.29 19.51 -1.61
N LYS A 188 -11.99 19.64 -2.74
CA LYS A 188 -13.44 19.62 -2.78
C LYS A 188 -13.90 18.33 -3.45
N PHE A 189 -14.73 17.56 -2.73
CA PHE A 189 -15.31 16.34 -3.26
C PHE A 189 -16.78 16.28 -2.87
N GLN A 190 -17.61 15.84 -3.82
CA GLN A 190 -19.05 15.79 -3.64
C GLN A 190 -19.51 14.34 -3.64
N VAL A 191 -20.28 13.96 -2.62
CA VAL A 191 -20.86 12.62 -2.51
C VAL A 191 -22.33 12.78 -2.18
N ASP A 192 -23.18 12.11 -2.96
CA ASP A 192 -24.63 12.18 -2.77
C ASP A 192 -25.13 13.62 -2.75
N LYS A 193 -24.60 14.43 -3.67
CA LYS A 193 -24.97 15.84 -3.80
C LYS A 193 -24.65 16.62 -2.53
N VAL A 194 -23.66 16.17 -1.77
CA VAL A 194 -23.20 16.85 -0.56
C VAL A 194 -21.75 17.23 -0.76
N ASN A 195 -21.45 18.53 -0.60
CA ASN A 195 -20.12 19.06 -0.84
C ASN A 195 -19.30 19.05 0.44
N PHE A 196 -18.08 18.55 0.37
CA PHE A 196 -17.16 18.51 1.50
C PHE A 196 -15.88 19.21 1.13
N HIS A 197 -15.42 20.11 2.00
CA HIS A 197 -14.16 20.83 1.82
C HIS A 197 -13.15 20.29 2.83
N MET A 198 -12.12 19.62 2.31
CA MET A 198 -11.07 19.02 3.14
C MET A 198 -9.87 19.96 3.16
N PHE A 199 -9.40 20.29 4.36
CA PHE A 199 -8.26 21.19 4.54
C PHE A 199 -7.09 20.41 5.14
N ASP A 200 -5.92 20.58 4.56
CA ASP A 200 -4.69 19.95 5.03
C ASP A 200 -3.59 21.00 5.13
N VAL A 201 -2.73 20.86 6.14
CA VAL A 201 -1.65 21.80 6.39
C VAL A 201 -0.35 21.11 6.05
N GLY A 202 0.23 21.45 4.91
CA GLY A 202 1.49 20.86 4.48
C GLY A 202 2.70 21.67 4.89
N ALA A 203 2.70 22.95 4.54
CA ALA A 203 3.83 23.85 4.83
C ALA A 203 3.45 24.69 6.06
N GLN A 204 3.66 24.12 7.24
CA GLN A 204 3.35 24.81 8.48
C GLN A 204 4.38 24.41 9.53
N ARG A 205 4.54 25.28 10.53
CA ARG A 205 5.49 25.02 11.60
C ARG A 205 5.02 23.85 12.47
N ASP A 206 5.99 23.24 13.16
CA ASP A 206 5.66 22.12 14.03
C ASP A 206 4.70 22.54 15.14
N GLU A 207 4.92 23.70 15.73
CA GLU A 207 4.03 24.19 16.77
C GLU A 207 2.62 24.37 16.22
N ARG A 208 1.63 23.85 16.95
CA ARG A 208 0.25 23.86 16.50
C ARG A 208 -0.75 24.27 17.57
N ARG A 209 -0.30 24.78 18.71
CA ARG A 209 -1.22 25.18 19.76
C ARG A 209 -1.97 26.46 19.42
N LYS A 210 -1.59 27.16 18.37
CA LYS A 210 -2.17 28.46 18.02
C LYS A 210 -3.07 28.41 16.80
N TRP A 211 -2.60 27.82 15.69
CA TRP A 211 -3.40 27.79 14.47
C TRP A 211 -4.41 26.65 14.46
N ILE A 212 -4.47 25.83 15.51
CA ILE A 212 -5.51 24.81 15.61
C ILE A 212 -6.79 25.35 16.20
N GLN A 213 -6.78 26.58 16.74
CA GLN A 213 -7.97 27.14 17.35
C GLN A 213 -8.99 27.59 16.32
N CYS A 214 -8.54 28.05 15.15
CA CYS A 214 -9.48 28.51 14.12
C CYS A 214 -10.27 27.37 13.48
N PHE A 215 -9.91 26.11 13.75
CA PHE A 215 -10.61 24.97 13.21
C PHE A 215 -11.66 24.43 14.18
N ASN A 216 -12.25 25.29 15.00
CA ASN A 216 -13.27 24.89 15.96
C ASN A 216 -14.67 24.88 15.37
N ASP A 217 -14.84 25.35 14.13
CA ASP A 217 -16.14 25.36 13.47
C ASP A 217 -16.25 24.30 12.38
N VAL A 218 -15.24 23.47 12.19
CA VAL A 218 -15.28 22.44 11.16
C VAL A 218 -16.21 21.32 11.60
N THR A 219 -16.81 20.65 10.61
CA THR A 219 -17.76 19.58 10.92
C THR A 219 -17.09 18.44 11.69
N ALA A 220 -15.90 18.04 11.26
CA ALA A 220 -15.19 16.95 11.92
C ALA A 220 -13.72 17.06 11.60
N ILE A 221 -12.91 16.36 12.40
CA ILE A 221 -11.47 16.27 12.22
C ILE A 221 -11.15 14.82 11.90
N ILE A 222 -10.51 14.59 10.75
CA ILE A 222 -10.17 13.25 10.30
C ILE A 222 -8.73 12.99 10.69
N PHE A 223 -8.53 12.06 11.64
CA PHE A 223 -7.22 11.78 12.20
C PHE A 223 -6.71 10.46 11.63
N VAL A 224 -5.60 10.51 10.91
CA VAL A 224 -5.02 9.34 10.26
C VAL A 224 -3.85 8.84 11.08
N VAL A 225 -3.82 7.53 11.33
CA VAL A 225 -2.79 6.90 12.15
C VAL A 225 -2.22 5.72 11.39
N ASP A 226 -0.89 5.61 11.39
CA ASP A 226 -0.20 4.46 10.81
C ASP A 226 -0.11 3.38 11.88
N SER A 227 -1.00 2.39 11.81
CA SER A 227 -1.09 1.39 12.85
C SER A 227 0.07 0.39 12.81
N SER A 228 0.87 0.40 11.74
CA SER A 228 1.92 -0.60 11.58
C SER A 228 3.27 -0.14 12.10
N ASP A 229 3.37 1.06 12.67
CA ASP A 229 4.68 1.58 13.09
C ASP A 229 5.03 1.18 14.52
N TYR A 230 4.03 1.00 15.38
CA TYR A 230 4.26 0.62 16.77
C TYR A 230 5.07 1.69 17.52
N ASN A 231 6.32 1.89 17.12
CA ASN A 231 7.21 2.77 17.88
C ASN A 231 6.65 4.19 17.96
N ARG A 232 6.14 4.71 16.85
CA ARG A 232 5.55 6.05 16.83
C ARG A 232 4.07 6.04 17.17
N LEU A 233 3.50 4.87 17.49
CA LEU A 233 2.07 4.80 17.82
C LEU A 233 1.77 5.62 19.07
N GLN A 234 2.69 5.63 20.05
CA GLN A 234 2.47 6.42 21.25
C GLN A 234 2.41 7.91 20.92
N GLU A 235 3.21 8.37 19.95
CA GLU A 235 3.13 9.76 19.53
C GLU A 235 1.75 10.08 18.95
N ALA A 236 1.21 9.18 18.14
CA ALA A 236 -0.13 9.37 17.61
C ALA A 236 -1.17 9.39 18.73
N LEU A 237 -1.00 8.51 19.73
CA LEU A 237 -1.91 8.50 20.87
C LEU A 237 -1.87 9.83 21.61
N ASN A 238 -0.66 10.36 21.82
CA ASN A 238 -0.52 11.64 22.50
C ASN A 238 -1.15 12.77 21.70
N ASP A 239 -0.94 12.77 20.38
CA ASP A 239 -1.55 13.79 19.53
C ASP A 239 -3.08 13.71 19.58
N PHE A 240 -3.61 12.50 19.54
CA PHE A 240 -5.06 12.32 19.63
C PHE A 240 -5.58 12.80 20.98
N LYS A 241 -4.84 12.52 22.05
CA LYS A 241 -5.22 12.99 23.38
C LYS A 241 -5.24 14.51 23.42
N SER A 242 -4.22 15.15 22.85
CA SER A 242 -4.16 16.61 22.85
C SER A 242 -5.33 17.20 22.06
N ILE A 243 -5.62 16.64 20.89
CA ILE A 243 -6.72 17.14 20.07
C ILE A 243 -8.04 16.95 20.81
N TRP A 244 -8.24 15.77 21.40
CA TRP A 244 -9.51 15.45 22.03
C TRP A 244 -9.79 16.36 23.22
N ASN A 245 -8.77 16.62 24.04
CA ASN A 245 -8.94 17.33 25.30
C ASN A 245 -8.77 18.84 25.16
N ASN A 246 -8.56 19.36 23.96
CA ASN A 246 -8.40 20.80 23.79
C ASN A 246 -9.66 21.53 24.25
N ARG A 247 -9.45 22.67 24.90
CA ARG A 247 -10.58 23.42 25.45
C ARG A 247 -11.51 23.96 24.37
N TRP A 248 -10.99 24.21 23.16
CA TRP A 248 -11.79 24.76 22.08
C TRP A 248 -12.33 23.70 21.13
N LEU A 249 -11.65 22.57 20.99
CA LEU A 249 -12.16 21.45 20.20
C LEU A 249 -12.97 20.48 21.06
N ARG A 250 -13.93 21.02 21.80
CA ARG A 250 -14.76 20.23 22.69
C ARG A 250 -16.03 19.71 22.03
N THR A 251 -16.36 20.21 20.84
CA THR A 251 -17.57 19.80 20.13
C THR A 251 -17.28 19.21 18.76
N ILE A 252 -16.02 19.21 18.32
CA ILE A 252 -15.65 18.70 17.01
C ILE A 252 -15.40 17.20 17.14
N SER A 253 -16.18 16.40 16.42
CA SER A 253 -15.99 14.96 16.40
C SER A 253 -14.72 14.61 15.63
N VAL A 254 -14.12 13.48 15.99
CA VAL A 254 -12.89 13.01 15.37
C VAL A 254 -13.18 11.70 14.67
N ILE A 255 -12.89 11.65 13.38
CA ILE A 255 -13.01 10.43 12.58
C ILE A 255 -11.63 9.80 12.53
N LEU A 256 -11.46 8.66 13.21
CA LEU A 256 -10.17 8.01 13.36
C LEU A 256 -10.01 6.98 12.24
N PHE A 257 -9.01 7.19 11.39
CA PHE A 257 -8.69 6.28 10.29
C PHE A 257 -7.37 5.59 10.61
N LEU A 258 -7.43 4.29 10.90
CA LEU A 258 -6.23 3.48 11.09
C LEU A 258 -5.78 3.01 9.72
N ASN A 259 -4.91 3.80 9.10
CA ASN A 259 -4.57 3.60 7.70
C ASN A 259 -3.72 2.35 7.49
N LYS A 260 -3.66 1.91 6.24
CA LYS A 260 -2.78 0.84 5.78
C LYS A 260 -2.71 -0.32 6.78
N GLN A 261 -3.88 -0.94 6.99
CA GLN A 261 -3.94 -2.12 7.84
C GLN A 261 -3.23 -3.32 7.23
N ASP A 262 -3.02 -3.33 5.90
CA ASP A 262 -2.34 -4.45 5.27
C ASP A 262 -0.91 -4.58 5.78
N LEU A 263 -0.22 -3.45 5.94
CA LEU A 263 1.14 -3.48 6.48
C LEU A 263 1.14 -4.03 7.91
N LEU A 264 0.17 -3.63 8.72
CA LEU A 264 0.06 -4.15 10.07
C LEU A 264 -0.15 -5.67 10.06
N ALA A 265 -1.03 -6.14 9.17
CA ALA A 265 -1.28 -7.57 9.08
C ALA A 265 -0.03 -8.33 8.67
N GLU A 266 0.69 -7.80 7.68
CA GLU A 266 1.94 -8.45 7.25
C GLU A 266 2.96 -8.47 8.37
N LYS A 267 3.09 -7.37 9.10
CA LYS A 267 4.06 -7.32 10.21
C LYS A 267 3.68 -8.32 11.29
N VAL A 268 2.39 -8.43 11.60
CA VAL A 268 1.95 -9.38 12.62
C VAL A 268 2.24 -10.80 12.16
N LEU A 269 1.94 -11.11 10.90
CA LEU A 269 2.18 -12.46 10.38
C LEU A 269 3.67 -12.80 10.39
N ALA A 270 4.53 -11.84 10.02
CA ALA A 270 5.96 -12.12 9.96
C ALA A 270 6.51 -12.46 11.33
N GLY A 271 6.16 -11.68 12.36
CA GLY A 271 6.52 -11.98 13.72
C GLY A 271 7.88 -11.50 14.17
N LYS A 272 8.65 -10.83 13.31
CA LYS A 272 9.94 -10.31 13.75
C LYS A 272 9.78 -9.27 14.83
N SER A 273 8.80 -8.37 14.69
CA SER A 273 8.52 -7.32 15.66
C SER A 273 7.29 -7.72 16.46
N LYS A 274 7.44 -7.78 17.78
CA LYS A 274 6.37 -8.16 18.69
C LYS A 274 5.82 -6.91 19.35
N ILE A 275 4.51 -6.70 19.24
CA ILE A 275 3.88 -5.50 19.81
C ILE A 275 3.94 -5.51 21.33
N GLU A 276 4.13 -6.68 21.95
CA GLU A 276 4.11 -6.75 23.40
C GLU A 276 5.20 -5.91 24.02
N ASP A 277 6.36 -5.79 23.36
CA ASP A 277 7.45 -5.01 23.93
C ASP A 277 7.07 -3.54 24.09
N TYR A 278 6.43 -2.96 23.07
CA TYR A 278 6.06 -1.55 23.15
C TYR A 278 4.87 -1.33 24.07
N PHE A 279 3.88 -2.22 24.05
CA PHE A 279 2.69 -2.11 24.89
C PHE A 279 2.59 -3.36 25.75
N PRO A 280 3.13 -3.33 26.97
CA PRO A 280 3.12 -4.55 27.80
C PRO A 280 1.73 -5.08 28.10
N GLU A 281 0.72 -4.22 28.13
CA GLU A 281 -0.65 -4.66 28.42
C GLU A 281 -1.26 -5.49 27.29
N PHE A 282 -0.60 -5.56 26.12
CA PHE A 282 -1.13 -6.36 25.03
C PHE A 282 -1.19 -7.84 25.40
N ALA A 283 -0.30 -8.29 26.30
CA ALA A 283 -0.29 -9.69 26.69
C ALA A 283 -1.60 -10.08 27.37
N ARG A 284 -2.13 -9.21 28.23
CA ARG A 284 -3.37 -9.46 28.94
C ARG A 284 -4.60 -8.94 28.19
N TYR A 285 -4.52 -8.84 26.87
CA TYR A 285 -5.59 -8.34 26.04
C TYR A 285 -6.33 -9.49 25.37
N THR A 286 -7.66 -9.39 25.32
CA THR A 286 -8.52 -10.38 24.69
C THR A 286 -9.35 -9.72 23.61
N THR A 287 -9.51 -10.40 22.49
CA THR A 287 -10.26 -9.85 21.38
C THR A 287 -11.70 -9.57 21.82
N PRO A 288 -12.24 -8.37 21.56
CA PRO A 288 -13.61 -8.08 22.01
C PRO A 288 -14.61 -9.06 21.40
N GLU A 289 -15.61 -9.43 22.20
CA GLU A 289 -16.66 -10.32 21.71
C GLU A 289 -17.44 -9.67 20.58
N ASP A 290 -17.74 -8.37 20.70
CA ASP A 290 -18.51 -7.68 19.67
C ASP A 290 -17.72 -7.46 18.39
N ALA A 291 -16.42 -7.73 18.39
CA ALA A 291 -15.62 -7.56 17.19
C ALA A 291 -16.09 -8.53 16.11
N THR A 292 -15.97 -8.10 14.85
CA THR A 292 -16.42 -8.88 13.69
C THR A 292 -15.26 -9.01 12.71
N PRO A 293 -14.32 -9.91 12.97
CA PRO A 293 -13.21 -10.10 12.03
C PRO A 293 -13.65 -10.85 10.77
N GLU A 294 -12.89 -10.62 9.70
CA GLU A 294 -13.15 -11.33 8.46
C GLU A 294 -12.86 -12.82 8.65
N PRO A 295 -13.68 -13.71 8.10
CA PRO A 295 -13.42 -15.15 8.27
C PRO A 295 -12.05 -15.58 7.75
N GLY A 296 -11.59 -15.00 6.65
CA GLY A 296 -10.34 -15.38 6.05
C GLY A 296 -9.12 -14.64 6.57
N GLU A 297 -9.24 -13.96 7.70
CA GLU A 297 -8.15 -13.16 8.26
C GLU A 297 -7.67 -13.78 9.57
N ASP A 298 -6.36 -13.70 9.81
CA ASP A 298 -5.77 -14.34 10.97
C ASP A 298 -6.34 -13.74 12.26
N PRO A 299 -6.65 -14.54 13.27
CA PRO A 299 -7.09 -13.96 14.55
C PRO A 299 -6.07 -13.01 15.15
N ARG A 300 -4.78 -13.21 14.90
CA ARG A 300 -3.76 -12.32 15.46
C ARG A 300 -3.92 -10.91 14.93
N VAL A 301 -4.21 -10.78 13.63
CA VAL A 301 -4.34 -9.45 13.02
C VAL A 301 -5.51 -8.70 13.64
N THR A 302 -6.66 -9.35 13.77
CA THR A 302 -7.80 -8.70 14.40
C THR A 302 -7.51 -8.37 15.84
N ARG A 303 -6.84 -9.27 16.57
CA ARG A 303 -6.50 -8.99 17.96
C ARG A 303 -5.66 -7.70 18.05
N ALA A 304 -4.65 -7.59 17.21
CA ALA A 304 -3.76 -6.42 17.27
C ALA A 304 -4.50 -5.14 16.89
N LYS A 305 -5.23 -5.17 15.76
CA LYS A 305 -5.89 -3.96 15.31
C LYS A 305 -6.96 -3.52 16.30
N TYR A 306 -7.70 -4.47 16.88
CA TYR A 306 -8.69 -4.11 17.89
C TYR A 306 -8.05 -3.66 19.19
N PHE A 307 -6.85 -4.14 19.52
CA PHE A 307 -6.14 -3.59 20.66
C PHE A 307 -5.80 -2.12 20.43
N ILE A 308 -5.33 -1.79 19.23
CA ILE A 308 -5.03 -0.40 18.91
C ILE A 308 -6.31 0.44 18.97
N ARG A 309 -7.40 -0.09 18.40
CA ARG A 309 -8.67 0.62 18.43
C ARG A 309 -9.14 0.83 19.87
N ASP A 310 -8.97 -0.17 20.73
CA ASP A 310 -9.37 -0.04 22.12
C ASP A 310 -8.52 0.98 22.87
N GLU A 311 -7.23 1.06 22.56
CA GLU A 311 -6.40 2.11 23.14
C GLU A 311 -6.93 3.50 22.76
N PHE A 312 -7.18 3.69 21.46
CA PHE A 312 -7.69 4.97 21.00
C PHE A 312 -9.05 5.28 21.63
N LEU A 313 -9.91 4.26 21.75
CA LEU A 313 -11.24 4.49 22.32
C LEU A 313 -11.16 4.73 23.82
N ARG A 314 -10.19 4.14 24.51
CA ARG A 314 -9.98 4.47 25.91
C ARG A 314 -9.60 5.94 26.05
N ILE A 315 -8.69 6.41 25.19
CA ILE A 315 -8.36 7.84 25.21
C ILE A 315 -9.60 8.67 24.94
N SER A 316 -10.42 8.25 23.98
CA SER A 316 -11.62 9.00 23.61
C SER A 316 -12.60 9.08 24.77
N THR A 317 -12.83 7.96 25.46
CA THR A 317 -13.86 7.87 26.49
C THR A 317 -13.36 8.28 27.87
N ALA A 318 -12.07 8.53 28.04
CA ALA A 318 -11.57 8.99 29.33
C ALA A 318 -12.26 10.29 29.75
N SER A 319 -12.43 11.23 28.81
CA SER A 319 -13.05 12.52 29.10
C SER A 319 -14.34 12.73 28.33
N GLY A 320 -14.32 12.56 27.01
CA GLY A 320 -15.49 12.82 26.20
C GLY A 320 -16.60 11.83 26.51
N ASP A 321 -17.78 12.34 26.87
CA ASP A 321 -18.92 11.48 27.18
C ASP A 321 -20.07 11.70 26.20
N GLY A 322 -20.59 12.91 26.06
CA GLY A 322 -21.71 13.17 25.19
C GLY A 322 -21.58 14.41 24.33
N ARG A 323 -20.59 15.25 24.62
CA ARG A 323 -20.44 16.48 23.85
C ARG A 323 -19.95 16.20 22.43
N HIS A 324 -19.00 15.29 22.28
CA HIS A 324 -18.51 14.90 20.97
C HIS A 324 -18.04 13.46 21.02
N TYR A 325 -17.99 12.84 19.84
CA TYR A 325 -17.82 11.40 19.71
C TYR A 325 -16.70 11.10 18.72
N CYS A 326 -16.12 9.92 18.88
CA CYS A 326 -15.06 9.42 18.01
C CYS A 326 -15.56 8.19 17.27
N TYR A 327 -15.31 8.15 15.96
CA TYR A 327 -15.74 7.05 15.11
C TYR A 327 -14.52 6.31 14.59
N PRO A 328 -14.13 5.17 15.19
CA PRO A 328 -12.98 4.43 14.67
C PRO A 328 -13.31 3.76 13.35
N HIS A 329 -12.28 3.61 12.51
CA HIS A 329 -12.44 2.96 11.22
C HIS A 329 -11.11 2.33 10.82
N PHE A 330 -11.20 1.24 10.07
CA PHE A 330 -10.03 0.57 9.51
C PHE A 330 -9.95 0.94 8.04
N THR A 331 -8.88 1.64 7.67
CA THR A 331 -8.74 2.22 6.33
C THR A 331 -7.47 1.71 5.68
N CYS A 332 -7.55 1.45 4.38
CA CYS A 332 -6.39 1.13 3.55
C CYS A 332 -6.18 2.26 2.54
N SER A 333 -4.92 2.46 2.17
CA SER A 333 -4.59 3.58 1.29
C SER A 333 -5.31 3.48 -0.04
N VAL A 334 -5.40 2.26 -0.60
CA VAL A 334 -6.01 2.08 -1.91
C VAL A 334 -7.53 1.97 -1.84
N ASP A 335 -8.10 1.81 -0.65
CA ASP A 335 -9.55 1.69 -0.54
C ASP A 335 -10.23 2.97 -1.02
N THR A 336 -11.29 2.81 -1.79
CA THR A 336 -12.08 3.92 -2.31
C THR A 336 -13.35 4.17 -1.50
N GLU A 337 -13.52 3.48 -0.38
CA GLU A 337 -14.70 3.62 0.46
C GLU A 337 -14.56 4.74 1.49
N ASN A 338 -13.41 5.41 1.54
CA ASN A 338 -13.20 6.44 2.57
C ASN A 338 -14.23 7.56 2.45
N ALA A 339 -14.57 7.95 1.21
CA ALA A 339 -15.54 9.02 1.03
C ALA A 339 -16.89 8.63 1.61
N ARG A 340 -17.33 7.39 1.38
CA ARG A 340 -18.61 6.95 1.92
C ARG A 340 -18.59 6.93 3.44
N ARG A 341 -17.50 6.46 4.04
CA ARG A 341 -17.38 6.47 5.49
C ARG A 341 -17.45 7.89 6.04
N ILE A 342 -16.75 8.82 5.38
CA ILE A 342 -16.76 10.21 5.83
C ILE A 342 -18.16 10.79 5.72
N PHE A 343 -18.86 10.50 4.63
CA PHE A 343 -20.22 11.00 4.45
C PHE A 343 -21.14 10.45 5.54
N ASN A 344 -21.02 9.15 5.84
CA ASN A 344 -21.85 8.58 6.90
C ASN A 344 -21.54 9.19 8.25
N ASP A 345 -20.25 9.40 8.55
CA ASP A 345 -19.87 10.00 9.82
C ASP A 345 -20.41 11.43 9.93
N CYS A 346 -20.32 12.20 8.86
CA CYS A 346 -20.85 13.56 8.89
C CYS A 346 -22.36 13.56 9.07
N ARG A 347 -23.06 12.64 8.39
CA ARG A 347 -24.50 12.55 8.57
C ARG A 347 -24.85 12.21 10.02
N ASP A 348 -24.12 11.27 10.62
CA ASP A 348 -24.36 10.92 12.01
C ASP A 348 -24.10 12.10 12.94
N ILE A 349 -23.02 12.84 12.68
CA ILE A 349 -22.69 13.99 13.51
C ILE A 349 -23.78 15.04 13.43
N ILE A 350 -24.26 15.33 12.21
CA ILE A 350 -25.31 16.32 12.04
C ILE A 350 -26.59 15.87 12.74
N GLN A 351 -26.95 14.60 12.59
CA GLN A 351 -28.15 14.10 13.24
C GLN A 351 -28.04 14.20 14.75
N ARG A 352 -26.88 13.83 15.31
CA ARG A 352 -26.70 13.91 16.75
C ARG A 352 -26.74 15.35 17.24
N MET A 353 -26.16 16.28 16.48
CA MET A 353 -26.25 17.68 16.84
C MET A 353 -27.71 18.15 16.85
N HIS A 354 -28.47 17.77 15.82
CA HIS A 354 -29.87 18.16 15.76
C HIS A 354 -30.65 17.59 16.94
N LEU A 355 -30.38 16.33 17.29
CA LEU A 355 -31.04 15.73 18.44
C LEU A 355 -30.66 16.45 19.73
N ARG A 356 -29.39 16.85 19.86
CA ARG A 356 -28.96 17.60 21.03
C ARG A 356 -29.69 18.93 21.12
N GLN A 357 -29.93 19.58 19.97
CA GLN A 357 -30.68 20.83 19.97
C GLN A 357 -32.06 20.64 20.57
N TYR A 358 -32.64 19.45 20.46
CA TYR A 358 -33.93 19.13 21.05
C TYR A 358 -33.81 18.54 22.44
N GLU A 359 -32.59 18.42 22.98
CA GLU A 359 -32.37 17.81 24.29
C GLU A 359 -32.92 16.39 24.33
N LEU A 360 -32.78 15.67 23.22
CA LEU A 360 -33.22 14.28 23.13
C LEU A 360 -32.08 13.29 23.31
N LEU A 361 -30.83 13.71 23.09
CA LEU A 361 -29.68 12.83 23.24
C LEU A 361 -28.56 13.55 23.98
N GLU B 37 33.31 24.83 23.84
CA GLU B 37 32.85 25.94 22.96
C GLU B 37 31.46 26.40 23.36
N LEU B 38 30.54 25.45 23.51
CA LEU B 38 29.18 25.78 23.89
C LEU B 38 29.11 26.25 25.34
N ASP B 39 29.87 25.62 26.22
CA ASP B 39 29.83 25.98 27.64
C ASP B 39 30.34 27.40 27.87
N GLN B 40 31.45 27.77 27.22
CA GLN B 40 32.01 29.09 27.43
C GLN B 40 31.09 30.19 26.92
N LEU B 41 30.31 29.93 25.87
CA LEU B 41 29.34 30.89 25.38
C LEU B 41 28.09 30.95 26.24
N ARG B 42 27.59 29.79 26.70
CA ARG B 42 26.41 29.79 27.55
C ARG B 42 26.69 30.46 28.89
N GLN B 43 27.86 30.22 29.47
CA GLN B 43 28.20 30.89 30.73
C GLN B 43 28.29 32.39 30.54
N GLU B 44 28.89 32.84 29.44
CA GLU B 44 28.96 34.28 29.17
C GLU B 44 27.57 34.87 28.99
N ALA B 45 26.69 34.16 28.29
CA ALA B 45 25.32 34.64 28.12
C ALA B 45 24.62 34.74 29.46
N GLU B 46 24.78 33.74 30.32
CA GLU B 46 24.17 33.77 31.64
C GLU B 46 24.70 34.94 32.46
N GLN B 47 26.01 35.20 32.38
CA GLN B 47 26.58 36.35 33.06
C GLN B 47 25.96 37.64 32.54
N LEU B 48 25.73 37.72 31.22
CA LEU B 48 25.09 38.91 30.67
C LEU B 48 23.67 39.08 31.18
N LYS B 49 22.90 37.99 31.28
CA LYS B 49 21.56 38.10 31.83
C LYS B 49 21.60 38.55 33.29
N ASN B 50 22.56 38.01 34.06
CA ASN B 50 22.69 38.44 35.45
C ASN B 50 23.03 39.92 35.55
N GLN B 51 23.93 40.40 34.68
CA GLN B 51 24.28 41.81 34.68
C GLN B 51 23.07 42.67 34.32
N ILE B 52 22.28 42.24 33.34
CA ILE B 52 21.09 43.00 32.96
C ILE B 52 20.08 43.03 34.10
N ARG B 53 19.91 41.90 34.80
CA ARG B 53 19.00 41.85 35.93
C ARG B 53 19.48 42.79 37.05
N ASP B 54 20.79 42.80 37.31
CA ASP B 54 21.32 43.72 38.31
C ASP B 54 21.10 45.17 37.92
N ALA B 55 21.29 45.49 36.64
CA ALA B 55 21.05 46.84 36.17
C ALA B 55 19.58 47.22 36.34
N ARG B 56 18.67 46.31 36.01
CA ARG B 56 17.24 46.57 36.19
C ARG B 56 16.92 46.81 37.67
N LYS B 57 17.47 45.99 38.56
CA LYS B 57 17.22 46.16 39.98
C LYS B 57 17.78 47.47 40.50
N ALA B 58 18.95 47.89 40.02
CA ALA B 58 19.57 49.11 40.53
C ALA B 58 18.70 50.33 40.25
N CYS B 59 18.10 50.40 39.06
CA CYS B 59 17.31 51.55 38.66
C CYS B 59 15.88 51.51 39.20
N ALA B 60 15.50 50.45 39.91
CA ALA B 60 14.16 50.34 40.48
C ALA B 60 14.08 51.25 41.70
N ASP B 61 13.92 52.56 41.44
CA ASP B 61 13.86 53.52 42.53
C ASP B 61 12.66 53.27 43.42
N ALA B 62 11.50 52.99 42.84
CA ALA B 62 10.27 52.78 43.60
C ALA B 62 9.32 51.96 42.74
N THR B 63 8.07 51.87 43.18
CA THR B 63 7.03 51.12 42.49
C THR B 63 5.96 52.09 42.01
N LEU B 64 5.41 51.81 40.82
CA LEU B 64 4.39 52.69 40.25
C LEU B 64 3.17 52.78 41.16
N SER B 65 2.74 51.65 41.72
CA SER B 65 1.60 51.67 42.63
C SER B 65 1.87 52.55 43.85
N GLN B 66 3.11 52.53 44.36
CA GLN B 66 3.43 53.31 45.54
C GLN B 66 3.24 54.80 45.31
N ILE B 67 3.67 55.30 44.14
CA ILE B 67 3.59 56.73 43.87
C ILE B 67 2.22 57.16 43.38
N THR B 68 1.33 56.22 43.08
CA THR B 68 -0.01 56.53 42.61
C THR B 68 -1.05 56.44 43.73
N ASN B 69 -0.61 56.28 44.98
CA ASN B 69 -1.55 56.20 46.08
C ASN B 69 -2.36 57.49 46.23
N ASN B 70 -1.69 58.63 46.07
CA ASN B 70 -2.36 59.93 46.17
C ASN B 70 -2.97 60.36 44.83
N ILE B 71 -3.78 59.47 44.26
CA ILE B 71 -4.47 59.73 43.00
C ILE B 71 -5.93 59.35 43.19
N ASP B 72 -6.83 60.22 42.76
CA ASP B 72 -8.25 59.95 42.88
C ASP B 72 -8.61 58.73 42.04
N PRO B 73 -9.34 57.75 42.59
CA PRO B 73 -9.68 56.57 41.79
C PRO B 73 -10.57 56.91 40.62
N VAL B 74 -10.41 56.14 39.54
CA VAL B 74 -11.24 56.34 38.35
C VAL B 74 -12.70 56.09 38.67
N GLY B 75 -12.99 55.03 39.42
CA GLY B 75 -14.35 54.70 39.78
C GLY B 75 -15.02 53.81 38.76
N ARG B 76 -16.27 53.46 39.08
CA ARG B 76 -17.05 52.58 38.21
C ARG B 76 -17.31 53.26 36.87
N ILE B 77 -17.16 52.50 35.80
CA ILE B 77 -17.44 52.97 34.44
C ILE B 77 -18.51 52.07 33.84
N GLN B 78 -19.58 52.68 33.33
CA GLN B 78 -20.67 51.97 32.67
C GLN B 78 -20.66 52.32 31.19
N MET B 79 -20.56 51.30 30.34
CA MET B 79 -20.56 51.46 28.91
C MET B 79 -21.71 50.65 28.32
N ARG B 80 -22.48 51.27 27.43
CA ARG B 80 -23.65 50.66 26.83
C ARG B 80 -23.41 50.43 25.34
N THR B 81 -23.82 49.25 24.86
CA THR B 81 -23.67 48.92 23.45
C THR B 81 -24.53 49.86 22.61
N ARG B 82 -23.88 50.71 21.82
CA ARG B 82 -24.59 51.68 21.01
C ARG B 82 -24.94 51.12 19.63
N ARG B 83 -24.01 50.40 19.00
CA ARG B 83 -24.22 49.83 17.68
C ARG B 83 -23.87 48.35 17.71
N THR B 84 -24.70 47.54 17.05
CA THR B 84 -24.46 46.11 16.90
C THR B 84 -24.39 45.80 15.41
N LEU B 85 -23.26 45.23 14.98
CA LEU B 85 -23.03 44.89 13.58
C LEU B 85 -23.13 43.38 13.41
N ARG B 86 -24.00 42.95 12.50
CA ARG B 86 -24.21 41.54 12.22
C ARG B 86 -24.22 41.33 10.72
N GLY B 87 -23.86 40.11 10.29
CA GLY B 87 -23.80 39.78 8.88
C GLY B 87 -22.67 38.83 8.56
N HIS B 88 -21.67 38.75 9.43
CA HIS B 88 -20.61 37.77 9.26
C HIS B 88 -21.14 36.38 9.53
N LEU B 89 -20.70 35.42 8.72
CA LEU B 89 -21.15 34.04 8.84
C LEU B 89 -20.36 33.28 9.91
N ALA B 90 -19.04 33.36 9.86
CA ALA B 90 -18.18 32.66 10.79
C ALA B 90 -17.68 33.62 11.87
N LYS B 91 -16.79 33.12 12.73
CA LYS B 91 -16.30 33.91 13.85
C LYS B 91 -15.40 35.05 13.36
N ILE B 92 -15.54 36.21 14.00
CA ILE B 92 -14.69 37.35 13.71
C ILE B 92 -13.36 37.16 14.44
N TYR B 93 -12.25 37.28 13.70
CA TYR B 93 -10.93 37.07 14.26
C TYR B 93 -10.18 38.36 14.54
N ALA B 94 -10.32 39.38 13.70
CA ALA B 94 -9.61 40.62 13.90
C ALA B 94 -10.39 41.77 13.26
N MET B 95 -10.09 42.98 13.72
CA MET B 95 -10.67 44.19 13.16
C MET B 95 -9.72 45.34 13.41
N HIS B 96 -9.90 46.41 12.62
CA HIS B 96 -9.07 47.60 12.74
C HIS B 96 -9.93 48.84 12.50
N TRP B 97 -9.64 49.89 13.27
CA TRP B 97 -10.37 51.14 13.14
C TRP B 97 -9.75 52.01 12.06
N GLY B 98 -10.52 53.01 11.61
CA GLY B 98 -10.06 53.93 10.60
C GLY B 98 -9.45 55.19 11.21
N THR B 99 -8.73 55.93 10.37
CA THR B 99 -8.12 57.18 10.82
C THR B 99 -9.18 58.19 11.24
N ASP B 100 -10.28 58.28 10.50
CA ASP B 100 -11.35 59.22 10.79
C ASP B 100 -12.32 58.71 11.85
N SER B 101 -12.12 57.48 12.35
CA SER B 101 -13.01 56.90 13.35
C SER B 101 -14.44 56.76 12.81
N ARG B 102 -14.57 56.56 11.51
CA ARG B 102 -15.86 56.40 10.86
C ARG B 102 -16.04 55.02 10.24
N LEU B 103 -15.04 54.54 9.50
CA LEU B 103 -15.08 53.24 8.86
C LEU B 103 -14.14 52.28 9.57
N LEU B 104 -14.61 51.06 9.79
CA LEU B 104 -13.81 50.00 10.40
C LEU B 104 -13.84 48.78 9.49
N VAL B 105 -12.78 47.97 9.60
CA VAL B 105 -12.61 46.78 8.78
C VAL B 105 -12.65 45.56 9.68
N SER B 106 -13.41 44.55 9.29
CA SER B 106 -13.54 43.31 10.05
C SER B 106 -13.29 42.12 9.13
N ALA B 107 -12.66 41.09 9.68
CA ALA B 107 -12.35 39.87 8.95
C ALA B 107 -12.95 38.69 9.70
N SER B 108 -13.56 37.77 8.96
CA SER B 108 -14.19 36.59 9.53
C SER B 108 -13.68 35.34 8.81
N GLN B 109 -13.74 34.21 9.51
CA GLN B 109 -13.18 32.97 8.98
C GLN B 109 -13.95 32.42 7.79
N ASP B 110 -15.13 32.95 7.51
CA ASP B 110 -15.91 32.50 6.35
C ASP B 110 -15.30 32.96 5.03
N GLY B 111 -14.30 33.83 5.07
CA GLY B 111 -13.71 34.37 3.87
C GLY B 111 -14.23 35.73 3.46
N LYS B 112 -14.86 36.47 4.37
CA LYS B 112 -15.44 37.77 4.08
C LYS B 112 -14.68 38.86 4.83
N LEU B 113 -14.45 39.98 4.14
CA LEU B 113 -13.81 41.15 4.71
C LEU B 113 -14.75 42.34 4.52
N ILE B 114 -15.47 42.70 5.58
CA ILE B 114 -16.56 43.67 5.51
C ILE B 114 -16.08 44.98 6.12
N ILE B 115 -16.33 46.08 5.42
CA ILE B 115 -16.07 47.42 5.92
C ILE B 115 -17.38 47.98 6.43
N TRP B 116 -17.43 48.33 7.72
CA TRP B 116 -18.65 48.79 8.37
C TRP B 116 -18.59 50.29 8.60
N ASP B 117 -19.75 50.93 8.57
CA ASP B 117 -19.90 52.32 8.97
C ASP B 117 -20.47 52.36 10.37
N SER B 118 -19.69 52.89 11.32
CA SER B 118 -20.08 52.84 12.72
C SER B 118 -21.28 53.71 13.03
N TYR B 119 -21.48 54.81 12.30
CA TYR B 119 -22.55 55.73 12.61
C TYR B 119 -23.92 55.17 12.20
N THR B 120 -24.08 54.92 10.90
CA THR B 120 -25.36 54.47 10.35
C THR B 120 -25.46 52.96 10.23
N THR B 121 -24.42 52.21 10.61
CA THR B 121 -24.37 50.76 10.54
C THR B 121 -24.29 50.24 9.11
N ASN B 122 -24.28 51.13 8.11
CA ASN B 122 -24.26 50.69 6.72
C ASN B 122 -22.96 49.97 6.40
N LYS B 123 -23.07 48.97 5.52
CA LYS B 123 -21.90 48.24 5.03
C LYS B 123 -21.43 48.86 3.72
N VAL B 124 -20.15 49.20 3.66
CA VAL B 124 -19.61 49.87 2.48
C VAL B 124 -19.02 48.86 1.49
N HIS B 125 -18.27 47.88 1.97
CA HIS B 125 -17.67 46.88 1.11
C HIS B 125 -17.73 45.52 1.79
N ALA B 126 -17.73 44.47 0.97
CA ALA B 126 -17.67 43.08 1.45
C ALA B 126 -16.80 42.30 0.47
N ILE B 127 -15.50 42.21 0.79
CA ILE B 127 -14.53 41.58 -0.10
C ILE B 127 -14.50 40.09 0.16
N PRO B 128 -14.79 39.23 -0.84
CA PRO B 128 -14.68 37.78 -0.63
C PRO B 128 -13.23 37.33 -0.70
N LEU B 129 -12.69 36.93 0.45
CA LEU B 129 -11.28 36.57 0.53
C LEU B 129 -11.00 35.28 -0.25
N ARG B 130 -9.82 35.23 -0.87
CA ARG B 130 -9.43 34.02 -1.59
C ARG B 130 -9.27 32.85 -0.62
N SER B 131 -8.68 33.09 0.54
CA SER B 131 -8.50 32.08 1.57
C SER B 131 -9.51 32.34 2.69
N SER B 132 -10.30 31.31 3.02
CA SER B 132 -11.32 31.47 4.05
C SER B 132 -10.68 31.76 5.41
N TRP B 133 -9.57 31.11 5.72
CA TRP B 133 -8.92 31.27 7.02
C TRP B 133 -8.13 32.57 7.02
N VAL B 134 -8.63 33.56 7.75
CA VAL B 134 -7.98 34.87 7.89
C VAL B 134 -7.84 35.15 9.38
N MET B 135 -6.64 35.57 9.79
CA MET B 135 -6.34 35.81 11.19
C MET B 135 -6.12 37.27 11.54
N THR B 136 -5.95 38.15 10.56
CA THR B 136 -5.70 39.55 10.84
C THR B 136 -6.15 40.40 9.66
N CYS B 137 -6.35 41.68 9.94
CA CYS B 137 -6.71 42.66 8.92
C CYS B 137 -6.23 44.03 9.39
N ALA B 138 -5.84 44.87 8.43
CA ALA B 138 -5.34 46.20 8.72
C ALA B 138 -5.99 47.22 7.81
N TYR B 139 -6.14 48.43 8.34
CA TYR B 139 -6.70 49.56 7.60
C TYR B 139 -5.62 50.62 7.43
N ALA B 140 -5.37 51.02 6.19
CA ALA B 140 -4.32 51.98 5.93
C ALA B 140 -4.71 53.35 6.50
N PRO B 141 -3.73 54.13 6.97
CA PRO B 141 -4.07 55.46 7.51
C PRO B 141 -4.79 56.34 6.51
N SER B 142 -4.43 56.26 5.23
CA SER B 142 -5.13 57.03 4.20
C SER B 142 -6.49 56.42 3.85
N GLY B 143 -6.71 55.15 4.17
CA GLY B 143 -7.95 54.49 3.85
C GLY B 143 -8.04 53.97 2.43
N ASN B 144 -7.01 54.16 1.62
CA ASN B 144 -7.06 53.72 0.23
C ASN B 144 -6.86 52.22 0.09
N TYR B 145 -6.09 51.60 1.00
CA TYR B 145 -5.77 50.19 0.91
C TYR B 145 -6.11 49.49 2.20
N VAL B 146 -6.44 48.20 2.09
CA VAL B 146 -6.78 47.36 3.23
C VAL B 146 -5.99 46.06 3.11
N ALA B 147 -5.33 45.65 4.17
CA ALA B 147 -4.49 44.46 4.19
C ALA B 147 -5.14 43.37 5.02
N CYS B 148 -4.63 42.15 4.85
CA CYS B 148 -5.16 40.98 5.54
C CYS B 148 -4.17 39.83 5.39
N GLY B 149 -4.41 38.78 6.18
CA GLY B 149 -3.56 37.60 6.11
C GLY B 149 -4.13 36.50 6.99
N GLY B 150 -3.61 35.30 6.79
CA GLY B 150 -4.08 34.15 7.54
C GLY B 150 -3.20 32.92 7.41
N LEU B 151 -3.82 31.74 7.47
CA LEU B 151 -3.07 30.50 7.40
C LEU B 151 -2.40 30.29 6.05
N ASP B 152 -2.84 31.00 5.00
CA ASP B 152 -2.23 30.85 3.69
C ASP B 152 -0.80 31.40 3.65
N ASN B 153 -0.38 32.15 4.66
CA ASN B 153 0.95 32.77 4.69
C ASN B 153 1.09 33.86 3.63
N ILE B 154 -0.02 34.32 3.08
CA ILE B 154 -0.04 35.33 2.02
C ILE B 154 -0.72 36.58 2.57
N CYS B 155 -0.05 37.72 2.43
CA CYS B 155 -0.61 39.00 2.84
C CYS B 155 -1.25 39.66 1.62
N SER B 156 -2.58 39.64 1.57
CA SER B 156 -3.34 40.19 0.45
C SER B 156 -3.77 41.60 0.77
N ILE B 157 -3.53 42.53 -0.16
CA ILE B 157 -3.85 43.94 0.01
C ILE B 157 -4.77 44.35 -1.13
N TYR B 158 -5.88 45.00 -0.79
CA TYR B 158 -6.90 45.39 -1.77
C TYR B 158 -6.98 46.91 -1.83
N ASN B 159 -7.15 47.42 -3.05
CA ASN B 159 -7.17 48.86 -3.31
C ASN B 159 -8.61 49.32 -3.44
N LEU B 160 -8.96 50.38 -2.70
CA LEU B 160 -10.31 50.95 -2.73
C LEU B 160 -10.40 52.21 -3.59
N LYS B 161 -9.33 52.58 -4.29
CA LYS B 161 -9.35 53.77 -5.14
C LYS B 161 -9.88 53.49 -6.54
N THR B 162 -10.23 52.25 -6.85
CA THR B 162 -10.68 51.92 -8.20
C THR B 162 -11.90 52.74 -8.57
N ARG B 163 -11.87 53.34 -9.76
CA ARG B 163 -13.00 54.16 -10.21
C ARG B 163 -14.23 53.30 -10.49
N GLU B 164 -14.03 52.09 -11.02
CA GLU B 164 -15.15 51.21 -11.33
C GLU B 164 -15.93 50.79 -10.09
N GLY B 165 -15.35 50.92 -8.90
CA GLY B 165 -15.99 50.49 -7.67
C GLY B 165 -15.81 49.03 -7.34
N ASN B 166 -15.18 48.25 -8.22
CA ASN B 166 -14.96 46.83 -7.95
C ASN B 166 -13.62 46.64 -7.26
N VAL B 167 -13.65 46.13 -6.02
CA VAL B 167 -12.43 45.88 -5.27
C VAL B 167 -11.65 44.75 -5.93
N ARG B 168 -10.32 44.82 -5.83
CA ARG B 168 -9.46 43.83 -6.44
C ARG B 168 -8.19 43.69 -5.59
N VAL B 169 -7.50 42.58 -5.79
CA VAL B 169 -6.26 42.30 -5.06
C VAL B 169 -5.16 43.17 -5.63
N SER B 170 -4.87 44.29 -4.96
CA SER B 170 -3.84 45.19 -5.45
C SER B 170 -2.47 44.54 -5.46
N ARG B 171 -2.14 43.80 -4.40
CA ARG B 171 -0.83 43.18 -4.28
C ARG B 171 -0.94 41.96 -3.39
N GLU B 172 -0.08 40.97 -3.65
CA GLU B 172 0.02 39.76 -2.85
C GLU B 172 1.47 39.55 -2.45
N LEU B 173 1.69 39.22 -1.19
CA LEU B 173 3.02 39.04 -0.62
C LEU B 173 3.17 37.62 -0.12
N ALA B 174 4.23 36.94 -0.56
CA ALA B 174 4.48 35.54 -0.21
C ALA B 174 5.97 35.38 0.13
N GLY B 175 6.32 35.60 1.40
CA GLY B 175 7.69 35.41 1.84
C GLY B 175 7.79 34.81 3.22
N HIS B 176 6.66 34.47 3.83
CA HIS B 176 6.61 33.93 5.17
C HIS B 176 6.25 32.45 5.12
N THR B 177 6.97 31.63 5.89
CA THR B 177 6.68 30.21 5.93
C THR B 177 5.59 29.89 6.93
N GLY B 178 5.56 30.59 8.06
CA GLY B 178 4.57 30.36 9.08
C GLY B 178 3.26 31.09 8.79
N TYR B 179 2.27 30.80 9.62
CA TYR B 179 0.96 31.42 9.46
C TYR B 179 1.05 32.91 9.72
N LEU B 180 0.28 33.68 8.95
CA LEU B 180 0.24 35.13 9.13
C LEU B 180 -0.57 35.47 10.37
N SER B 181 0.03 36.24 11.27
CA SER B 181 -0.58 36.54 12.56
C SER B 181 -1.07 37.98 12.68
N CYS B 182 -0.29 38.96 12.22
CA CYS B 182 -0.68 40.36 12.34
C CYS B 182 0.04 41.17 11.26
N CYS B 183 -0.48 42.38 11.04
CA CYS B 183 0.11 43.29 10.06
C CYS B 183 -0.42 44.69 10.32
N ARG B 184 0.47 45.67 10.20
CA ARG B 184 0.13 47.08 10.41
C ARG B 184 0.68 47.91 9.27
N PHE B 185 -0.02 49.00 8.96
CA PHE B 185 0.35 49.87 7.85
C PHE B 185 1.20 51.03 8.34
N LEU B 186 2.35 51.22 7.69
CA LEU B 186 3.20 52.39 7.94
C LEU B 186 2.79 53.56 7.06
N ASP B 187 2.61 53.31 5.77
CA ASP B 187 2.20 54.34 4.83
C ASP B 187 1.55 53.63 3.63
N ASP B 188 1.34 54.37 2.55
CA ASP B 188 0.73 53.79 1.35
C ASP B 188 1.66 52.81 0.65
N ASN B 189 2.94 52.75 1.03
CA ASN B 189 3.91 51.90 0.35
C ASN B 189 4.65 50.93 1.26
N GLN B 190 4.63 51.14 2.57
CA GLN B 190 5.36 50.30 3.52
C GLN B 190 4.38 49.67 4.50
N ILE B 191 4.57 48.37 4.77
CA ILE B 191 3.73 47.62 5.69
C ILE B 191 4.61 46.71 6.52
N VAL B 192 4.32 46.62 7.82
CA VAL B 192 5.01 45.73 8.73
C VAL B 192 4.15 44.51 8.95
N THR B 193 4.73 43.32 8.79
CA THR B 193 3.99 42.07 8.83
C THR B 193 4.61 41.13 9.86
N SER B 194 3.74 40.40 10.56
CA SER B 194 4.14 39.40 11.54
C SER B 194 3.68 38.03 11.09
N SER B 195 4.53 37.02 11.31
CA SER B 195 4.23 35.65 10.91
C SER B 195 4.46 34.73 12.10
N GLY B 196 4.07 33.47 11.93
CA GLY B 196 4.22 32.44 12.93
C GLY B 196 5.54 31.71 12.90
N ASP B 197 6.49 32.14 12.07
CA ASP B 197 7.80 31.50 11.97
C ASP B 197 8.87 32.26 12.74
N THR B 198 8.46 33.07 13.72
CA THR B 198 9.38 33.84 14.54
C THR B 198 10.16 34.85 13.69
N THR B 199 9.47 35.46 12.72
CA THR B 199 10.07 36.46 11.86
C THR B 199 9.06 37.56 11.58
N CYS B 200 9.52 38.80 11.58
CA CYS B 200 8.73 39.95 11.16
C CYS B 200 9.41 40.59 9.94
N ALA B 201 8.59 41.12 9.03
CA ALA B 201 9.09 41.63 7.77
C ALA B 201 8.54 43.02 7.52
N LEU B 202 9.30 43.80 6.75
CA LEU B 202 8.91 45.14 6.32
C LEU B 202 8.85 45.13 4.80
N TRP B 203 7.64 45.00 4.25
CA TRP B 203 7.45 44.88 2.82
C TRP B 203 7.32 46.26 2.17
N ASP B 204 7.74 46.34 0.92
CA ASP B 204 7.53 47.52 0.09
C ASP B 204 6.47 47.18 -0.95
N ILE B 205 5.38 47.97 -0.95
CA ILE B 205 4.22 47.60 -1.74
C ILE B 205 4.53 47.63 -3.23
N GLU B 206 5.23 48.68 -3.69
CA GLU B 206 5.47 48.85 -5.12
C GLU B 206 6.30 47.70 -5.67
N THR B 207 7.34 47.30 -4.96
CA THR B 207 8.21 46.22 -5.42
C THR B 207 7.74 44.84 -4.97
N GLY B 208 6.96 44.76 -3.89
CA GLY B 208 6.46 43.47 -3.44
C GLY B 208 7.51 42.56 -2.85
N GLN B 209 8.58 43.11 -2.28
CA GLN B 209 9.66 42.33 -1.68
C GLN B 209 9.96 42.87 -0.29
N GLN B 210 10.48 41.99 0.56
CA GLN B 210 10.85 42.38 1.90
C GLN B 210 12.01 43.38 1.86
N THR B 211 11.86 44.47 2.61
CA THR B 211 12.93 45.46 2.69
C THR B 211 13.85 45.18 3.88
N THR B 212 13.25 44.91 5.04
CA THR B 212 14.00 44.57 6.25
C THR B 212 13.35 43.37 6.92
N THR B 213 14.17 42.49 7.47
CA THR B 213 13.71 41.28 8.15
C THR B 213 14.16 41.31 9.60
N PHE B 214 13.24 41.00 10.51
CA PHE B 214 13.50 40.95 11.94
C PHE B 214 13.45 39.49 12.38
N THR B 215 14.60 38.96 12.79
CA THR B 215 14.72 37.56 13.21
C THR B 215 15.44 37.52 14.56
N GLY B 216 14.68 37.63 15.64
CA GLY B 216 15.24 37.52 16.97
C GLY B 216 14.31 36.83 17.95
N HIS B 217 13.23 36.25 17.44
CA HIS B 217 12.24 35.58 18.26
C HIS B 217 12.45 34.07 18.23
N THR B 218 12.08 33.41 19.32
CA THR B 218 12.14 31.96 19.44
C THR B 218 10.76 31.32 19.35
N GLY B 219 9.69 32.12 19.36
CA GLY B 219 8.34 31.60 19.27
C GLY B 219 7.54 32.39 18.27
N ASP B 220 6.33 31.90 18.01
CA ASP B 220 5.46 32.53 17.01
C ASP B 220 5.13 33.95 17.45
N VAL B 221 5.28 34.90 16.54
CA VAL B 221 4.92 36.29 16.83
C VAL B 221 3.41 36.44 16.65
N MET B 222 2.73 36.90 17.70
CA MET B 222 1.27 36.97 17.68
C MET B 222 0.77 38.32 17.17
N SER B 223 1.27 39.41 17.73
CA SER B 223 0.82 40.74 17.34
C SER B 223 1.92 41.75 17.61
N LEU B 224 1.81 42.89 16.92
CA LEU B 224 2.74 44.00 17.09
C LEU B 224 1.94 45.30 17.06
N SER B 225 2.52 46.34 17.66
CA SER B 225 1.91 47.66 17.72
C SER B 225 2.87 48.70 17.17
N LEU B 226 2.32 49.71 16.51
CA LEU B 226 3.10 50.77 15.89
C LEU B 226 3.14 51.99 16.78
N ALA B 227 4.32 52.58 16.92
CA ALA B 227 4.47 53.77 17.72
C ALA B 227 3.78 54.96 17.05
N PRO B 228 3.38 55.97 17.82
CA PRO B 228 2.74 57.15 17.20
C PRO B 228 3.59 57.79 16.12
N ASP B 229 4.91 57.82 16.29
CA ASP B 229 5.80 58.40 15.31
C ASP B 229 6.18 57.42 14.20
N THR B 230 5.73 56.17 14.28
CA THR B 230 6.04 55.15 13.28
C THR B 230 7.56 54.98 13.13
N ARG B 231 8.28 55.07 14.25
CA ARG B 231 9.72 54.87 14.28
C ARG B 231 10.11 53.51 14.82
N LEU B 232 9.55 53.11 15.97
CA LEU B 232 9.83 51.82 16.58
C LEU B 232 8.52 51.08 16.80
N PHE B 233 8.61 49.75 16.79
CA PHE B 233 7.45 48.90 17.04
C PHE B 233 7.88 47.70 17.86
N VAL B 234 7.04 47.31 18.82
CA VAL B 234 7.31 46.17 19.70
C VAL B 234 6.45 45.00 19.26
N SER B 235 6.97 43.79 19.41
CA SER B 235 6.27 42.57 19.00
C SER B 235 6.27 41.58 20.15
N GLY B 236 5.14 40.92 20.36
CA GLY B 236 5.00 39.88 21.37
C GLY B 236 4.92 38.52 20.70
N ALA B 237 5.61 37.54 21.28
CA ALA B 237 5.67 36.20 20.69
C ALA B 237 5.26 35.15 21.70
N CYS B 238 5.41 33.87 21.33
CA CYS B 238 5.05 32.76 22.19
C CYS B 238 6.14 32.40 23.19
N ASP B 239 7.30 33.08 23.14
CA ASP B 239 8.38 32.86 24.07
C ASP B 239 8.22 33.65 25.37
N ALA B 240 7.01 34.15 25.64
CA ALA B 240 6.75 34.94 26.85
C ALA B 240 7.70 36.12 26.94
N SER B 241 7.96 36.77 25.81
CA SER B 241 8.86 37.90 25.77
C SER B 241 8.39 38.89 24.72
N ALA B 242 8.75 40.15 24.90
CA ALA B 242 8.45 41.22 23.97
C ALA B 242 9.74 41.90 23.54
N LYS B 243 9.87 42.12 22.23
CA LYS B 243 11.08 42.69 21.65
C LYS B 243 10.74 44.00 20.94
N LEU B 244 11.60 44.99 21.11
CA LEU B 244 11.46 46.28 20.46
C LEU B 244 12.37 46.33 19.24
N TRP B 245 11.78 46.63 18.08
CA TRP B 245 12.50 46.68 16.82
C TRP B 245 12.45 48.08 16.23
N ASP B 246 13.56 48.50 15.63
CA ASP B 246 13.61 49.77 14.91
C ASP B 246 13.41 49.51 13.43
N VAL B 247 12.51 50.28 12.82
CA VAL B 247 12.14 50.04 11.43
C VAL B 247 13.34 50.24 10.51
N ARG B 248 14.13 51.29 10.75
CA ARG B 248 15.18 51.66 9.81
C ARG B 248 16.36 50.70 9.89
N GLU B 249 17.02 50.63 11.05
CA GLU B 249 18.21 49.80 11.16
C GLU B 249 17.86 48.31 11.14
N GLY B 250 16.69 47.94 11.65
CA GLY B 250 16.28 46.55 11.61
C GLY B 250 16.87 45.67 12.67
N MET B 251 17.38 46.25 13.76
CA MET B 251 17.99 45.50 14.85
C MET B 251 17.22 45.75 16.14
N CYS B 252 16.97 44.68 16.89
CA CYS B 252 16.24 44.80 18.14
C CYS B 252 17.01 45.68 19.13
N ARG B 253 16.27 46.46 19.90
CA ARG B 253 16.84 47.36 20.90
C ARG B 253 16.72 46.82 22.32
N GLN B 254 15.51 46.46 22.73
CA GLN B 254 15.26 45.99 24.09
C GLN B 254 14.42 44.73 24.06
N THR B 255 14.64 43.87 25.07
CA THR B 255 13.87 42.65 25.24
C THR B 255 13.30 42.63 26.65
N PHE B 256 12.01 42.34 26.75
CA PHE B 256 11.30 42.30 28.02
C PHE B 256 10.82 40.87 28.27
N THR B 257 11.13 40.34 29.46
CA THR B 257 10.75 38.98 29.84
C THR B 257 10.14 39.04 31.24
N GLY B 258 8.82 39.17 31.30
CA GLY B 258 8.14 39.24 32.58
C GLY B 258 6.88 38.38 32.63
N HIS B 259 6.54 37.75 31.52
CA HIS B 259 5.33 36.92 31.44
C HIS B 259 5.68 35.46 31.69
N GLU B 260 4.64 34.68 32.00
CA GLU B 260 4.78 33.26 32.30
C GLU B 260 4.27 32.35 31.18
N SER B 261 3.46 32.88 30.27
CA SER B 261 2.92 32.08 29.17
C SER B 261 2.97 32.84 27.86
N ASP B 262 2.32 32.31 26.83
CA ASP B 262 2.34 32.94 25.52
C ASP B 262 1.71 34.34 25.60
N ILE B 263 2.31 35.28 24.88
CA ILE B 263 1.81 36.64 24.81
C ILE B 263 0.92 36.76 23.57
N ASN B 264 -0.32 37.20 23.76
CA ASN B 264 -1.30 37.23 22.69
C ASN B 264 -1.58 38.61 22.15
N ALA B 265 -1.55 39.65 23.00
CA ALA B 265 -1.92 41.00 22.59
C ALA B 265 -0.83 41.98 23.04
N ILE B 266 -0.60 42.98 22.19
CA ILE B 266 0.37 44.03 22.47
C ILE B 266 -0.18 45.35 21.95
N CYS B 267 0.08 46.43 22.68
CA CYS B 267 -0.35 47.75 22.25
C CYS B 267 0.55 48.81 22.88
N PHE B 268 0.71 49.93 22.18
CA PHE B 268 1.55 51.02 22.66
C PHE B 268 0.76 51.96 23.56
N PHE B 269 1.48 52.61 24.47
CA PHE B 269 0.91 53.70 25.23
C PHE B 269 0.71 54.92 24.32
N PRO B 270 -0.29 55.75 24.60
CA PRO B 270 -0.48 56.94 23.75
C PRO B 270 0.75 57.81 23.62
N ASN B 271 1.54 57.96 24.69
CA ASN B 271 2.74 58.76 24.63
C ASN B 271 3.89 58.04 23.91
N GLY B 272 3.79 56.73 23.73
CA GLY B 272 4.79 55.98 22.99
C GLY B 272 5.96 55.50 23.81
N ASN B 273 6.02 55.84 25.09
CA ASN B 273 7.14 55.45 25.94
C ASN B 273 6.86 54.17 26.74
N ALA B 274 5.72 53.53 26.52
CA ALA B 274 5.37 52.31 27.24
C ALA B 274 4.40 51.50 26.39
N PHE B 275 4.24 50.24 26.76
CA PHE B 275 3.32 49.35 26.05
C PHE B 275 2.80 48.31 27.03
N ALA B 276 1.53 47.95 26.86
CA ALA B 276 0.87 46.96 27.69
C ALA B 276 0.78 45.64 26.94
N THR B 277 1.00 44.54 27.66
CA THR B 277 1.06 43.21 27.08
C THR B 277 0.10 42.28 27.81
N GLY B 278 -0.60 41.45 27.05
CA GLY B 278 -1.51 40.46 27.60
C GLY B 278 -1.06 39.06 27.21
N SER B 279 -1.32 38.10 28.09
CA SER B 279 -0.86 36.73 27.90
C SER B 279 -1.96 35.76 28.32
N ASP B 280 -1.66 34.46 28.22
CA ASP B 280 -2.57 33.40 28.61
C ASP B 280 -2.67 33.25 30.12
N ASP B 281 -1.70 33.75 30.87
CA ASP B 281 -1.65 33.56 32.31
C ASP B 281 -2.61 34.46 33.08
N ALA B 282 -3.59 35.06 32.39
CA ALA B 282 -4.60 35.90 33.03
C ALA B 282 -3.95 37.10 33.73
N THR B 283 -3.00 37.72 33.06
CA THR B 283 -2.26 38.84 33.64
C THR B 283 -1.84 39.80 32.54
N CYS B 284 -2.11 41.09 32.75
CA CYS B 284 -1.63 42.16 31.89
C CYS B 284 -0.50 42.90 32.59
N ARG B 285 0.58 43.17 31.83
CA ARG B 285 1.76 43.80 32.37
C ARG B 285 2.12 45.02 31.54
N LEU B 286 2.51 46.09 32.22
CA LEU B 286 2.92 47.33 31.57
C LEU B 286 4.43 47.43 31.62
N PHE B 287 5.06 47.62 30.45
CA PHE B 287 6.50 47.73 30.33
C PHE B 287 6.86 49.14 29.89
N ASP B 288 7.95 49.66 30.46
CA ASP B 288 8.44 50.99 30.14
C ASP B 288 9.76 50.87 29.40
N LEU B 289 9.83 51.49 28.22
CA LEU B 289 11.04 51.40 27.41
C LEU B 289 12.22 52.06 28.11
N ARG B 290 12.01 53.24 28.69
CA ARG B 290 13.10 53.94 29.36
C ARG B 290 13.61 53.16 30.56
N ALA B 291 12.69 52.63 31.38
CA ALA B 291 13.10 51.85 32.54
C ALA B 291 13.58 50.46 32.18
N ASP B 292 13.23 49.96 31.00
CA ASP B 292 13.67 48.65 30.52
C ASP B 292 13.19 47.53 31.44
N GLN B 293 12.04 47.73 32.09
CA GLN B 293 11.47 46.70 32.96
C GLN B 293 9.98 46.96 33.12
N GLU B 294 9.28 45.94 33.62
CA GLU B 294 7.85 46.07 33.85
C GLU B 294 7.58 47.06 34.98
N LEU B 295 6.54 47.86 34.81
CA LEU B 295 6.13 48.83 35.82
C LEU B 295 5.07 48.28 36.77
N MET B 296 4.00 47.69 36.24
CA MET B 296 2.93 47.17 37.07
C MET B 296 2.29 46.00 36.35
N THR B 297 1.65 45.12 37.13
CA THR B 297 0.95 43.95 36.61
C THR B 297 -0.50 44.00 37.05
N TYR B 298 -1.42 43.80 36.09
CA TYR B 298 -2.85 43.77 36.36
C TYR B 298 -3.31 42.31 36.36
N SER B 299 -3.55 41.77 37.55
CA SER B 299 -3.99 40.39 37.70
C SER B 299 -5.06 40.31 38.77
N HIS B 300 -5.96 39.34 38.61
CA HIS B 300 -7.04 39.09 39.55
C HIS B 300 -7.10 37.62 39.89
N ASP B 301 -7.31 37.32 41.17
CA ASP B 301 -7.37 35.93 41.60
C ASP B 301 -8.54 35.20 40.95
N ASN B 302 -9.70 35.86 40.85
CA ASN B 302 -10.88 35.20 40.27
C ASN B 302 -10.66 34.87 38.80
N ILE B 303 -9.97 35.73 38.06
CA ILE B 303 -9.76 35.53 36.63
C ILE B 303 -8.67 34.48 36.43
N ILE B 304 -9.00 33.43 35.67
CA ILE B 304 -8.05 32.37 35.35
C ILE B 304 -7.95 32.11 33.86
N CYS B 305 -8.73 32.81 33.03
CA CYS B 305 -8.73 32.58 31.60
C CYS B 305 -7.69 33.46 30.91
N GLY B 306 -7.51 33.25 29.61
CA GLY B 306 -6.50 33.97 28.86
C GLY B 306 -6.96 35.35 28.43
N ILE B 307 -6.03 36.06 27.79
CA ILE B 307 -6.26 37.41 27.29
C ILE B 307 -5.98 37.41 25.80
N THR B 308 -6.90 37.98 25.02
CA THR B 308 -6.83 37.94 23.56
C THR B 308 -6.42 39.28 22.95
N SER B 309 -7.02 40.37 23.40
CA SER B 309 -6.75 41.69 22.85
C SER B 309 -6.71 42.72 23.97
N VAL B 310 -5.78 43.67 23.85
CA VAL B 310 -5.64 44.76 24.80
C VAL B 310 -5.39 46.05 24.03
N SER B 311 -5.88 47.16 24.59
CA SER B 311 -5.69 48.45 23.97
C SER B 311 -5.90 49.55 25.01
N PHE B 312 -5.26 50.69 24.77
CA PHE B 312 -5.35 51.84 25.67
C PHE B 312 -6.38 52.83 25.15
N SER B 313 -6.76 53.76 26.03
CA SER B 313 -7.64 54.86 25.66
C SER B 313 -6.80 56.02 25.12
N LYS B 314 -7.48 57.13 24.80
CA LYS B 314 -6.77 58.29 24.29
C LYS B 314 -5.77 58.81 25.32
N SER B 315 -6.23 59.06 26.54
CA SER B 315 -5.35 59.55 27.60
C SER B 315 -4.45 58.47 28.17
N GLY B 316 -4.77 57.20 27.93
CA GLY B 316 -3.97 56.10 28.45
C GLY B 316 -4.28 55.71 29.87
N ARG B 317 -5.20 56.41 30.54
CA ARG B 317 -5.54 56.06 31.91
C ARG B 317 -6.20 54.68 31.98
N LEU B 318 -7.07 54.38 31.02
CA LEU B 318 -7.80 53.11 30.99
C LEU B 318 -7.08 52.11 30.08
N LEU B 319 -7.20 50.84 30.43
CA LEU B 319 -6.63 49.74 29.65
C LEU B 319 -7.72 48.71 29.42
N LEU B 320 -8.31 48.72 28.21
CA LEU B 320 -9.39 47.81 27.86
C LEU B 320 -8.78 46.53 27.31
N ALA B 321 -8.84 45.46 28.10
CA ALA B 321 -8.29 44.16 27.72
C ALA B 321 -9.43 43.16 27.55
N GLY B 322 -9.51 42.57 26.37
CA GLY B 322 -10.51 41.55 26.11
C GLY B 322 -10.07 40.20 26.62
N TYR B 323 -10.85 39.61 27.53
CA TYR B 323 -10.49 38.36 28.17
C TYR B 323 -11.18 37.18 27.50
N ASP B 324 -10.63 36.00 27.72
CA ASP B 324 -11.16 34.76 27.18
C ASP B 324 -12.54 34.42 27.76
N ASP B 325 -12.84 34.86 28.97
CA ASP B 325 -14.09 34.47 29.64
C ASP B 325 -15.28 35.28 29.14
N PHE B 326 -15.47 35.29 27.83
CA PHE B 326 -16.69 35.76 27.18
C PHE B 326 -16.99 37.23 27.50
N ASN B 327 -16.02 37.99 27.99
CA ASN B 327 -16.26 39.38 28.32
C ASN B 327 -14.93 40.13 28.36
N CYS B 328 -15.03 41.46 28.38
CA CYS B 328 -13.88 42.34 28.42
C CYS B 328 -13.85 43.11 29.73
N ASN B 329 -12.65 43.44 30.19
CA ASN B 329 -12.45 44.15 31.44
C ASN B 329 -11.68 45.44 31.15
N VAL B 330 -12.11 46.53 31.79
CA VAL B 330 -11.45 47.83 31.67
C VAL B 330 -10.70 48.07 32.96
N TRP B 331 -9.37 48.05 32.88
CA TRP B 331 -8.51 48.23 34.04
C TRP B 331 -7.99 49.66 34.10
N ASP B 332 -7.60 50.07 35.31
CA ASP B 332 -6.97 51.36 35.52
C ASP B 332 -5.46 51.19 35.40
N ALA B 333 -4.86 51.87 34.43
CA ALA B 333 -3.43 51.70 34.16
C ALA B 333 -2.55 52.16 35.31
N LEU B 334 -3.11 52.89 36.28
CA LEU B 334 -2.33 53.45 37.38
C LEU B 334 -2.63 52.81 38.72
N LYS B 335 -3.88 52.43 38.98
CA LYS B 335 -4.27 51.85 40.24
C LYS B 335 -4.49 50.34 40.19
N ALA B 336 -4.42 49.74 39.00
CA ALA B 336 -4.60 48.30 38.86
C ALA B 336 -5.92 47.83 39.46
N ASP B 337 -6.98 48.61 39.22
CA ASP B 337 -8.31 48.32 39.71
C ASP B 337 -9.26 48.16 38.53
N ARG B 338 -10.17 47.20 38.63
CA ARG B 338 -11.11 46.92 37.54
C ARG B 338 -12.11 48.06 37.46
N ALA B 339 -11.87 49.00 36.54
CA ALA B 339 -12.74 50.15 36.40
C ALA B 339 -14.15 49.75 35.96
N GLY B 340 -14.23 48.79 35.03
CA GLY B 340 -15.53 48.36 34.54
C GLY B 340 -15.41 47.04 33.80
N VAL B 341 -16.57 46.48 33.47
CA VAL B 341 -16.67 45.20 32.79
C VAL B 341 -17.66 45.33 31.65
N LEU B 342 -17.32 44.74 30.50
CA LEU B 342 -18.18 44.72 29.32
C LEU B 342 -18.51 43.27 29.00
N ALA B 343 -19.72 42.84 29.36
CA ALA B 343 -20.19 41.48 29.14
C ALA B 343 -21.38 41.53 28.18
N GLY B 344 -21.08 41.48 26.88
CA GLY B 344 -22.11 41.50 25.87
C GLY B 344 -21.82 40.60 24.69
N HIS B 345 -20.92 39.63 24.89
CA HIS B 345 -20.51 38.70 23.85
C HIS B 345 -20.83 37.27 24.29
N ASP B 346 -21.35 36.48 23.36
CA ASP B 346 -21.70 35.10 23.65
C ASP B 346 -20.49 34.17 23.59
N ASN B 347 -19.34 34.65 23.15
CA ASN B 347 -18.13 33.85 23.07
C ASN B 347 -16.93 34.72 23.42
N ARG B 348 -15.73 34.18 23.26
CA ARG B 348 -14.52 34.93 23.57
C ARG B 348 -14.41 36.15 22.67
N VAL B 349 -13.94 37.25 23.25
CA VAL B 349 -13.70 38.49 22.50
C VAL B 349 -12.36 38.33 21.78
N SER B 350 -12.40 38.13 20.47
CA SER B 350 -11.18 37.87 19.73
C SER B 350 -10.36 39.14 19.56
N CYS B 351 -11.01 40.26 19.25
CA CYS B 351 -10.32 41.51 18.95
C CYS B 351 -11.01 42.66 19.67
N LEU B 352 -10.24 43.72 19.90
CA LEU B 352 -10.73 44.93 20.54
C LEU B 352 -9.98 46.13 19.98
N GLY B 353 -10.71 47.18 19.67
CA GLY B 353 -10.10 48.37 19.08
C GLY B 353 -10.72 49.63 19.66
N VAL B 354 -9.92 50.70 19.68
CA VAL B 354 -10.34 51.99 20.21
C VAL B 354 -10.11 53.03 19.12
N THR B 355 -11.07 53.92 18.95
CA THR B 355 -10.96 54.96 17.93
C THR B 355 -9.80 55.90 18.25
N ASP B 356 -9.32 56.59 17.22
CA ASP B 356 -8.24 57.55 17.42
C ASP B 356 -8.65 58.65 18.39
N ASP B 357 -9.88 59.16 18.25
CA ASP B 357 -10.40 60.16 19.16
C ASP B 357 -10.95 59.56 20.45
N GLY B 358 -11.05 58.24 20.53
CA GLY B 358 -11.53 57.60 21.74
C GLY B 358 -13.02 57.70 21.97
N MET B 359 -13.79 58.07 20.95
CA MET B 359 -15.23 58.23 21.14
C MET B 359 -15.90 56.91 21.54
N ALA B 360 -15.49 55.80 20.92
CA ALA B 360 -16.14 54.53 21.16
C ALA B 360 -15.11 53.40 21.04
N VAL B 361 -15.49 52.24 21.57
CA VAL B 361 -14.68 51.03 21.53
C VAL B 361 -15.47 49.95 20.82
N ALA B 362 -14.84 49.30 19.84
CA ALA B 362 -15.45 48.22 19.07
C ALA B 362 -14.82 46.91 19.48
N THR B 363 -15.65 45.94 19.85
CA THR B 363 -15.20 44.62 20.28
C THR B 363 -15.82 43.56 19.38
N GLY B 364 -14.98 42.69 18.83
CA GLY B 364 -15.42 41.58 18.00
C GLY B 364 -15.15 40.26 18.70
N SER B 365 -16.16 39.40 18.70
CA SER B 365 -16.10 38.11 19.37
C SER B 365 -16.24 36.99 18.34
N TRP B 366 -16.33 35.76 18.83
CA TRP B 366 -16.50 34.59 17.97
C TRP B 366 -17.95 34.28 17.68
N ASP B 367 -18.89 35.13 18.14
CA ASP B 367 -20.31 34.96 17.88
C ASP B 367 -20.76 35.67 16.61
N SER B 368 -19.82 36.08 15.75
CA SER B 368 -20.14 36.74 14.49
C SER B 368 -20.84 38.08 14.70
N PHE B 369 -20.55 38.74 15.82
CA PHE B 369 -21.15 40.02 16.14
C PHE B 369 -20.07 41.01 16.56
N LEU B 370 -20.29 42.28 16.19
CA LEU B 370 -19.39 43.37 16.55
C LEU B 370 -20.17 44.37 17.40
N LYS B 371 -19.70 44.61 18.61
CA LYS B 371 -20.37 45.48 19.57
C LYS B 371 -19.55 46.76 19.73
N ILE B 372 -20.22 47.90 19.64
CA ILE B 372 -19.60 49.21 19.83
C ILE B 372 -20.08 49.77 21.16
N TRP B 373 -19.15 50.01 22.08
CA TRP B 373 -19.47 50.49 23.42
C TRP B 373 -19.04 51.94 23.57
N ASN B 374 -19.92 52.78 24.10
CA ASN B 374 -19.65 54.18 24.35
C ASN B 374 -20.11 54.54 25.77
N GLY B 375 -19.35 55.40 26.43
CA GLY B 375 -19.70 55.80 27.77
C GLY B 375 -20.92 56.69 27.81
N SER B 376 -21.55 56.74 28.99
CA SER B 376 -22.74 57.54 29.21
C SER B 376 -22.57 58.36 30.48
N SER B 377 -23.16 59.54 30.49
CA SER B 377 -23.09 60.44 31.64
C SER B 377 -24.26 60.19 32.59
N LEU C 5 13.46 -67.83 -15.56
CA LEU C 5 14.52 -66.89 -16.02
C LEU C 5 13.98 -65.93 -17.07
N SER C 6 13.59 -66.46 -18.22
CA SER C 6 13.11 -65.62 -19.31
C SER C 6 11.86 -64.83 -18.90
N ALA C 7 10.94 -65.48 -18.19
CA ALA C 7 9.72 -64.79 -17.77
C ALA C 7 10.03 -63.63 -16.83
N GLU C 8 10.94 -63.84 -15.88
CA GLU C 8 11.26 -62.79 -14.92
C GLU C 8 11.90 -61.59 -15.62
N ASP C 9 12.86 -61.84 -16.51
CA ASP C 9 13.50 -60.74 -17.22
C ASP C 9 12.49 -59.98 -18.08
N LYS C 10 11.62 -60.70 -18.78
CA LYS C 10 10.60 -60.04 -19.61
C LYS C 10 9.69 -59.19 -18.75
N ALA C 11 9.27 -59.72 -17.59
CA ALA C 11 8.44 -58.93 -16.68
C ALA C 11 9.19 -57.72 -16.17
N ALA C 12 10.47 -57.88 -15.82
CA ALA C 12 11.26 -56.76 -15.33
C ALA C 12 11.40 -55.68 -16.41
N VAL C 13 11.69 -56.10 -17.64
CA VAL C 13 11.82 -55.13 -18.73
C VAL C 13 10.49 -54.44 -18.98
N GLU C 14 9.39 -55.19 -18.96
CA GLU C 14 8.08 -54.60 -19.20
C GLU C 14 7.78 -53.54 -18.15
N ARG C 15 8.07 -53.83 -16.88
CA ARG C 15 7.88 -52.84 -15.83
C ARG C 15 8.79 -51.65 -16.06
N SER C 16 10.06 -51.91 -16.42
CA SER C 16 10.99 -50.82 -16.68
C SER C 16 10.49 -49.93 -17.80
N LYS C 17 9.96 -50.53 -18.87
CA LYS C 17 9.40 -49.74 -19.95
C LYS C 17 8.13 -49.02 -19.51
N MET C 18 7.36 -49.65 -18.61
CA MET C 18 6.18 -48.98 -18.07
C MET C 18 6.57 -47.72 -17.31
N ILE C 19 7.64 -47.79 -16.52
CA ILE C 19 8.11 -46.60 -15.82
C ILE C 19 8.62 -45.57 -16.81
N GLU C 20 9.24 -46.02 -17.91
CA GLU C 20 9.79 -45.08 -18.89
C GLU C 20 8.70 -44.22 -19.51
N LYS C 21 7.56 -44.80 -19.85
CA LYS C 21 6.48 -44.02 -20.45
C LYS C 21 5.98 -42.95 -19.47
N GLN C 22 5.88 -43.30 -18.18
CA GLN C 22 5.46 -42.33 -17.19
C GLN C 22 6.47 -41.19 -17.06
N LEU C 23 7.77 -41.53 -17.05
CA LEU C 23 8.79 -40.51 -16.94
C LEU C 23 8.80 -39.59 -18.15
N GLN C 24 8.60 -40.13 -19.35
CA GLN C 24 8.54 -39.29 -20.54
C GLN C 24 7.40 -38.29 -20.43
N LYS C 25 6.23 -38.74 -19.99
CA LYS C 25 5.12 -37.82 -19.78
C LYS C 25 5.46 -36.79 -18.70
N ASP C 26 6.10 -37.24 -17.61
CA ASP C 26 6.53 -36.32 -16.57
C ASP C 26 7.58 -35.35 -17.11
N LYS C 27 8.45 -35.82 -18.01
CA LYS C 27 9.44 -34.93 -18.60
C LYS C 27 8.76 -33.81 -19.40
N GLN C 28 7.68 -34.14 -20.11
CA GLN C 28 6.99 -33.14 -20.91
C GLN C 28 6.45 -32.01 -20.02
N VAL C 29 5.78 -32.38 -18.92
CA VAL C 29 5.21 -31.36 -18.05
C VAL C 29 6.31 -30.62 -17.29
N TYR C 30 7.34 -31.34 -16.82
CA TYR C 30 8.39 -30.70 -16.03
C TYR C 30 9.08 -29.61 -16.84
N ARG C 31 9.42 -29.90 -18.09
CA ARG C 31 10.00 -28.89 -18.96
C ARG C 31 9.02 -27.78 -19.29
N ALA C 32 7.72 -28.09 -19.37
CA ALA C 32 6.73 -27.10 -19.76
C ALA C 32 6.66 -25.97 -18.75
N THR C 33 6.68 -26.30 -17.46
CA THR C 33 6.55 -25.28 -16.43
C THR C 33 7.89 -24.61 -16.15
N HIS C 34 7.83 -23.39 -15.65
CA HIS C 34 9.01 -22.60 -15.29
C HIS C 34 9.01 -22.40 -13.78
N ARG C 35 10.13 -22.75 -13.14
CA ARG C 35 10.26 -22.63 -11.69
C ARG C 35 10.87 -21.28 -11.34
N LEU C 36 10.30 -20.66 -10.30
CA LEU C 36 10.77 -19.36 -9.82
C LEU C 36 10.94 -19.42 -8.32
N LEU C 37 11.91 -18.64 -7.83
CA LEU C 37 12.20 -18.54 -6.40
C LEU C 37 11.96 -17.10 -5.97
N LEU C 38 11.16 -16.93 -4.92
CA LEU C 38 10.84 -15.61 -4.39
C LEU C 38 11.63 -15.38 -3.11
N LEU C 39 12.35 -14.26 -3.06
CA LEU C 39 13.24 -13.95 -1.95
C LEU C 39 13.05 -12.50 -1.52
N GLY C 40 13.37 -12.23 -0.26
CA GLY C 40 13.28 -10.89 0.29
C GLY C 40 13.01 -10.87 1.77
N ALA C 41 13.46 -9.82 2.46
CA ALA C 41 13.17 -9.67 3.87
C ALA C 41 11.69 -9.34 4.06
N ASP C 42 11.20 -9.57 5.29
CA ASP C 42 9.77 -9.39 5.55
C ASP C 42 9.35 -7.93 5.42
N ASN C 43 10.25 -6.97 5.59
CA ASN C 43 9.87 -5.58 5.37
C ASN C 43 9.31 -5.38 3.97
N SER C 44 9.85 -6.12 3.00
CA SER C 44 9.27 -6.14 1.66
C SER C 44 7.92 -6.84 1.68
N GLY C 45 6.98 -6.35 0.89
CA GLY C 45 5.65 -6.94 0.84
C GLY C 45 5.58 -8.18 -0.01
N LYS C 46 6.37 -9.20 0.34
CA LYS C 46 6.33 -10.45 -0.42
C LYS C 46 4.96 -11.11 -0.32
N SER C 47 4.36 -11.08 0.87
CA SER C 47 3.07 -11.73 1.06
C SER C 47 2.01 -11.15 0.13
N THR C 48 1.96 -9.82 0.02
CA THR C 48 0.95 -9.20 -0.82
C THR C 48 1.10 -9.65 -2.27
N ILE C 49 2.33 -9.75 -2.76
CA ILE C 49 2.55 -10.23 -4.12
C ILE C 49 1.99 -11.63 -4.28
N VAL C 50 2.15 -12.48 -3.26
CA VAL C 50 1.63 -13.84 -3.34
C VAL C 50 0.12 -13.82 -3.51
N LYS C 51 -0.58 -12.96 -2.75
CA LYS C 51 -2.03 -12.87 -2.88
C LYS C 51 -2.43 -12.39 -4.28
N GLN C 52 -1.69 -11.41 -4.82
CA GLN C 52 -2.03 -10.90 -6.14
C GLN C 52 -1.89 -11.99 -7.19
N MET C 53 -0.83 -12.80 -7.11
CA MET C 53 -0.63 -13.88 -8.07
C MET C 53 -1.50 -15.09 -7.78
N ARG C 54 -2.16 -15.14 -6.63
CA ARG C 54 -3.12 -16.20 -6.36
C ARG C 54 -4.42 -16.02 -7.14
N ILE C 55 -4.61 -14.86 -7.78
CA ILE C 55 -5.80 -14.64 -8.60
C ILE C 55 -5.84 -15.63 -9.75
N TYR C 56 -4.68 -15.95 -10.33
CA TYR C 56 -4.60 -16.88 -11.45
C TYR C 56 -4.64 -18.30 -10.88
N HIS C 57 -5.84 -18.75 -10.57
CA HIS C 57 -6.02 -20.08 -10.00
C HIS C 57 -5.64 -21.15 -11.01
N VAL C 58 -4.97 -22.19 -10.53
CA VAL C 58 -4.54 -23.30 -11.38
C VAL C 58 -5.00 -24.62 -10.77
N THR C 181 7.56 -25.53 10.72
CA THR C 181 7.09 -26.88 10.38
C THR C 181 6.36 -26.86 9.04
N SER C 182 5.77 -25.71 8.70
CA SER C 182 5.04 -25.60 7.43
C SER C 182 5.97 -25.81 6.25
N GLY C 183 7.18 -25.26 6.31
CA GLY C 183 8.14 -25.46 5.24
C GLY C 183 7.90 -24.52 4.08
N ILE C 184 8.42 -24.93 2.91
CA ILE C 184 8.30 -24.13 1.71
C ILE C 184 6.88 -24.20 1.17
N PHE C 185 6.46 -23.13 0.51
CA PHE C 185 5.14 -23.03 -0.11
C PHE C 185 5.29 -22.79 -1.60
N GLU C 186 4.35 -23.33 -2.38
CA GLU C 186 4.36 -23.21 -3.83
C GLU C 186 3.07 -22.54 -4.30
N THR C 187 3.19 -21.64 -5.27
CA THR C 187 2.06 -20.97 -5.88
C THR C 187 2.14 -21.17 -7.39
N LYS C 188 1.05 -21.67 -7.97
CA LYS C 188 0.98 -21.95 -9.40
C LYS C 188 0.07 -20.92 -10.06
N PHE C 189 0.62 -20.19 -11.03
CA PHE C 189 -0.14 -19.21 -11.78
C PHE C 189 0.20 -19.34 -13.26
N GLN C 190 -0.82 -19.18 -14.11
CA GLN C 190 -0.67 -19.34 -15.55
C GLN C 190 -1.06 -18.04 -16.25
N VAL C 191 -0.19 -17.57 -17.13
CA VAL C 191 -0.46 -16.41 -17.98
C VAL C 191 -0.02 -16.77 -19.39
N ASP C 192 -0.89 -16.52 -20.37
CA ASP C 192 -0.60 -16.81 -21.77
C ASP C 192 -0.23 -18.28 -21.97
N LYS C 193 -0.91 -19.16 -21.25
CA LYS C 193 -0.80 -20.61 -21.43
C LYS C 193 0.61 -21.14 -21.12
N VAL C 194 1.33 -20.48 -20.21
CA VAL C 194 2.59 -20.99 -19.70
C VAL C 194 2.52 -20.99 -18.18
N ASN C 195 2.95 -22.08 -17.57
CA ASN C 195 2.79 -22.31 -16.14
C ASN C 195 4.06 -21.91 -15.40
N PHE C 196 3.89 -21.24 -14.26
CA PHE C 196 4.99 -20.91 -13.36
C PHE C 196 4.74 -21.56 -12.01
N HIS C 197 5.81 -21.99 -11.35
CA HIS C 197 5.76 -22.49 -9.98
C HIS C 197 6.68 -21.61 -9.14
N MET C 198 6.09 -20.75 -8.33
CA MET C 198 6.84 -19.83 -7.48
C MET C 198 6.93 -20.41 -6.08
N PHE C 199 8.15 -20.51 -5.56
CA PHE C 199 8.42 -21.11 -4.26
C PHE C 199 8.90 -20.04 -3.29
N ASP C 200 8.35 -20.05 -2.08
CA ASP C 200 8.73 -19.13 -1.02
C ASP C 200 9.04 -19.91 0.24
N VAL C 201 10.04 -19.46 0.99
CA VAL C 201 10.48 -20.12 2.21
C VAL C 201 10.01 -19.27 3.38
N GLY C 202 8.95 -19.72 4.04
CA GLY C 202 8.41 -19.01 5.19
C GLY C 202 8.97 -19.49 6.51
N ALA C 203 8.89 -20.79 6.76
CA ALA C 203 9.37 -21.39 8.01
C ALA C 203 10.72 -22.03 7.73
N GLN C 204 11.77 -21.22 7.80
CA GLN C 204 13.13 -21.69 7.58
C GLN C 204 14.07 -20.90 8.47
N ARG C 205 15.23 -21.49 8.74
CA ARG C 205 16.22 -20.85 9.59
C ARG C 205 16.84 -19.64 8.90
N ASP C 206 17.40 -18.74 9.70
CA ASP C 206 18.03 -17.55 9.15
C ASP C 206 19.20 -17.92 8.25
N GLU C 207 20.00 -18.90 8.65
CA GLU C 207 21.12 -19.34 7.83
C GLU C 207 20.61 -19.87 6.50
N ARG C 208 21.22 -19.42 5.40
CA ARG C 208 20.77 -19.78 4.06
C ARG C 208 21.88 -20.15 3.11
N ARG C 209 23.10 -20.40 3.60
CA ARG C 209 24.19 -20.75 2.71
C ARG C 209 24.12 -22.20 2.24
N LYS C 210 23.22 -23.01 2.79
CA LYS C 210 23.12 -24.43 2.47
C LYS C 210 21.90 -24.78 1.65
N TRP C 211 20.72 -24.30 2.04
CA TRP C 211 19.49 -24.64 1.31
C TRP C 211 19.25 -23.74 0.11
N ILE C 212 20.13 -22.76 -0.14
CA ILE C 212 20.03 -21.95 -1.36
C ILE C 212 20.71 -22.61 -2.55
N GLN C 213 21.48 -23.67 -2.31
CA GLN C 213 22.19 -24.33 -3.41
C GLN C 213 21.26 -25.15 -4.29
N CYS C 214 20.20 -25.73 -3.72
CA CYS C 214 19.29 -26.55 -4.49
C CYS C 214 18.44 -25.74 -5.47
N PHE C 215 18.47 -24.41 -5.38
CA PHE C 215 17.71 -23.54 -6.27
C PHE C 215 18.54 -23.03 -7.43
N ASN C 216 19.53 -23.80 -7.87
CA ASN C 216 20.40 -23.40 -8.98
C ASN C 216 19.82 -23.77 -10.34
N ASP C 217 18.69 -24.48 -10.39
CA ASP C 217 18.04 -24.85 -11.64
C ASP C 217 16.78 -24.06 -11.91
N VAL C 218 16.43 -23.10 -11.05
CA VAL C 218 15.22 -22.31 -11.23
C VAL C 218 15.42 -21.32 -12.37
N THR C 219 14.33 -20.97 -13.05
CA THR C 219 14.41 -20.05 -14.17
C THR C 219 14.92 -18.69 -13.74
N ALA C 220 14.42 -18.17 -12.62
CA ALA C 220 14.81 -16.85 -12.16
C ALA C 220 14.51 -16.74 -10.67
N ILE C 221 15.11 -15.73 -10.05
CA ILE C 221 14.90 -15.42 -8.64
C ILE C 221 14.29 -14.04 -8.56
N ILE C 222 13.10 -13.94 -7.98
CA ILE C 222 12.42 -12.66 -7.81
C ILE C 222 12.85 -12.09 -6.45
N PHE C 223 13.61 -10.99 -6.49
CA PHE C 223 14.14 -10.36 -5.29
C PHE C 223 13.33 -9.10 -5.02
N VAL C 224 12.58 -9.11 -3.93
CA VAL C 224 11.70 -8.00 -3.56
C VAL C 224 12.41 -7.14 -2.52
N VAL C 225 12.46 -5.83 -2.77
CA VAL C 225 13.12 -4.89 -1.88
C VAL C 225 12.14 -3.79 -1.51
N ASP C 226 12.07 -3.48 -0.22
CA ASP C 226 11.29 -2.35 0.27
C ASP C 226 12.15 -1.10 0.11
N SER C 227 11.85 -0.29 -0.90
CA SER C 227 12.66 0.89 -1.19
C SER C 227 12.47 2.00 -0.16
N SER C 228 11.49 1.87 0.73
CA SER C 228 11.14 2.93 1.66
C SER C 228 11.73 2.73 3.06
N ASP C 229 12.69 1.83 3.23
CA ASP C 229 13.25 1.62 4.57
C ASP C 229 14.51 2.44 4.80
N TYR C 230 15.32 2.66 3.76
CA TYR C 230 16.56 3.40 3.87
C TYR C 230 17.54 2.72 4.82
N ASN C 231 17.20 2.68 6.11
CA ASN C 231 18.11 2.12 7.10
C ASN C 231 18.37 0.63 6.83
N ARG C 232 17.34 -0.10 6.44
CA ARG C 232 17.48 -1.51 6.10
C ARG C 232 17.81 -1.73 4.63
N LEU C 233 17.93 -0.65 3.84
CA LEU C 233 18.24 -0.81 2.42
C LEU C 233 19.61 -1.44 2.22
N GLN C 234 20.60 -1.04 3.03
CA GLN C 234 21.93 -1.61 2.88
C GLN C 234 21.93 -3.11 3.10
N GLU C 235 21.09 -3.61 4.02
CA GLU C 235 20.99 -5.04 4.21
C GLU C 235 20.50 -5.73 2.95
N ALA C 236 19.53 -5.14 2.26
CA ALA C 236 19.06 -5.70 1.00
C ALA C 236 20.17 -5.71 -0.04
N LEU C 237 20.98 -4.65 -0.10
CA LEU C 237 22.09 -4.61 -1.04
C LEU C 237 23.07 -5.75 -0.77
N ASN C 238 23.41 -5.97 0.50
CA ASN C 238 24.31 -7.07 0.84
C ASN C 238 23.70 -8.41 0.47
N ASP C 239 22.40 -8.60 0.75
CA ASP C 239 21.75 -9.85 0.40
C ASP C 239 21.76 -10.05 -1.11
N PHE C 240 21.48 -9.00 -1.88
CA PHE C 240 21.55 -9.08 -3.33
C PHE C 240 22.98 -9.37 -3.78
N LYS C 241 23.96 -8.75 -3.13
CA LYS C 241 25.35 -9.00 -3.47
C LYS C 241 25.72 -10.46 -3.26
N SER C 242 25.29 -11.05 -2.14
CA SER C 242 25.59 -12.45 -1.87
C SER C 242 24.91 -13.35 -2.90
N ILE C 243 23.65 -13.08 -3.22
CA ILE C 243 22.93 -13.90 -4.19
C ILE C 243 23.58 -13.77 -5.57
N TRP C 244 23.91 -12.53 -5.96
CA TRP C 244 24.44 -12.29 -7.30
C TRP C 244 25.78 -13.00 -7.51
N ASN C 245 26.66 -12.94 -6.51
CA ASN C 245 28.02 -13.42 -6.64
C ASN C 245 28.20 -14.87 -6.20
N ASN C 246 27.11 -15.56 -5.85
CA ASN C 246 27.24 -16.94 -5.39
C ASN C 246 27.83 -17.82 -6.47
N ARG C 247 28.69 -18.76 -6.06
CA ARG C 247 29.36 -19.64 -7.01
C ARG C 247 28.38 -20.51 -7.78
N TRP C 248 27.33 -21.00 -7.12
CA TRP C 248 26.35 -21.87 -7.77
C TRP C 248 25.25 -21.10 -8.49
N LEU C 249 24.91 -19.91 -8.03
CA LEU C 249 23.90 -19.07 -8.69
C LEU C 249 24.55 -18.13 -9.70
N ARG C 250 25.36 -18.68 -10.61
CA ARG C 250 26.05 -17.88 -11.61
C ARG C 250 25.29 -17.73 -12.92
N THR C 251 24.21 -18.50 -13.10
CA THR C 251 23.44 -18.47 -14.34
C THR C 251 21.99 -18.10 -14.12
N ILE C 252 21.55 -17.94 -12.87
CA ILE C 252 20.16 -17.63 -12.56
C ILE C 252 19.98 -16.12 -12.55
N SER C 253 19.12 -15.63 -13.44
CA SER C 253 18.83 -14.21 -13.49
C SER C 253 17.99 -13.80 -12.28
N VAL C 254 18.12 -12.53 -11.89
CA VAL C 254 17.43 -11.98 -10.73
C VAL C 254 16.49 -10.90 -11.21
N ILE C 255 15.20 -11.05 -10.90
CA ILE C 255 14.19 -10.05 -11.20
C ILE C 255 14.03 -9.19 -9.95
N LEU C 256 14.49 -7.95 -10.03
CA LEU C 256 14.52 -7.04 -8.88
C LEU C 256 13.23 -6.24 -8.87
N PHE C 257 12.44 -6.43 -7.82
CA PHE C 257 11.17 -5.71 -7.63
C PHE C 257 11.36 -4.74 -6.47
N LEU C 258 11.39 -3.45 -6.78
CA LEU C 258 11.43 -2.40 -5.76
C LEU C 258 9.99 -2.14 -5.34
N ASN C 259 9.55 -2.86 -4.31
CA ASN C 259 8.14 -2.90 -3.95
C ASN C 259 7.70 -1.58 -3.33
N LYS C 260 6.37 -1.39 -3.30
CA LYS C 260 5.71 -0.28 -2.60
C LYS C 260 6.47 1.03 -2.80
N GLN C 261 6.56 1.44 -4.06
CA GLN C 261 7.14 2.74 -4.37
C GLN C 261 6.30 3.90 -3.86
N ASP C 262 5.00 3.66 -3.60
CA ASP C 262 4.14 4.73 -3.10
C ASP C 262 4.63 5.24 -1.75
N LEU C 263 5.01 4.32 -0.86
CA LEU C 263 5.53 4.73 0.45
C LEU C 263 6.81 5.55 0.29
N LEU C 264 7.69 5.13 -0.62
CA LEU C 264 8.90 5.90 -0.89
C LEU C 264 8.55 7.29 -1.41
N ALA C 265 7.57 7.37 -2.31
CA ALA C 265 7.17 8.67 -2.86
C ALA C 265 6.63 9.57 -1.76
N GLU C 266 5.76 9.04 -0.89
CA GLU C 266 5.21 9.86 0.18
C GLU C 266 6.30 10.35 1.12
N LYS C 267 7.24 9.47 1.48
CA LYS C 267 8.30 9.86 2.40
C LYS C 267 9.17 10.96 1.81
N VAL C 268 9.48 10.85 0.52
CA VAL C 268 10.34 11.86 -0.12
C VAL C 268 9.65 13.22 -0.09
N LEU C 269 8.36 13.27 -0.42
CA LEU C 269 7.62 14.53 -0.39
C LEU C 269 7.56 15.10 1.02
N ALA C 270 7.38 14.23 2.03
CA ALA C 270 7.33 14.70 3.41
C ALA C 270 8.64 15.39 3.80
N GLY C 271 9.76 14.77 3.48
CA GLY C 271 11.06 15.36 3.73
C GLY C 271 11.57 15.23 5.15
N LYS C 272 10.82 14.57 6.05
CA LYS C 272 11.29 14.43 7.42
C LYS C 272 12.56 13.61 7.49
N SER C 273 12.64 12.53 6.72
CA SER C 273 13.83 11.68 6.65
C SER C 273 14.54 11.95 5.33
N LYS C 274 15.83 12.23 5.41
CA LYS C 274 16.64 12.56 4.25
C LYS C 274 17.53 11.37 3.90
N ILE C 275 17.44 10.91 2.64
CA ILE C 275 18.25 9.78 2.20
C ILE C 275 19.73 10.12 2.18
N GLU C 276 20.07 11.41 2.13
CA GLU C 276 21.48 11.80 2.06
C GLU C 276 22.27 11.28 3.26
N ASP C 277 21.65 11.25 4.44
CA ASP C 277 22.36 10.82 5.64
C ASP C 277 22.83 9.36 5.53
N TYR C 278 21.95 8.48 5.04
CA TYR C 278 22.31 7.07 4.93
C TYR C 278 23.27 6.81 3.78
N PHE C 279 23.07 7.49 2.64
CA PHE C 279 23.92 7.32 1.46
C PHE C 279 24.51 8.68 1.11
N PRO C 280 25.72 9.00 1.59
CA PRO C 280 26.28 10.33 1.32
C PRO C 280 26.46 10.62 -0.16
N GLU C 281 26.63 9.59 -1.00
CA GLU C 281 26.78 9.79 -2.43
C GLU C 281 25.56 10.44 -3.05
N PHE C 282 24.38 10.26 -2.45
CA PHE C 282 23.14 10.76 -3.06
C PHE C 282 23.22 12.25 -3.35
N ALA C 283 23.99 13.01 -2.57
CA ALA C 283 24.12 14.44 -2.83
C ALA C 283 24.70 14.70 -4.22
N ARG C 284 25.69 13.90 -4.63
CA ARG C 284 26.33 14.06 -5.93
C ARG C 284 25.68 13.19 -7.01
N TYR C 285 24.40 12.87 -6.87
CA TYR C 285 23.71 12.02 -7.84
C TYR C 285 22.82 12.86 -8.73
N THR C 286 22.81 12.53 -10.02
CA THR C 286 21.98 13.20 -11.01
C THR C 286 21.06 12.18 -11.67
N THR C 287 19.84 12.61 -11.98
CA THR C 287 18.87 11.71 -12.58
C THR C 287 19.37 11.24 -13.94
N PRO C 288 19.34 9.95 -14.24
CA PRO C 288 19.81 9.48 -15.55
C PRO C 288 18.99 10.09 -16.69
N GLU C 289 19.69 10.40 -17.79
CA GLU C 289 19.01 10.97 -18.94
C GLU C 289 18.04 9.97 -19.57
N ASP C 290 18.40 8.69 -19.57
CA ASP C 290 17.56 7.66 -20.15
C ASP C 290 16.32 7.36 -19.31
N ALA C 291 16.27 7.87 -18.07
CA ALA C 291 15.10 7.65 -17.23
C ALA C 291 13.86 8.29 -17.86
N THR C 292 12.69 7.69 -17.60
CA THR C 292 11.43 8.13 -18.15
C THR C 292 10.43 8.34 -17.02
N PRO C 293 10.55 9.42 -16.26
CA PRO C 293 9.62 9.67 -15.16
C PRO C 293 8.22 10.01 -15.66
N GLU C 294 7.24 9.72 -14.81
CA GLU C 294 5.87 10.10 -15.12
C GLU C 294 5.75 11.62 -15.11
N PRO C 295 5.02 12.21 -16.07
CA PRO C 295 4.89 13.67 -16.08
C PRO C 295 4.30 14.24 -14.80
N GLY C 296 3.36 13.55 -14.17
CA GLY C 296 2.69 14.02 -12.98
C GLY C 296 3.35 13.63 -11.67
N GLU C 297 4.60 13.18 -11.69
CA GLU C 297 5.31 12.73 -10.50
C GLU C 297 6.45 13.69 -10.19
N ASP C 298 6.70 13.89 -8.89
CA ASP C 298 7.69 14.85 -8.46
C ASP C 298 9.07 14.44 -8.96
N PRO C 299 9.86 15.37 -9.52
CA PRO C 299 11.23 15.01 -9.91
C PRO C 299 12.07 14.49 -8.76
N ARG C 300 11.75 14.89 -7.52
CA ARG C 300 12.48 14.36 -6.37
C ARG C 300 12.26 12.85 -6.23
N VAL C 301 11.02 12.40 -6.45
CA VAL C 301 10.71 10.98 -6.26
C VAL C 301 11.50 10.13 -7.25
N THR C 302 11.51 10.53 -8.53
CA THR C 302 12.24 9.77 -9.52
C THR C 302 13.73 9.76 -9.25
N ARG C 303 14.27 10.88 -8.78
CA ARG C 303 15.70 10.94 -8.45
C ARG C 303 16.03 9.94 -7.35
N ALA C 304 15.16 9.84 -6.34
CA ALA C 304 15.41 8.92 -5.24
C ALA C 304 15.31 7.46 -5.69
N LYS C 305 14.23 7.12 -6.40
CA LYS C 305 14.02 5.72 -6.78
C LYS C 305 15.08 5.26 -7.78
N TYR C 306 15.44 6.11 -8.74
CA TYR C 306 16.46 5.74 -9.71
C TYR C 306 17.84 5.63 -9.08
N PHE C 307 18.12 6.42 -8.03
CA PHE C 307 19.36 6.24 -7.29
C PHE C 307 19.43 4.85 -6.66
N ILE C 308 18.30 4.40 -6.09
CA ILE C 308 18.24 3.05 -5.53
C ILE C 308 18.45 2.02 -6.63
N ARG C 309 17.81 2.23 -7.79
CA ARG C 309 18.00 1.32 -8.91
C ARG C 309 19.45 1.29 -9.35
N ASP C 310 20.09 2.47 -9.42
CA ASP C 310 21.50 2.53 -9.81
C ASP C 310 22.38 1.78 -8.81
N GLU C 311 22.09 1.91 -7.52
CA GLU C 311 22.90 1.23 -6.52
C GLU C 311 22.85 -0.29 -6.71
N PHE C 312 21.65 -0.83 -6.94
CA PHE C 312 21.53 -2.27 -7.19
C PHE C 312 22.22 -2.65 -8.49
N LEU C 313 22.07 -1.84 -9.54
CA LEU C 313 22.69 -2.16 -10.82
C LEU C 313 24.21 -2.07 -10.75
N ARG C 314 24.74 -1.24 -9.85
CA ARG C 314 26.19 -1.20 -9.66
C ARG C 314 26.70 -2.56 -9.19
N ILE C 315 26.00 -3.18 -8.25
CA ILE C 315 26.37 -4.52 -7.81
C ILE C 315 26.18 -5.52 -8.94
N SER C 316 25.09 -5.37 -9.70
CA SER C 316 24.81 -6.30 -10.79
C SER C 316 25.90 -6.26 -11.85
N THR C 317 26.36 -5.05 -12.22
CA THR C 317 27.36 -4.89 -13.26
C THR C 317 28.78 -4.99 -12.74
N ALA C 318 28.99 -5.05 -11.43
CA ALA C 318 30.34 -5.16 -10.89
C ALA C 318 30.99 -6.46 -11.32
N SER C 319 30.25 -7.57 -11.29
CA SER C 319 30.76 -8.87 -11.68
C SER C 319 30.00 -9.48 -12.84
N GLY C 320 28.67 -9.42 -12.81
CA GLY C 320 27.87 -10.01 -13.87
C GLY C 320 28.02 -9.21 -15.16
N ASP C 321 28.50 -9.86 -16.22
CA ASP C 321 28.66 -9.23 -17.52
C ASP C 321 27.76 -9.85 -18.58
N GLY C 322 27.88 -11.15 -18.81
CA GLY C 322 27.09 -11.81 -19.83
C GLY C 322 26.50 -13.14 -19.42
N ARG C 323 26.93 -13.69 -18.28
CA ARG C 323 26.46 -15.01 -17.89
C ARG C 323 25.03 -14.96 -17.37
N HIS C 324 24.67 -13.92 -16.61
CA HIS C 324 23.31 -13.75 -16.15
C HIS C 324 23.06 -12.25 -15.96
N TYR C 325 21.78 -11.88 -16.02
CA TYR C 325 21.39 -10.48 -16.08
C TYR C 325 20.36 -10.17 -15.00
N CYS C 326 20.29 -8.90 -14.64
CA CYS C 326 19.34 -8.39 -13.65
C CYS C 326 18.37 -7.45 -14.35
N TYR C 327 17.08 -7.59 -14.05
CA TYR C 327 16.03 -6.76 -14.64
C TYR C 327 15.37 -5.92 -13.57
N PRO C 328 15.76 -4.66 -13.41
CA PRO C 328 15.09 -3.82 -12.40
C PRO C 328 13.66 -3.51 -12.78
N HIS C 329 12.82 -3.34 -11.77
CA HIS C 329 11.42 -3.00 -11.98
C HIS C 329 10.92 -2.21 -10.78
N PHE C 330 9.95 -1.32 -11.03
CA PHE C 330 9.28 -0.57 -9.98
C PHE C 330 7.90 -1.19 -9.76
N THR C 331 7.70 -1.76 -8.58
CA THR C 331 6.51 -2.55 -8.29
C THR C 331 5.78 -1.97 -7.09
N CYS C 332 4.45 -1.98 -7.15
CA CYS C 332 3.59 -1.64 -6.04
C CYS C 332 2.83 -2.88 -5.60
N SER C 333 2.52 -2.94 -4.30
CA SER C 333 1.88 -4.12 -3.75
C SER C 333 0.55 -4.40 -4.42
N VAL C 334 -0.24 -3.35 -4.67
CA VAL C 334 -1.57 -3.54 -5.25
C VAL C 334 -1.54 -3.71 -6.77
N ASP C 335 -0.44 -3.39 -7.43
CA ASP C 335 -0.37 -3.50 -8.88
C ASP C 335 -0.56 -4.96 -9.29
N THR C 336 -1.40 -5.16 -10.31
CA THR C 336 -1.66 -6.49 -10.86
C THR C 336 -0.80 -6.81 -12.07
N GLU C 337 0.11 -5.92 -12.43
CA GLU C 337 0.97 -6.10 -13.59
C GLU C 337 2.21 -6.94 -13.30
N ASN C 338 2.39 -7.39 -12.05
CA ASN C 338 3.59 -8.14 -11.70
C ASN C 338 3.71 -9.41 -12.51
N ALA C 339 2.59 -10.12 -12.72
CA ALA C 339 2.64 -11.37 -13.47
C ALA C 339 3.13 -11.14 -14.89
N ARG C 340 2.66 -10.08 -15.55
CA ARG C 340 3.10 -9.80 -16.91
C ARG C 340 4.59 -9.48 -16.95
N ARG C 341 5.08 -8.70 -15.97
CA ARG C 341 6.51 -8.41 -15.92
C ARG C 341 7.33 -9.68 -15.76
N ILE C 342 6.88 -10.59 -14.88
CA ILE C 342 7.60 -11.84 -14.70
C ILE C 342 7.58 -12.66 -15.99
N PHE C 343 6.42 -12.71 -16.65
CA PHE C 343 6.33 -13.47 -17.90
C PHE C 343 7.28 -12.90 -18.95
N ASN C 344 7.31 -11.57 -19.07
CA ASN C 344 8.22 -10.95 -20.04
C ASN C 344 9.67 -11.22 -19.66
N ASP C 345 10.00 -11.11 -18.37
CA ASP C 345 11.37 -11.37 -17.93
C ASP C 345 11.76 -12.83 -18.20
N CYS C 346 10.87 -13.77 -17.91
CA CYS C 346 11.16 -15.17 -18.19
C CYS C 346 11.35 -15.41 -19.69
N ARG C 347 10.52 -14.79 -20.52
CA ARG C 347 10.66 -14.95 -21.97
C ARG C 347 12.02 -14.42 -22.43
N ASP C 348 12.44 -13.27 -21.91
CA ASP C 348 13.74 -12.73 -22.27
C ASP C 348 14.87 -13.67 -21.83
N ILE C 349 14.76 -14.24 -20.63
CA ILE C 349 15.80 -15.13 -20.12
C ILE C 349 15.92 -16.36 -21.01
N ILE C 350 14.77 -16.97 -21.35
CA ILE C 350 14.80 -18.17 -22.19
C ILE C 350 15.38 -17.85 -23.56
N GLN C 351 14.95 -16.72 -24.14
CA GLN C 351 15.47 -16.34 -25.46
C GLN C 351 16.97 -16.08 -25.40
N ARG C 352 17.44 -15.40 -24.36
CA ARG C 352 18.86 -15.16 -24.22
C ARG C 352 19.63 -16.46 -24.06
N MET C 353 19.10 -17.40 -23.28
CA MET C 353 19.75 -18.69 -23.12
C MET C 353 19.86 -19.42 -24.45
N HIS C 354 18.78 -19.40 -25.24
CA HIS C 354 18.81 -20.06 -26.54
C HIS C 354 19.85 -19.41 -27.45
N LEU C 355 19.93 -18.07 -27.43
CA LEU C 355 20.94 -17.38 -28.23
C LEU C 355 22.34 -17.77 -27.78
N ARG C 356 22.55 -17.89 -26.47
CA ARG C 356 23.86 -18.29 -25.95
C ARG C 356 24.24 -19.68 -26.44
N GLN C 357 23.26 -20.58 -26.57
CA GLN C 357 23.56 -21.93 -27.06
C GLN C 357 24.13 -21.90 -28.48
N TYR C 358 23.75 -20.90 -29.27
CA TYR C 358 24.31 -20.70 -30.61
C TYR C 358 25.52 -19.78 -30.61
N GLU C 359 25.97 -19.33 -29.44
CA GLU C 359 27.13 -18.44 -29.35
C GLU C 359 26.90 -17.15 -30.14
N LEU C 360 25.67 -16.64 -30.09
CA LEU C 360 25.33 -15.38 -30.74
C LEU C 360 25.31 -14.20 -29.78
N LEU C 361 25.16 -14.44 -28.48
CA LEU C 361 25.12 -13.36 -27.50
C LEU C 361 25.95 -13.73 -26.28
N GLU D 37 27.89 -13.33 36.46
CA GLU D 37 27.23 -14.67 36.31
C GLU D 37 27.65 -15.33 35.02
N LEU D 38 27.70 -14.56 33.94
CA LEU D 38 28.14 -15.10 32.66
C LEU D 38 29.65 -15.34 32.63
N ASP D 39 30.42 -14.41 33.21
CA ASP D 39 31.87 -14.55 33.19
C ASP D 39 32.31 -15.78 33.97
N GLN D 40 31.77 -15.99 35.17
CA GLN D 40 32.17 -17.13 35.97
C GLN D 40 31.84 -18.46 35.30
N LEU D 41 30.83 -18.48 34.43
CA LEU D 41 30.51 -19.69 33.67
C LEU D 41 31.35 -19.83 32.41
N ARG D 42 31.57 -18.72 31.69
CA ARG D 42 32.41 -18.78 30.49
C ARG D 42 33.84 -19.17 30.83
N GLN D 43 34.40 -18.60 31.90
CA GLN D 43 35.76 -18.94 32.28
C GLN D 43 35.87 -20.41 32.66
N GLU D 44 34.87 -20.93 33.38
CA GLU D 44 34.88 -22.36 33.71
C GLU D 44 34.85 -23.21 32.45
N ALA D 45 34.05 -22.81 31.46
CA ALA D 45 34.01 -23.55 30.20
C ALA D 45 35.36 -23.51 29.51
N GLU D 46 36.02 -22.35 29.50
CA GLU D 46 37.35 -22.26 28.90
C GLU D 46 38.35 -23.13 29.65
N GLN D 47 38.27 -23.14 30.99
CA GLN D 47 39.15 -24.00 31.77
C GLN D 47 38.89 -25.46 31.45
N LEU D 48 37.62 -25.86 31.35
CA LEU D 48 37.31 -27.24 30.97
C LEU D 48 37.86 -27.56 29.58
N LYS D 49 37.60 -26.69 28.60
CA LYS D 49 38.10 -26.93 27.25
C LYS D 49 39.61 -27.12 27.26
N ASN D 50 40.32 -26.31 28.06
CA ASN D 50 41.77 -26.49 28.19
C ASN D 50 42.08 -27.87 28.75
N GLN D 51 41.31 -28.33 29.73
CA GLN D 51 41.56 -29.64 30.33
C GLN D 51 41.38 -30.75 29.28
N ILE D 52 40.35 -30.64 28.45
CA ILE D 52 40.15 -31.65 27.40
C ILE D 52 41.32 -31.64 26.43
N ARG D 53 41.77 -30.45 26.03
CA ARG D 53 42.91 -30.36 25.12
C ARG D 53 44.16 -30.98 25.74
N ASP D 54 44.41 -30.70 27.02
CA ASP D 54 45.56 -31.30 27.69
C ASP D 54 45.43 -32.82 27.74
N ALA D 55 44.22 -33.32 28.02
CA ALA D 55 44.01 -34.76 28.01
C ALA D 55 44.26 -35.36 26.64
N ARG D 56 43.81 -34.67 25.58
CA ARG D 56 44.06 -35.16 24.23
C ARG D 56 45.56 -35.20 23.92
N LYS D 57 46.29 -34.15 24.32
CA LYS D 57 47.72 -34.10 24.06
C LYS D 57 48.46 -35.17 24.86
N ALA D 58 48.03 -35.43 26.09
CA ALA D 58 48.73 -36.41 26.93
C ALA D 58 48.68 -37.80 26.32
N CYS D 59 47.54 -38.19 25.75
CA CYS D 59 47.38 -39.52 25.19
C CYS D 59 47.89 -39.63 23.76
N ALA D 60 48.40 -38.55 23.17
CA ALA D 60 48.94 -38.57 21.81
C ALA D 60 50.31 -39.24 21.86
N ASP D 61 50.29 -40.57 21.93
CA ASP D 61 51.54 -41.32 22.02
C ASP D 61 52.38 -41.15 20.76
N ALA D 62 51.75 -41.21 19.59
CA ALA D 62 52.46 -41.09 18.33
C ALA D 62 51.47 -40.64 17.26
N THR D 63 51.89 -40.70 16.00
CA THR D 63 51.06 -40.31 14.87
C THR D 63 50.77 -41.53 14.01
N LEU D 64 49.56 -41.59 13.47
CA LEU D 64 49.16 -42.74 12.67
C LEU D 64 50.06 -42.91 11.44
N SER D 65 50.38 -41.79 10.77
CA SER D 65 51.27 -41.87 9.62
C SER D 65 52.63 -42.41 10.00
N GLN D 66 53.14 -42.06 11.19
CA GLN D 66 54.46 -42.51 11.60
C GLN D 66 54.51 -44.04 11.72
N ILE D 67 53.46 -44.65 12.26
CA ILE D 67 53.46 -46.10 12.47
C ILE D 67 53.05 -46.88 11.23
N THR D 68 52.57 -46.20 10.19
CA THR D 68 52.17 -46.85 8.94
C THR D 68 53.26 -46.75 7.88
N ASN D 69 54.45 -46.29 8.22
CA ASN D 69 55.53 -46.18 7.23
C ASN D 69 55.89 -47.55 6.68
N ASN D 70 55.96 -48.56 7.54
CA ASN D 70 56.32 -49.92 7.11
C ASN D 70 55.09 -50.69 6.64
N ILE D 71 54.36 -50.11 5.70
CA ILE D 71 53.18 -50.73 5.11
C ILE D 71 53.27 -50.59 3.60
N ASP D 72 53.01 -51.68 2.90
CA ASP D 72 53.08 -51.66 1.44
C ASP D 72 52.03 -50.69 0.89
N PRO D 73 52.38 -49.77 0.00
CA PRO D 73 51.39 -48.83 -0.52
C PRO D 73 50.30 -49.53 -1.30
N VAL D 74 49.09 -48.96 -1.25
CA VAL D 74 47.96 -49.55 -1.96
C VAL D 74 48.23 -49.56 -3.46
N GLY D 75 48.76 -48.47 -3.99
CA GLY D 75 49.03 -48.38 -5.42
C GLY D 75 47.87 -47.80 -6.19
N ARG D 76 48.10 -47.61 -7.48
CA ARG D 76 47.10 -47.01 -8.35
C ARG D 76 45.91 -47.96 -8.50
N ILE D 77 44.70 -47.41 -8.40
CA ILE D 77 43.46 -48.16 -8.56
C ILE D 77 42.72 -47.59 -9.75
N GLN D 78 42.36 -48.46 -10.69
CA GLN D 78 41.62 -48.07 -11.88
C GLN D 78 40.22 -48.66 -11.79
N MET D 79 39.21 -47.79 -11.75
CA MET D 79 37.82 -48.19 -11.68
C MET D 79 37.09 -47.71 -12.92
N ARG D 80 36.34 -48.61 -13.55
CA ARG D 80 35.62 -48.32 -14.78
C ARG D 80 34.12 -48.27 -14.51
N THR D 81 33.42 -47.42 -15.25
CA THR D 81 31.98 -47.30 -15.11
C THR D 81 31.31 -48.51 -15.75
N ARG D 82 30.70 -49.36 -14.92
CA ARG D 82 30.07 -50.58 -15.41
C ARG D 82 28.62 -50.38 -15.81
N ARG D 83 27.87 -49.61 -15.01
CA ARG D 83 26.46 -49.34 -15.28
C ARG D 83 26.21 -47.85 -15.23
N THR D 84 25.44 -47.35 -16.18
CA THR D 84 25.02 -45.95 -16.22
C THR D 84 23.50 -45.91 -16.16
N LEU D 85 22.98 -45.28 -15.10
CA LEU D 85 21.55 -45.19 -14.87
C LEU D 85 21.08 -43.78 -15.20
N ARG D 86 20.09 -43.67 -16.08
CA ARG D 86 19.57 -42.39 -16.54
C ARG D 86 18.05 -42.45 -16.56
N GLY D 87 17.42 -41.29 -16.43
CA GLY D 87 15.96 -41.23 -16.40
C GLY D 87 15.46 -40.16 -15.45
N HIS D 88 16.28 -39.77 -14.48
CA HIS D 88 15.92 -38.67 -13.60
C HIS D 88 15.94 -37.36 -14.37
N LEU D 89 15.00 -36.48 -14.04
CA LEU D 89 14.86 -35.21 -14.74
C LEU D 89 15.80 -34.14 -14.18
N ALA D 90 15.79 -33.95 -12.86
CA ALA D 90 16.60 -32.94 -12.21
C ALA D 90 17.82 -33.59 -11.57
N LYS D 91 18.60 -32.79 -10.85
CA LYS D 91 19.83 -33.27 -10.24
C LYS D 91 19.57 -34.31 -9.17
N ILE D 92 20.47 -35.28 -9.05
CA ILE D 92 20.42 -36.25 -7.98
C ILE D 92 21.04 -35.64 -6.72
N TYR D 93 20.33 -35.74 -5.60
CA TYR D 93 20.82 -35.18 -4.34
C TYR D 93 21.32 -36.24 -3.37
N ALA D 94 20.71 -37.42 -3.34
CA ALA D 94 21.12 -38.47 -2.43
C ALA D 94 20.70 -39.83 -2.97
N MET D 95 21.34 -40.87 -2.44
CA MET D 95 21.02 -42.23 -2.80
C MET D 95 21.46 -43.15 -1.67
N HIS D 96 20.88 -44.35 -1.64
CA HIS D 96 21.21 -45.34 -0.62
C HIS D 96 21.16 -46.73 -1.23
N TRP D 97 22.12 -47.57 -0.83
CA TRP D 97 22.15 -48.95 -1.30
C TRP D 97 21.24 -49.83 -0.46
N GLY D 98 20.96 -51.02 -0.98
CA GLY D 98 20.17 -52.01 -0.27
C GLY D 98 21.02 -53.01 0.50
N THR D 99 20.37 -53.76 1.37
CA THR D 99 21.07 -54.77 2.16
C THR D 99 21.68 -55.84 1.26
N ASP D 100 20.96 -56.26 0.23
CA ASP D 100 21.43 -57.31 -0.67
C ASP D 100 22.37 -56.78 -1.75
N SER D 101 22.62 -55.47 -1.78
CA SER D 101 23.49 -54.87 -2.79
C SER D 101 22.94 -55.08 -4.20
N ARG D 102 21.62 -55.16 -4.31
CA ARG D 102 20.95 -55.36 -5.59
C ARG D 102 20.08 -54.18 -5.98
N LEU D 103 19.27 -53.67 -5.05
CA LEU D 103 18.37 -52.56 -5.29
C LEU D 103 18.89 -51.31 -4.58
N LEU D 104 18.89 -50.19 -5.29
CA LEU D 104 19.30 -48.91 -4.74
C LEU D 104 18.19 -47.89 -4.97
N VAL D 105 18.14 -46.90 -4.08
CA VAL D 105 17.11 -45.86 -4.12
C VAL D 105 17.80 -44.53 -4.39
N SER D 106 17.25 -43.77 -5.35
CA SER D 106 17.79 -42.47 -5.72
C SER D 106 16.67 -41.43 -5.66
N ALA D 107 17.03 -40.22 -5.23
CA ALA D 107 16.09 -39.12 -5.11
C ALA D 107 16.58 -37.96 -5.97
N SER D 108 15.66 -37.32 -6.68
CA SER D 108 15.97 -36.21 -7.56
C SER D 108 15.11 -35.00 -7.19
N GLN D 109 15.63 -33.81 -7.49
CA GLN D 109 14.93 -32.57 -7.15
C GLN D 109 13.66 -32.36 -7.95
N ASP D 110 13.44 -33.14 -9.02
CA ASP D 110 12.21 -33.01 -9.79
C ASP D 110 11.01 -33.63 -9.09
N GLY D 111 11.22 -34.33 -8.00
CA GLY D 111 10.14 -34.97 -7.27
C GLY D 111 9.98 -36.45 -7.51
N LYS D 112 11.01 -37.13 -8.02
CA LYS D 112 10.94 -38.55 -8.30
C LYS D 112 11.90 -39.31 -7.39
N LEU D 113 11.45 -40.47 -6.91
CA LEU D 113 12.27 -41.38 -6.11
C LEU D 113 12.25 -42.73 -6.81
N ILE D 114 13.33 -43.03 -7.54
CA ILE D 114 13.41 -44.19 -8.41
C ILE D 114 14.24 -45.27 -7.74
N ILE D 115 13.74 -46.49 -7.75
CA ILE D 115 14.47 -47.65 -7.26
C ILE D 115 15.06 -48.38 -8.46
N TRP D 116 16.39 -48.45 -8.51
CA TRP D 116 17.10 -49.04 -9.63
C TRP D 116 17.62 -50.43 -9.28
N ASP D 117 17.73 -51.27 -10.30
CA ASP D 117 18.39 -52.57 -10.17
C ASP D 117 19.79 -52.46 -10.75
N SER D 118 20.81 -52.59 -9.90
CA SER D 118 22.17 -52.34 -10.32
C SER D 118 22.66 -53.33 -11.36
N TYR D 119 22.10 -54.54 -11.39
CA TYR D 119 22.61 -55.56 -12.30
C TYR D 119 22.07 -55.37 -13.72
N THR D 120 20.76 -55.44 -13.89
CA THR D 120 20.14 -55.39 -15.20
C THR D 120 19.72 -53.98 -15.61
N THR D 121 19.96 -52.98 -14.77
CA THR D 121 19.61 -51.58 -15.02
C THR D 121 18.11 -51.34 -14.99
N ASN D 122 17.30 -52.36 -14.75
CA ASN D 122 15.85 -52.19 -14.76
C ASN D 122 15.41 -51.32 -13.59
N LYS D 123 14.36 -50.53 -13.84
CA LYS D 123 13.76 -49.72 -12.80
C LYS D 123 12.58 -50.47 -12.18
N VAL D 124 12.58 -50.56 -10.86
CA VAL D 124 11.53 -51.30 -10.15
C VAL D 124 10.38 -50.39 -9.75
N HIS D 125 10.68 -49.20 -9.25
CA HIS D 125 9.64 -48.26 -8.81
C HIS D 125 10.08 -46.85 -9.16
N ALA D 126 9.08 -45.97 -9.30
CA ALA D 126 9.32 -44.55 -9.55
C ALA D 126 8.25 -43.78 -8.78
N ILE D 127 8.61 -43.28 -7.60
CA ILE D 127 7.65 -42.69 -6.68
C ILE D 127 7.53 -41.21 -6.98
N PRO D 128 6.35 -40.70 -7.36
CA PRO D 128 6.18 -39.24 -7.50
C PRO D 128 6.00 -38.60 -6.14
N LEU D 129 7.04 -37.91 -5.68
CA LEU D 129 7.03 -37.34 -4.33
C LEU D 129 6.14 -36.10 -4.28
N ARG D 130 5.50 -35.91 -3.12
CA ARG D 130 4.61 -34.77 -2.96
C ARG D 130 5.38 -33.45 -3.06
N SER D 131 6.57 -33.39 -2.46
CA SER D 131 7.42 -32.21 -2.49
C SER D 131 8.57 -32.43 -3.47
N SER D 132 8.72 -31.50 -4.42
CA SER D 132 9.76 -31.65 -5.43
C SER D 132 11.15 -31.59 -4.82
N TRP D 133 11.37 -30.67 -3.88
CA TRP D 133 12.69 -30.46 -3.29
C TRP D 133 12.94 -31.57 -2.27
N VAL D 134 13.92 -32.44 -2.58
CA VAL D 134 14.27 -33.57 -1.75
C VAL D 134 15.78 -33.54 -1.52
N MET D 135 16.19 -33.70 -0.27
CA MET D 135 17.60 -33.63 0.09
C MET D 135 18.19 -34.94 0.61
N THR D 136 17.38 -35.96 0.84
CA THR D 136 17.91 -37.24 1.30
C THR D 136 16.90 -38.35 1.03
N CYS D 137 17.38 -39.58 1.08
CA CYS D 137 16.55 -40.76 0.93
C CYS D 137 17.25 -41.93 1.60
N ALA D 138 16.45 -42.83 2.18
CA ALA D 138 16.97 -43.96 2.93
C ALA D 138 16.31 -45.24 2.47
N TYR D 139 17.06 -46.35 2.56
CA TYR D 139 16.58 -47.67 2.19
C TYR D 139 16.64 -48.56 3.42
N ALA D 140 15.49 -49.09 3.82
CA ALA D 140 15.42 -49.88 5.04
C ALA D 140 16.21 -51.19 4.87
N PRO D 141 16.91 -51.65 5.91
CA PRO D 141 17.63 -52.92 5.80
C PRO D 141 16.74 -54.06 5.34
N SER D 142 15.50 -54.13 5.82
CA SER D 142 14.56 -55.15 5.37
C SER D 142 14.08 -54.90 3.94
N GLY D 143 14.13 -53.66 3.48
CA GLY D 143 13.69 -53.32 2.14
C GLY D 143 12.19 -53.14 1.99
N ASN D 144 11.42 -53.30 3.07
CA ASN D 144 9.98 -53.11 2.97
C ASN D 144 9.57 -51.65 2.92
N TYR D 145 10.37 -50.76 3.51
CA TYR D 145 10.03 -49.35 3.58
C TYR D 145 11.18 -48.50 3.06
N VAL D 146 10.83 -47.34 2.50
CA VAL D 146 11.79 -46.38 1.98
C VAL D 146 11.41 -45.01 2.52
N ALA D 147 12.40 -44.27 3.02
CA ALA D 147 12.18 -42.96 3.62
C ALA D 147 12.82 -41.87 2.77
N CYS D 148 12.33 -40.65 2.96
CA CYS D 148 12.82 -39.50 2.20
C CYS D 148 12.44 -38.23 2.95
N GLY D 149 13.06 -37.13 2.56
CA GLY D 149 12.77 -35.83 3.16
C GLY D 149 13.45 -34.73 2.38
N GLY D 150 13.04 -33.50 2.67
CA GLY D 150 13.59 -32.35 1.99
C GLY D 150 13.26 -31.03 2.66
N LEU D 151 13.11 -29.97 1.86
CA LEU D 151 12.85 -28.65 2.40
C LEU D 151 11.48 -28.56 3.07
N ASP D 152 10.57 -29.48 2.78
CA ASP D 152 9.24 -29.46 3.39
C ASP D 152 9.27 -29.76 4.87
N ASN D 153 10.40 -30.25 5.40
CA ASN D 153 10.53 -30.60 6.81
C ASN D 153 9.68 -31.81 7.18
N ILE D 154 9.21 -32.56 6.18
CA ILE D 154 8.36 -33.72 6.39
C ILE D 154 9.13 -34.96 5.94
N CYS D 155 9.21 -35.95 6.81
CA CYS D 155 9.85 -37.22 6.50
C CYS D 155 8.78 -38.20 6.04
N SER D 156 8.75 -38.48 4.74
CA SER D 156 7.75 -39.35 4.14
C SER D 156 8.32 -40.75 3.99
N ILE D 157 7.58 -41.75 4.45
CA ILE D 157 7.99 -43.15 4.40
C ILE D 157 6.95 -43.91 3.59
N TYR D 158 7.40 -44.66 2.60
CA TYR D 158 6.54 -45.42 1.71
C TYR D 158 6.76 -46.91 1.93
N ASN D 159 5.68 -47.68 1.86
CA ASN D 159 5.70 -49.11 2.10
C ASN D 159 5.61 -49.84 0.76
N LEU D 160 6.55 -50.76 0.53
CA LEU D 160 6.59 -51.55 -0.69
C LEU D 160 5.95 -52.92 -0.53
N LYS D 161 5.35 -53.21 0.62
CA LYS D 161 4.72 -54.50 0.86
C LYS D 161 3.30 -54.58 0.32
N THR D 162 2.77 -53.50 -0.24
CA THR D 162 1.38 -53.51 -0.70
C THR D 162 1.16 -54.61 -1.73
N ARG D 163 0.10 -55.39 -1.52
CA ARG D 163 -0.20 -56.48 -2.46
C ARG D 163 -0.64 -55.95 -3.81
N GLU D 164 -1.38 -54.85 -3.84
CA GLU D 164 -1.85 -54.28 -5.10
C GLU D 164 -0.70 -53.83 -6.00
N GLY D 165 0.49 -53.65 -5.46
CA GLY D 165 1.60 -53.11 -6.22
C GLY D 165 1.62 -51.60 -6.30
N ASN D 166 0.59 -50.92 -5.80
CA ASN D 166 0.54 -49.47 -5.82
C ASN D 166 1.17 -48.91 -4.56
N VAL D 167 2.29 -48.21 -4.72
CA VAL D 167 2.95 -47.58 -3.58
C VAL D 167 2.04 -46.54 -2.95
N ARG D 168 2.30 -46.20 -1.70
CA ARG D 168 1.55 -45.18 -1.00
C ARG D 168 2.38 -44.65 0.16
N VAL D 169 2.00 -43.49 0.67
CA VAL D 169 2.69 -42.86 1.78
C VAL D 169 2.30 -43.58 3.06
N SER D 170 3.15 -44.50 3.53
CA SER D 170 2.83 -45.27 4.73
C SER D 170 2.70 -44.37 5.95
N ARG D 171 3.62 -43.41 6.10
CA ARG D 171 3.62 -42.55 7.27
C ARG D 171 4.29 -41.22 6.91
N GLU D 172 3.86 -40.16 7.59
CA GLU D 172 4.45 -38.84 7.46
C GLU D 172 4.80 -38.31 8.83
N LEU D 173 5.97 -37.70 8.94
CA LEU D 173 6.49 -37.19 10.21
C LEU D 173 6.73 -35.69 10.08
N ALA D 174 6.18 -34.92 11.00
CA ALA D 174 6.27 -33.46 10.99
C ALA D 174 6.57 -32.96 12.40
N GLY D 175 7.85 -32.88 12.74
CA GLY D 175 8.26 -32.36 14.03
C GLY D 175 9.51 -31.50 13.97
N HIS D 176 10.04 -31.27 12.77
CA HIS D 176 11.27 -30.52 12.57
C HIS D 176 10.94 -29.18 11.95
N THR D 177 11.55 -28.11 12.49
CA THR D 177 11.33 -26.78 11.94
C THR D 177 12.26 -26.48 10.77
N GLY D 178 13.50 -26.97 10.84
CA GLY D 178 14.46 -26.75 9.78
C GLY D 178 14.30 -27.73 8.64
N TYR D 179 15.08 -27.50 7.59
CA TYR D 179 15.04 -28.36 6.42
C TYR D 179 15.56 -29.75 6.77
N LEU D 180 14.95 -30.77 6.17
CA LEU D 180 15.35 -32.15 6.41
C LEU D 180 16.62 -32.44 5.62
N SER D 181 17.66 -32.88 6.32
CA SER D 181 18.99 -33.07 5.72
C SER D 181 19.35 -34.54 5.49
N CYS D 182 19.10 -35.41 6.46
CA CYS D 182 19.48 -36.81 6.34
C CYS D 182 18.57 -37.65 7.23
N CYS D 183 18.56 -38.95 6.95
CA CYS D 183 17.76 -39.89 7.72
C CYS D 183 18.27 -41.30 7.46
N ARG D 184 18.32 -42.10 8.52
CA ARG D 184 18.80 -43.48 8.44
C ARG D 184 17.83 -44.39 9.17
N PHE D 185 17.74 -45.63 8.69
CA PHE D 185 16.81 -46.61 9.24
C PHE D 185 17.50 -47.48 10.28
N LEU D 186 16.89 -47.56 11.46
CA LEU D 186 17.34 -48.49 12.49
C LEU D 186 16.68 -49.86 12.33
N ASP D 187 15.37 -49.87 12.13
CA ASP D 187 14.61 -51.10 11.90
C ASP D 187 13.33 -50.70 11.18
N ASP D 188 12.39 -51.65 11.09
CA ASP D 188 11.12 -51.37 10.44
C ASP D 188 10.25 -50.40 11.24
N ASN D 189 10.59 -50.11 12.49
CA ASN D 189 9.78 -49.25 13.34
C ASN D 189 10.51 -48.02 13.86
N GLN D 190 11.85 -48.01 13.85
CA GLN D 190 12.63 -46.90 14.39
C GLN D 190 13.49 -46.30 13.29
N ILE D 191 13.51 -44.97 13.23
CA ILE D 191 14.27 -44.24 12.22
C ILE D 191 14.93 -43.04 12.89
N VAL D 192 16.19 -42.79 12.54
CA VAL D 192 16.95 -41.64 13.02
C VAL D 192 16.93 -40.58 11.94
N THR D 193 16.56 -39.35 12.33
CA THR D 193 16.37 -38.26 11.38
C THR D 193 17.22 -37.07 11.78
N SER D 194 17.74 -36.37 10.77
CA SER D 194 18.53 -35.16 10.96
C SER D 194 17.86 -34.00 10.23
N SER D 195 17.85 -32.83 10.88
CA SER D 195 17.21 -31.64 10.34
C SER D 195 18.18 -30.47 10.42
N GLY D 196 17.76 -29.34 9.83
CA GLY D 196 18.57 -28.15 9.74
C GLY D 196 18.45 -27.20 10.90
N ASP D 197 17.75 -27.58 11.98
CA ASP D 197 17.58 -26.73 13.15
C ASP D 197 18.47 -27.18 14.31
N THR D 198 19.59 -27.82 14.00
CA THR D 198 20.52 -28.33 15.02
C THR D 198 19.84 -29.34 15.94
N THR D 199 18.95 -30.15 15.36
CA THR D 199 18.23 -31.15 16.14
C THR D 199 18.18 -32.45 15.37
N CYS D 200 18.41 -33.56 16.08
CA CYS D 200 18.23 -34.90 15.54
C CYS D 200 17.15 -35.61 16.36
N ALA D 201 16.34 -36.41 15.67
CA ALA D 201 15.18 -37.04 16.28
C ALA D 201 15.21 -38.54 16.03
N LEU D 202 14.59 -39.29 16.94
CA LEU D 202 14.44 -40.74 16.83
C LEU D 202 12.94 -41.03 16.83
N TRP D 203 12.38 -41.21 15.63
CA TRP D 203 10.94 -41.38 15.47
C TRP D 203 10.56 -42.84 15.62
N ASP D 204 9.32 -43.07 16.07
CA ASP D 204 8.72 -44.39 16.08
C ASP D 204 7.66 -44.42 15.00
N ILE D 205 7.81 -45.35 14.05
CA ILE D 205 6.96 -45.35 12.86
C ILE D 205 5.51 -45.63 13.24
N GLU D 206 5.29 -46.62 14.11
CA GLU D 206 3.91 -47.01 14.45
C GLU D 206 3.16 -45.85 15.10
N THR D 207 3.79 -45.16 16.04
CA THR D 207 3.16 -44.04 16.73
C THR D 207 3.33 -42.72 15.99
N GLY D 208 4.38 -42.57 15.19
CA GLY D 208 4.59 -41.34 14.46
C GLY D 208 5.01 -40.17 15.30
N GLN D 209 5.60 -40.41 16.47
CA GLN D 209 6.04 -39.34 17.36
C GLN D 209 7.51 -39.55 17.71
N GLN D 210 8.19 -38.44 17.98
CA GLN D 210 9.59 -38.50 18.38
C GLN D 210 9.73 -39.26 19.69
N THR D 211 10.64 -40.23 19.72
CA THR D 211 10.92 -40.96 20.96
C THR D 211 12.02 -40.28 21.76
N THR D 212 13.11 -39.91 21.10
CA THR D 212 14.22 -39.24 21.73
C THR D 212 14.67 -38.08 20.85
N THR D 213 15.07 -36.98 21.48
CA THR D 213 15.51 -35.77 20.78
C THR D 213 16.94 -35.46 21.20
N PHE D 214 17.79 -35.17 20.21
CA PHE D 214 19.19 -34.81 20.43
C PHE D 214 19.35 -33.33 20.15
N THR D 215 19.69 -32.55 21.17
CA THR D 215 19.84 -31.10 21.06
C THR D 215 21.17 -30.70 21.70
N GLY D 216 22.24 -30.75 20.91
CA GLY D 216 23.54 -30.30 21.37
C GLY D 216 24.35 -29.62 20.29
N HIS D 217 23.73 -29.36 19.15
CA HIS D 217 24.40 -28.72 18.03
C HIS D 217 24.07 -27.24 17.98
N THR D 218 25.03 -26.45 17.49
CA THR D 218 24.83 -25.02 17.26
C THR D 218 24.83 -24.67 15.77
N GLY D 219 24.74 -25.68 14.90
CA GLY D 219 24.66 -25.45 13.47
C GLY D 219 23.80 -26.51 12.83
N ASP D 220 23.52 -26.31 11.54
CA ASP D 220 22.66 -27.22 10.81
C ASP D 220 23.32 -28.59 10.69
N VAL D 221 22.61 -29.64 11.07
CA VAL D 221 23.14 -31.00 10.94
C VAL D 221 22.96 -31.45 9.49
N MET D 222 24.06 -31.83 8.85
CA MET D 222 24.04 -32.16 7.44
C MET D 222 23.79 -33.64 7.20
N SER D 223 24.52 -34.51 7.89
CA SER D 223 24.36 -35.94 7.70
C SER D 223 24.83 -36.68 8.96
N LEU D 224 24.37 -37.93 9.07
CA LEU D 224 24.77 -38.80 10.17
C LEU D 224 25.02 -40.20 9.63
N SER D 225 25.83 -40.96 10.36
CA SER D 225 26.17 -42.32 9.99
C SER D 225 25.83 -43.26 11.15
N LEU D 226 25.34 -44.44 10.81
CA LEU D 226 24.91 -45.43 11.80
C LEU D 226 26.03 -46.44 12.04
N ALA D 227 26.26 -46.77 13.30
CA ALA D 227 27.26 -47.76 13.64
C ALA D 227 26.80 -49.15 13.19
N PRO D 228 27.73 -50.07 12.95
CA PRO D 228 27.32 -51.42 12.50
C PRO D 228 26.35 -52.11 13.44
N ASP D 229 26.52 -51.93 14.76
CA ASP D 229 25.67 -52.58 15.74
C ASP D 229 24.49 -51.71 16.18
N THR D 230 24.32 -50.53 15.58
CA THR D 230 23.13 -49.69 15.81
C THR D 230 22.95 -49.36 17.28
N ARG D 231 24.04 -48.99 17.95
CA ARG D 231 24.01 -48.51 19.33
C ARG D 231 24.36 -47.04 19.44
N LEU D 232 25.30 -46.56 18.64
CA LEU D 232 25.70 -45.16 18.63
C LEU D 232 25.75 -44.66 17.19
N PHE D 233 25.43 -43.38 17.01
CA PHE D 233 25.50 -42.76 15.70
C PHE D 233 26.13 -41.38 15.83
N VAL D 234 26.92 -41.00 14.83
CA VAL D 234 27.63 -39.73 14.79
C VAL D 234 26.90 -38.79 13.85
N SER D 235 26.95 -37.50 14.17
CA SER D 235 26.31 -36.46 13.36
C SER D 235 27.29 -35.31 13.15
N GLY D 236 27.38 -34.84 11.91
CA GLY D 236 28.20 -33.69 11.56
C GLY D 236 27.32 -32.51 11.23
N ALA D 237 27.73 -31.32 11.69
CA ALA D 237 26.93 -30.12 11.52
C ALA D 237 27.73 -29.01 10.86
N CYS D 238 27.15 -27.81 10.77
CA CYS D 238 27.78 -26.67 10.16
C CYS D 238 28.71 -25.92 11.11
N ASP D 239 28.82 -26.35 12.36
CA ASP D 239 29.69 -25.72 13.34
C ASP D 239 31.09 -26.33 13.35
N ALA D 240 31.47 -27.03 12.27
CA ALA D 240 32.80 -27.62 12.16
C ALA D 240 33.09 -28.56 13.34
N SER D 241 32.08 -29.34 13.72
CA SER D 241 32.24 -30.29 14.82
C SER D 241 31.38 -31.51 14.55
N ALA D 242 31.79 -32.63 15.14
CA ALA D 242 31.06 -33.89 15.06
C ALA D 242 30.76 -34.38 16.47
N LYS D 243 29.53 -34.85 16.68
CA LYS D 243 29.06 -35.28 17.99
C LYS D 243 28.60 -36.74 17.91
N LEU D 244 28.94 -37.50 18.95
CA LEU D 244 28.51 -38.88 19.09
C LEU D 244 27.31 -38.92 20.03
N TRP D 245 26.23 -39.55 19.59
CA TRP D 245 24.99 -39.63 20.35
C TRP D 245 24.66 -41.08 20.67
N ASP D 246 24.07 -41.30 21.84
CA ASP D 246 23.61 -42.62 22.26
C ASP D 246 22.12 -42.72 21.98
N VAL D 247 21.75 -43.75 21.21
CA VAL D 247 20.36 -43.88 20.79
C VAL D 247 19.44 -44.09 22.00
N ARG D 248 19.84 -44.96 22.92
CA ARG D 248 18.99 -45.27 24.07
C ARG D 248 18.97 -44.12 25.07
N GLU D 249 20.15 -43.76 25.60
CA GLU D 249 20.21 -42.69 26.59
C GLU D 249 19.78 -41.35 25.99
N GLY D 250 20.08 -41.12 24.72
CA GLY D 250 19.70 -39.87 24.08
C GLY D 250 20.61 -38.71 24.39
N MET D 251 21.82 -38.98 24.86
CA MET D 251 22.74 -37.94 25.32
C MET D 251 24.08 -38.06 24.59
N CYS D 252 24.68 -36.92 24.28
CA CYS D 252 25.95 -36.91 23.57
C CYS D 252 27.05 -37.45 24.47
N ARG D 253 28.00 -38.18 23.86
CA ARG D 253 29.12 -38.76 24.57
C ARG D 253 30.44 -38.04 24.29
N GLN D 254 30.80 -37.88 23.02
CA GLN D 254 32.05 -37.23 22.65
C GLN D 254 31.79 -36.17 21.59
N THR D 255 32.62 -35.13 21.62
CA THR D 255 32.56 -34.04 20.64
C THR D 255 33.94 -33.87 20.03
N PHE D 256 33.99 -33.79 18.69
CA PHE D 256 35.24 -33.64 17.95
C PHE D 256 35.21 -32.32 17.22
N THR D 257 36.27 -31.53 17.39
CA THR D 257 36.41 -30.22 16.75
C THR D 257 37.81 -30.15 16.13
N GLY D 258 37.90 -30.52 14.85
CA GLY D 258 39.17 -30.48 14.14
C GLY D 258 39.06 -29.88 12.75
N HIS D 259 37.85 -29.54 12.34
CA HIS D 259 37.62 -28.99 11.01
C HIS D 259 37.59 -27.46 11.06
N GLU D 260 37.76 -26.86 9.89
CA GLU D 260 37.78 -25.40 9.76
C GLU D 260 36.53 -24.82 9.11
N SER D 261 35.73 -25.65 8.44
CA SER D 261 34.52 -25.17 7.78
C SER D 261 33.35 -26.12 8.01
N ASP D 262 32.26 -25.91 7.30
CA ASP D 262 31.07 -26.73 7.47
C ASP D 262 31.38 -28.18 7.11
N ILE D 263 30.88 -29.11 7.92
CA ILE D 263 31.03 -30.54 7.66
C ILE D 263 29.83 -31.00 6.85
N ASN D 264 30.09 -31.58 5.68
CA ASN D 264 29.04 -31.99 4.76
C ASN D 264 28.80 -33.49 4.75
N ALA D 265 29.84 -34.30 4.97
CA ALA D 265 29.73 -35.74 4.93
C ALA D 265 30.38 -36.35 6.16
N ILE D 266 29.94 -37.55 6.52
CA ILE D 266 30.48 -38.24 7.69
C ILE D 266 30.06 -39.70 7.59
N CYS D 267 30.98 -40.61 7.92
CA CYS D 267 30.76 -42.03 7.73
C CYS D 267 31.52 -42.81 8.80
N PHE D 268 30.96 -43.95 9.20
CA PHE D 268 31.58 -44.81 10.19
C PHE D 268 32.64 -45.69 9.56
N PHE D 269 33.62 -46.08 10.37
CA PHE D 269 34.56 -47.12 9.97
C PHE D 269 33.84 -48.47 9.96
N PRO D 270 34.28 -49.41 9.12
CA PRO D 270 33.65 -50.74 9.13
C PRO D 270 33.66 -51.39 10.51
N ASN D 271 34.73 -51.21 11.29
CA ASN D 271 34.79 -51.80 12.62
C ASN D 271 34.00 -51.01 13.65
N GLY D 272 33.63 -49.76 13.36
CA GLY D 272 32.78 -48.99 14.23
C GLY D 272 33.48 -48.16 15.28
N ASN D 273 34.80 -48.28 15.42
CA ASN D 273 35.55 -47.50 16.40
C ASN D 273 36.16 -46.23 15.82
N ALA D 274 35.82 -45.87 14.59
CA ALA D 274 36.32 -44.64 13.99
C ALA D 274 35.33 -44.17 12.94
N PHE D 275 35.48 -42.91 12.53
CA PHE D 275 34.63 -42.34 11.50
C PHE D 275 35.40 -41.25 10.77
N ALA D 276 35.08 -41.09 9.48
CA ALA D 276 35.72 -40.09 8.64
C ALA D 276 34.72 -39.00 8.27
N THR D 277 35.19 -37.76 8.29
CA THR D 277 34.35 -36.59 8.03
C THR D 277 34.95 -35.75 6.92
N GLY D 278 34.09 -35.23 6.05
CA GLY D 278 34.50 -34.35 4.97
C GLY D 278 33.88 -32.98 5.15
N SER D 279 34.62 -31.95 4.75
CA SER D 279 34.18 -30.57 4.95
C SER D 279 34.41 -29.73 3.70
N ASP D 280 34.02 -28.45 3.77
CA ASP D 280 34.20 -27.52 2.67
C ASP D 280 35.64 -27.05 2.52
N ASP D 281 36.48 -27.25 3.53
CA ASP D 281 37.87 -26.81 3.50
C ASP D 281 38.75 -27.68 2.62
N ALA D 282 38.17 -28.60 1.86
CA ALA D 282 38.91 -29.46 0.94
C ALA D 282 39.82 -30.43 1.70
N THR D 283 39.35 -30.90 2.86
CA THR D 283 40.12 -31.81 3.68
C THR D 283 39.21 -32.85 4.31
N CYS D 284 39.67 -34.09 4.35
CA CYS D 284 39.01 -35.16 5.08
C CYS D 284 39.83 -35.53 6.30
N ARG D 285 39.14 -35.77 7.41
CA ARG D 285 39.80 -36.06 8.68
C ARG D 285 39.20 -37.33 9.28
N LEU D 286 40.06 -38.16 9.85
CA LEU D 286 39.66 -39.41 10.49
C LEU D 286 39.71 -39.21 12.00
N PHE D 287 38.60 -39.49 12.67
CA PHE D 287 38.48 -39.34 14.12
C PHE D 287 38.32 -40.71 14.76
N ASP D 288 38.97 -40.90 15.90
CA ASP D 288 38.91 -42.15 16.64
C ASP D 288 38.15 -41.93 17.95
N LEU D 289 37.13 -42.76 18.18
CA LEU D 289 36.31 -42.59 19.38
C LEU D 289 37.13 -42.87 20.64
N ARG D 290 37.91 -43.95 20.64
CA ARG D 290 38.68 -44.29 21.83
C ARG D 290 39.75 -43.24 22.13
N ALA D 291 40.45 -42.77 21.10
CA ALA D 291 41.47 -41.75 21.29
C ALA D 291 40.88 -40.37 21.52
N ASP D 292 39.61 -40.16 21.14
CA ASP D 292 38.93 -38.89 21.37
C ASP D 292 39.61 -37.73 20.66
N GLN D 293 40.24 -38.00 19.52
CA GLN D 293 40.90 -36.96 18.75
C GLN D 293 41.11 -37.44 17.33
N GLU D 294 41.40 -36.50 16.44
CA GLU D 294 41.66 -36.83 15.05
C GLU D 294 42.96 -37.64 14.93
N LEU D 295 42.97 -38.57 13.98
CA LEU D 295 44.13 -39.42 13.74
C LEU D 295 44.98 -38.92 12.58
N MET D 296 44.37 -38.68 11.42
CA MET D 296 45.11 -38.27 10.24
C MET D 296 44.17 -37.50 9.31
N THR D 297 44.72 -36.49 8.65
CA THR D 297 43.96 -35.61 7.76
C THR D 297 44.41 -35.85 6.32
N TYR D 298 43.43 -36.01 5.43
CA TYR D 298 43.69 -36.20 4.00
C TYR D 298 43.42 -34.88 3.28
N SER D 299 44.50 -34.19 2.90
CA SER D 299 44.40 -32.92 2.21
C SER D 299 45.44 -32.86 1.11
N HIS D 300 45.14 -32.09 0.06
CA HIS D 300 46.05 -31.88 -1.05
C HIS D 300 46.09 -30.40 -1.39
N ASP D 301 47.29 -29.91 -1.75
CA ASP D 301 47.45 -28.50 -2.06
C ASP D 301 46.66 -28.11 -3.30
N ASN D 302 46.68 -28.96 -4.34
CA ASN D 302 45.99 -28.63 -5.57
C ASN D 302 44.48 -28.56 -5.39
N ILE D 303 43.93 -29.37 -4.48
CA ILE D 303 42.49 -29.42 -4.28
C ILE D 303 42.08 -28.24 -3.38
N ILE D 304 41.13 -27.44 -3.87
CA ILE D 304 40.61 -26.31 -3.11
C ILE D 304 39.09 -26.29 -3.05
N CYS D 305 38.43 -27.33 -3.56
CA CYS D 305 36.97 -27.38 -3.60
C CYS D 305 36.43 -28.11 -2.37
N GLY D 306 35.12 -28.08 -2.20
CA GLY D 306 34.50 -28.73 -1.07
C GLY D 306 34.31 -30.22 -1.26
N ILE D 307 33.84 -30.88 -0.20
CA ILE D 307 33.61 -32.30 -0.18
C ILE D 307 32.15 -32.54 0.16
N THR D 308 31.48 -33.39 -0.61
CA THR D 308 30.05 -33.61 -0.50
C THR D 308 29.69 -34.93 0.18
N SER D 309 30.35 -36.02 -0.20
CA SER D 309 30.06 -37.34 0.35
C SER D 309 31.36 -38.11 0.55
N VAL D 310 31.39 -38.93 1.60
CA VAL D 310 32.53 -39.78 1.90
C VAL D 310 31.99 -41.11 2.42
N SER D 311 32.71 -42.19 2.09
CA SER D 311 32.32 -43.52 2.55
C SER D 311 33.55 -44.41 2.56
N PHE D 312 33.52 -45.40 3.45
CA PHE D 312 34.60 -46.37 3.57
C PHE D 312 34.32 -47.59 2.69
N SER D 313 35.36 -48.39 2.47
CA SER D 313 35.23 -49.65 1.77
C SER D 313 34.88 -50.76 2.77
N LYS D 314 34.76 -52.00 2.26
CA LYS D 314 34.42 -53.11 3.13
C LYS D 314 35.49 -53.33 4.18
N SER D 315 36.76 -53.30 3.78
CA SER D 315 37.86 -53.47 4.72
C SER D 315 38.27 -52.16 5.39
N GLY D 316 37.80 -51.02 4.88
CA GLY D 316 38.13 -49.74 5.46
C GLY D 316 39.46 -49.15 5.02
N ARG D 317 40.23 -49.88 4.21
CA ARG D 317 41.53 -49.38 3.78
C ARG D 317 41.37 -48.14 2.90
N LEU D 318 40.38 -48.13 2.02
CA LEU D 318 40.16 -47.04 1.08
C LEU D 318 39.12 -46.06 1.61
N LEU D 319 39.27 -44.80 1.22
CA LEU D 319 38.31 -43.74 1.54
C LEU D 319 37.87 -43.10 0.23
N LEU D 320 36.64 -43.37 -0.18
CA LEU D 320 36.09 -42.80 -1.40
C LEU D 320 35.28 -41.57 -1.03
N ALA D 321 35.84 -40.39 -1.31
CA ALA D 321 35.22 -39.11 -0.97
C ALA D 321 34.87 -38.39 -2.26
N GLY D 322 33.59 -38.05 -2.43
CA GLY D 322 33.14 -37.31 -3.60
C GLY D 322 33.40 -35.83 -3.46
N TYR D 323 34.26 -35.28 -4.32
CA TYR D 323 34.65 -33.89 -4.24
C TYR D 323 33.76 -33.01 -5.10
N ASP D 324 33.87 -31.70 -4.88
CA ASP D 324 33.05 -30.72 -5.56
C ASP D 324 33.55 -30.42 -6.98
N ASP D 325 34.80 -30.75 -7.28
CA ASP D 325 35.39 -30.47 -8.59
C ASP D 325 35.08 -31.55 -9.61
N PHE D 326 33.78 -31.88 -9.70
CA PHE D 326 33.22 -32.68 -10.77
C PHE D 326 33.79 -34.10 -10.82
N ASN D 327 34.41 -34.57 -9.74
CA ASN D 327 34.97 -35.91 -9.72
C ASN D 327 35.16 -36.35 -8.28
N CYS D 328 35.42 -37.65 -8.13
CA CYS D 328 35.63 -38.27 -6.83
C CYS D 328 37.06 -38.77 -6.71
N ASN D 329 37.56 -38.79 -5.48
CA ASN D 329 38.92 -39.22 -5.18
C ASN D 329 38.88 -40.38 -4.18
N VAL D 330 39.70 -41.39 -4.42
CA VAL D 330 39.83 -42.53 -3.53
C VAL D 330 41.14 -42.39 -2.79
N TRP D 331 41.07 -42.19 -1.47
CA TRP D 331 42.25 -41.99 -0.65
C TRP D 331 42.59 -43.26 0.13
N ASP D 332 43.85 -43.34 0.55
CA ASP D 332 44.32 -44.44 1.39
C ASP D 332 44.18 -44.02 2.85
N ALA D 333 43.37 -44.75 3.60
CA ALA D 333 43.07 -44.37 4.98
C ALA D 333 44.29 -44.47 5.90
N LEU D 334 45.34 -45.17 5.48
CA LEU D 334 46.52 -45.37 6.31
C LEU D 334 47.74 -44.60 5.83
N LYS D 335 47.80 -44.21 4.56
CA LYS D 335 48.95 -43.50 4.01
C LYS D 335 48.63 -42.09 3.53
N ALA D 336 47.36 -41.70 3.52
CA ALA D 336 46.96 -40.37 3.05
C ALA D 336 47.49 -40.09 1.66
N ASP D 337 47.38 -41.09 0.78
CA ASP D 337 47.81 -40.99 -0.60
C ASP D 337 46.62 -41.23 -1.52
N ARG D 338 46.53 -40.45 -2.59
CA ARG D 338 45.41 -40.55 -3.52
C ARG D 338 45.55 -41.85 -4.30
N ALA D 339 44.82 -42.88 -3.88
CA ALA D 339 44.90 -44.17 -4.54
C ALA D 339 44.40 -44.09 -5.99
N GLY D 340 43.33 -43.35 -6.22
CA GLY D 340 42.77 -43.24 -7.55
C GLY D 340 41.81 -42.08 -7.65
N VAL D 341 41.43 -41.76 -8.89
CA VAL D 341 40.53 -40.65 -9.18
C VAL D 341 39.44 -41.16 -10.13
N LEU D 342 38.20 -40.87 -9.79
CA LEU D 342 37.04 -41.22 -10.60
C LEU D 342 36.45 -39.94 -11.17
N ALA D 343 36.65 -39.71 -12.47
CA ALA D 343 36.18 -38.51 -13.15
C ALA D 343 35.27 -38.95 -14.30
N GLY D 344 33.98 -39.14 -14.01
CA GLY D 344 33.03 -39.51 -15.02
C GLY D 344 31.70 -38.80 -14.85
N HIS D 345 31.73 -37.65 -14.20
CA HIS D 345 30.53 -36.89 -13.87
C HIS D 345 30.64 -35.48 -14.44
N ASP D 346 29.52 -34.97 -14.95
CA ASP D 346 29.50 -33.66 -15.58
C ASP D 346 29.31 -32.52 -14.59
N ASN D 347 29.02 -32.82 -13.33
CA ASN D 347 28.78 -31.80 -12.32
C ASN D 347 29.29 -32.35 -10.98
N ARG D 348 28.99 -31.63 -9.91
CA ARG D 348 29.46 -32.04 -8.59
C ARG D 348 28.85 -33.38 -8.20
N VAL D 349 29.66 -34.22 -7.54
CA VAL D 349 29.20 -35.53 -7.08
C VAL D 349 28.44 -35.31 -5.78
N SER D 350 27.11 -35.27 -5.86
CA SER D 350 26.30 -34.97 -4.69
C SER D 350 26.38 -36.08 -3.65
N CYS D 351 26.29 -37.33 -4.09
CA CYS D 351 26.22 -38.46 -3.17
C CYS D 351 27.12 -39.59 -3.66
N LEU D 352 27.48 -40.48 -2.73
CA LEU D 352 28.32 -41.62 -3.02
C LEU D 352 27.98 -42.73 -2.03
N GLY D 353 27.92 -43.95 -2.54
CA GLY D 353 27.57 -45.09 -1.71
C GLY D 353 28.37 -46.31 -2.09
N VAL D 354 28.59 -47.18 -1.11
CA VAL D 354 29.34 -48.41 -1.29
C VAL D 354 28.50 -49.57 -0.79
N THR D 355 28.53 -50.68 -1.51
CA THR D 355 27.72 -51.83 -1.16
C THR D 355 28.21 -52.45 0.15
N ASP D 356 27.33 -53.24 0.76
CA ASP D 356 27.70 -53.94 1.99
C ASP D 356 28.87 -54.89 1.73
N ASP D 357 28.84 -55.60 0.60
CA ASP D 357 29.91 -56.52 0.25
C ASP D 357 31.04 -55.83 -0.52
N GLY D 358 30.89 -54.56 -0.86
CA GLY D 358 31.97 -53.81 -1.48
C GLY D 358 32.28 -54.18 -2.92
N MET D 359 31.32 -54.76 -3.64
CA MET D 359 31.58 -55.14 -5.02
C MET D 359 31.72 -53.92 -5.92
N ALA D 360 30.86 -52.92 -5.73
CA ALA D 360 30.84 -51.75 -6.60
C ALA D 360 30.54 -50.50 -5.78
N VAL D 361 30.74 -49.34 -6.41
CA VAL D 361 30.49 -48.05 -5.80
C VAL D 361 29.62 -47.24 -6.74
N ALA D 362 28.52 -46.70 -6.21
CA ALA D 362 27.59 -45.89 -6.99
C ALA D 362 27.74 -44.43 -6.58
N THR D 363 27.89 -43.56 -7.58
CA THR D 363 28.06 -42.13 -7.36
C THR D 363 26.98 -41.38 -8.11
N GLY D 364 26.33 -40.42 -7.44
CA GLY D 364 25.31 -39.58 -8.03
C GLY D 364 25.75 -38.13 -8.04
N SER D 365 25.51 -37.46 -9.16
CA SER D 365 25.90 -36.08 -9.37
C SER D 365 24.68 -35.25 -9.74
N TRP D 366 24.92 -33.99 -10.10
CA TRP D 366 23.86 -33.08 -10.48
C TRP D 366 23.54 -33.12 -11.96
N ASP D 367 24.14 -34.05 -12.70
CA ASP D 367 23.87 -34.22 -14.13
C ASP D 367 22.75 -35.22 -14.40
N SER D 368 22.04 -35.66 -13.36
CA SER D 368 20.91 -36.58 -13.49
C SER D 368 21.36 -37.97 -13.92
N PHE D 369 22.60 -38.34 -13.58
CA PHE D 369 23.15 -39.63 -13.95
C PHE D 369 23.74 -40.31 -12.73
N LEU D 370 23.52 -41.62 -12.64
CA LEU D 370 24.09 -42.46 -11.59
C LEU D 370 25.09 -43.41 -12.22
N LYS D 371 26.34 -43.32 -11.76
CA LYS D 371 27.44 -44.12 -12.30
C LYS D 371 27.85 -45.16 -11.26
N ILE D 372 27.99 -46.41 -11.72
CA ILE D 372 28.43 -47.51 -10.87
C ILE D 372 29.84 -47.89 -11.30
N TRP D 373 30.78 -47.82 -10.38
CA TRP D 373 32.20 -48.09 -10.64
C TRP D 373 32.61 -49.38 -9.94
N ASN D 374 33.32 -50.23 -10.66
CA ASN D 374 33.86 -51.47 -10.12
C ASN D 374 35.30 -51.65 -10.57
N GLY D 375 36.11 -52.24 -9.71
CA GLY D 375 37.50 -52.47 -10.04
C GLY D 375 37.67 -53.55 -11.09
N SER D 376 38.83 -53.51 -11.75
CA SER D 376 39.18 -54.47 -12.78
C SER D 376 40.58 -55.01 -12.53
N SER D 377 40.81 -56.26 -12.92
CA SER D 377 42.10 -56.90 -12.74
C SER D 377 42.96 -56.76 -13.99
N THR E 6 17.27 -17.04 32.24
CA THR E 6 17.28 -16.73 30.78
C THR E 6 17.80 -17.91 29.98
N ALA E 7 17.64 -17.84 28.65
CA ALA E 7 18.08 -18.92 27.79
C ALA E 7 19.61 -19.04 27.76
N SER E 8 20.32 -17.91 27.82
CA SER E 8 21.78 -17.96 27.72
C SER E 8 22.39 -18.76 28.87
N ILE E 9 21.93 -18.53 30.10
CA ILE E 9 22.48 -19.25 31.24
C ILE E 9 22.11 -20.73 31.16
N ALA E 10 20.88 -21.03 30.73
CA ALA E 10 20.47 -22.42 30.59
C ALA E 10 21.33 -23.14 29.56
N GLN E 11 21.60 -22.48 28.43
CA GLN E 11 22.45 -23.09 27.41
C GLN E 11 23.87 -23.32 27.95
N ALA E 12 24.41 -22.34 28.68
CA ALA E 12 25.74 -22.50 29.24
C ALA E 12 25.79 -23.67 30.23
N ARG E 13 24.77 -23.78 31.08
CA ARG E 13 24.73 -24.89 32.03
C ARG E 13 24.65 -26.23 31.30
N LYS E 14 23.83 -26.30 30.24
CA LYS E 14 23.73 -27.54 29.47
C LYS E 14 25.07 -27.90 28.85
N LEU E 15 25.78 -26.91 28.31
CA LEU E 15 27.10 -27.18 27.74
C LEU E 15 28.07 -27.68 28.80
N VAL E 16 28.05 -27.06 29.99
CA VAL E 16 28.94 -27.48 31.06
C VAL E 16 28.62 -28.91 31.48
N GLU E 17 27.34 -29.24 31.60
CA GLU E 17 26.96 -30.60 31.96
C GLU E 17 27.41 -31.59 30.89
N GLN E 18 27.24 -31.23 29.62
CA GLN E 18 27.68 -32.11 28.54
C GLN E 18 29.18 -32.32 28.58
N LEU E 19 29.95 -31.25 28.81
CA LEU E 19 31.40 -31.38 28.91
C LEU E 19 31.79 -32.25 30.09
N LYS E 20 31.11 -32.08 31.23
CA LYS E 20 31.40 -32.90 32.40
C LYS E 20 31.18 -34.37 32.10
N MET E 21 30.08 -34.70 31.42
CA MET E 21 29.82 -36.09 31.05
C MET E 21 30.88 -36.61 30.08
N GLU E 22 31.26 -35.79 29.10
CA GLU E 22 32.24 -36.22 28.12
C GLU E 22 33.59 -36.49 28.77
N ALA E 23 33.98 -35.67 29.74
CA ALA E 23 35.29 -35.84 30.37
C ALA E 23 35.41 -37.16 31.10
N ASN E 24 34.36 -37.56 31.84
CA ASN E 24 34.42 -38.76 32.67
C ASN E 24 34.06 -40.00 31.85
N ILE E 25 34.96 -40.33 30.93
CA ILE E 25 34.86 -41.53 30.11
C ILE E 25 36.20 -42.25 30.11
N ASP E 26 36.16 -43.54 29.81
CA ASP E 26 37.36 -44.35 29.74
C ASP E 26 37.98 -44.24 28.35
N ARG E 27 39.28 -43.99 28.30
CA ARG E 27 40.01 -43.80 27.06
C ARG E 27 41.11 -44.85 26.94
N ILE E 28 41.24 -45.43 25.75
CA ILE E 28 42.27 -46.42 25.46
C ILE E 28 43.40 -45.74 24.71
N LYS E 29 44.62 -46.21 24.95
CA LYS E 29 45.79 -45.60 24.34
C LYS E 29 45.75 -45.74 22.83
N VAL E 30 46.36 -44.79 22.13
CA VAL E 30 46.30 -44.76 20.67
C VAL E 30 46.91 -46.03 20.08
N SER E 31 48.07 -46.44 20.61
CA SER E 31 48.75 -47.61 20.07
C SER E 31 47.88 -48.86 20.21
N LYS E 32 47.28 -49.05 21.38
CA LYS E 32 46.39 -50.20 21.58
C LYS E 32 45.14 -50.08 20.71
N ALA E 33 44.57 -48.88 20.62
CA ALA E 33 43.39 -48.67 19.80
C ALA E 33 43.70 -48.82 18.32
N ALA E 34 44.92 -48.47 17.90
CA ALA E 34 45.31 -48.62 16.50
C ALA E 34 45.62 -50.06 16.13
N ALA E 35 46.14 -50.85 17.08
CA ALA E 35 46.48 -52.24 16.77
C ALA E 35 45.23 -53.03 16.38
N ASP E 36 44.10 -52.75 17.03
CA ASP E 36 42.86 -53.43 16.68
C ASP E 36 42.47 -53.16 15.24
N LEU E 37 42.60 -51.90 14.80
CA LEU E 37 42.31 -51.57 13.41
C LEU E 37 43.26 -52.29 12.46
N MET E 38 44.56 -52.28 12.77
CA MET E 38 45.52 -53.00 11.95
C MET E 38 45.16 -54.48 11.83
N ALA E 39 44.83 -55.12 12.95
CA ALA E 39 44.48 -56.54 12.90
C ALA E 39 43.23 -56.76 12.07
N TYR E 40 42.23 -55.89 12.22
CA TYR E 40 41.00 -56.04 11.46
C TYR E 40 41.26 -55.94 9.97
N CYS E 41 42.07 -54.97 9.54
CA CYS E 41 42.37 -54.83 8.12
C CYS E 41 43.14 -56.04 7.60
N GLU E 42 44.13 -56.51 8.36
CA GLU E 42 44.94 -57.64 7.90
C GLU E 42 44.09 -58.91 7.81
N ALA E 43 43.22 -59.14 8.79
CA ALA E 43 42.45 -60.38 8.81
C ALA E 43 41.50 -60.45 7.62
N HIS E 44 40.86 -59.34 7.27
CA HIS E 44 39.84 -59.31 6.23
C HIS E 44 40.38 -58.84 4.89
N ALA E 45 41.71 -58.79 4.72
CA ALA E 45 42.27 -58.35 3.45
C ALA E 45 41.87 -59.28 2.31
N LYS E 46 41.90 -60.59 2.55
CA LYS E 46 41.58 -61.56 1.51
C LYS E 46 40.10 -61.54 1.12
N GLU E 47 39.24 -60.93 1.94
CA GLU E 47 37.81 -60.91 1.67
C GLU E 47 37.33 -59.58 1.10
N ASP E 48 38.26 -58.72 0.66
CA ASP E 48 37.90 -57.43 0.09
C ASP E 48 38.06 -57.47 -1.42
N PRO E 49 36.97 -57.50 -2.19
CA PRO E 49 37.12 -57.52 -3.66
C PRO E 49 37.87 -56.30 -4.20
N LEU E 50 37.66 -55.13 -3.61
CA LEU E 50 38.34 -53.93 -4.10
C LEU E 50 39.84 -54.02 -3.89
N LEU E 51 40.27 -54.34 -2.67
CA LEU E 51 41.70 -54.49 -2.41
C LEU E 51 42.29 -55.65 -3.20
N THR E 52 41.57 -56.76 -3.26
CA THR E 52 42.02 -57.93 -4.01
C THR E 52 41.07 -58.15 -5.19
N PRO E 53 41.44 -57.76 -6.41
CA PRO E 53 40.54 -57.96 -7.54
C PRO E 53 40.14 -59.41 -7.68
N VAL E 54 38.87 -59.63 -8.01
CA VAL E 54 38.31 -60.97 -8.15
C VAL E 54 38.41 -61.37 -9.62
N PRO E 55 38.66 -62.65 -9.94
CA PRO E 55 38.65 -63.06 -11.35
C PRO E 55 37.31 -62.78 -12.00
N ALA E 56 37.35 -62.47 -13.30
CA ALA E 56 36.14 -62.13 -14.02
C ALA E 56 35.08 -63.23 -13.95
N SER E 57 35.50 -64.49 -13.80
CA SER E 57 34.53 -65.59 -13.78
C SER E 57 33.62 -65.50 -12.55
N GLU E 58 34.17 -65.18 -11.38
CA GLU E 58 33.35 -64.93 -10.20
C GLU E 58 32.88 -63.49 -10.09
N ASN E 59 33.38 -62.58 -10.93
CA ASN E 59 32.96 -61.18 -10.89
C ASN E 59 31.57 -61.06 -11.51
N PRO E 60 30.57 -60.54 -10.81
CA PRO E 60 29.25 -60.38 -11.43
C PRO E 60 29.16 -59.17 -12.35
N PHE E 61 30.12 -58.27 -12.31
CA PHE E 61 30.14 -57.11 -13.20
C PHE E 61 31.13 -57.36 -14.34
N ARG E 62 30.62 -57.99 -15.38
CA ARG E 62 31.44 -58.33 -16.55
C ARG E 62 31.46 -57.16 -17.53
N GLN F 3 39.87 -25.59 16.99
CA GLN F 3 38.61 -24.83 17.20
C GLN F 3 38.76 -23.40 16.70
N VAL F 4 37.83 -22.96 15.86
CA VAL F 4 37.84 -21.61 15.31
C VAL F 4 37.33 -20.66 16.39
N GLN F 5 38.15 -19.71 16.80
CA GLN F 5 37.81 -18.76 17.85
C GLN F 5 38.38 -17.39 17.49
N LEU F 6 37.58 -16.35 17.71
CA LEU F 6 37.97 -14.98 17.45
C LEU F 6 37.81 -14.17 18.72
N GLN F 7 38.83 -13.38 19.05
CA GLN F 7 38.85 -12.54 20.25
C GLN F 7 38.90 -11.08 19.84
N GLU F 8 38.03 -10.27 20.43
CA GLU F 8 37.99 -8.84 20.16
C GLU F 8 38.56 -8.07 21.34
N SER F 9 39.43 -7.10 21.04
CA SER F 9 40.08 -6.29 22.05
C SER F 9 39.88 -4.81 21.73
N GLY F 10 39.84 -4.00 22.76
CA GLY F 10 39.61 -2.58 22.61
C GLY F 10 38.14 -2.23 22.79
N GLY F 11 37.89 -0.96 23.11
CA GLY F 11 36.53 -0.49 23.31
C GLY F 11 36.38 0.39 24.53
N GLY F 12 35.18 0.44 25.09
CA GLY F 12 34.92 1.23 26.27
C GLY F 12 34.33 2.59 25.95
N LEU F 13 34.49 3.51 26.91
CA LEU F 13 33.97 4.86 26.78
C LEU F 13 34.94 5.71 25.98
N VAL F 14 34.43 6.36 24.93
CA VAL F 14 35.22 7.23 24.08
C VAL F 14 34.46 8.52 23.87
N GLN F 15 35.14 9.66 24.07
CA GLN F 15 34.50 10.94 23.85
C GLN F 15 34.20 11.12 22.36
N PRO F 16 33.08 11.76 22.01
CA PRO F 16 32.77 11.95 20.59
C PRO F 16 33.86 12.75 19.90
N GLY F 17 34.14 12.38 18.65
CA GLY F 17 35.19 13.02 17.87
C GLY F 17 36.58 12.51 18.14
N GLY F 18 36.74 11.49 18.98
CA GLY F 18 38.04 10.94 19.31
C GLY F 18 38.46 9.85 18.34
N SER F 19 39.45 9.07 18.78
CA SER F 19 40.00 7.98 17.98
C SER F 19 40.01 6.71 18.81
N LEU F 20 39.97 5.58 18.11
CA LEU F 20 39.98 4.28 18.76
C LEU F 20 40.51 3.24 17.77
N ARG F 21 40.96 2.11 18.32
CA ARG F 21 41.46 1.00 17.52
C ARG F 21 40.83 -0.29 18.02
N LEU F 22 40.42 -1.14 17.08
CA LEU F 22 39.82 -2.43 17.40
C LEU F 22 40.71 -3.53 16.87
N SER F 23 40.98 -4.54 17.70
CA SER F 23 41.83 -5.67 17.34
C SER F 23 41.02 -6.96 17.40
N CYS F 24 41.17 -7.79 16.36
CA CYS F 24 40.50 -9.09 16.29
C CYS F 24 41.57 -10.15 16.09
N ALA F 25 41.80 -10.97 17.11
CA ALA F 25 42.78 -12.04 17.06
C ALA F 25 42.07 -13.35 16.68
N ALA F 26 42.57 -14.01 15.66
CA ALA F 26 41.96 -15.23 15.14
C ALA F 26 42.90 -16.40 15.34
N SER F 27 42.35 -17.53 15.80
CA SER F 27 43.10 -18.75 15.97
C SER F 27 42.22 -19.95 15.60
N GLY F 28 42.87 -21.01 15.14
CA GLY F 28 42.18 -22.24 14.78
C GLY F 28 41.91 -22.41 13.30
N PHE F 29 42.36 -21.50 12.45
CA PHE F 29 42.16 -21.61 11.02
C PHE F 29 43.20 -20.75 10.32
N THR F 30 43.20 -20.81 8.99
CA THR F 30 44.13 -20.02 8.17
C THR F 30 43.55 -18.64 7.93
N PHE F 31 44.11 -17.63 8.59
CA PHE F 31 43.57 -16.28 8.47
C PHE F 31 43.68 -15.75 7.04
N SER F 32 44.80 -16.02 6.37
CA SER F 32 45.02 -15.46 5.05
C SER F 32 43.94 -15.91 4.07
N ASN F 33 43.55 -17.18 4.15
CA ASN F 33 42.68 -17.80 3.16
C ASN F 33 41.22 -17.34 3.29
N TYR F 34 40.79 -16.93 4.47
CA TYR F 34 39.39 -16.66 4.75
C TYR F 34 39.14 -15.16 4.71
N LYS F 35 38.03 -14.76 4.09
CA LYS F 35 37.63 -13.37 4.07
C LYS F 35 37.13 -12.93 5.44
N MET F 36 37.38 -11.67 5.78
CA MET F 36 37.05 -11.13 7.09
C MET F 36 35.92 -10.10 6.96
N ASN F 37 35.24 -9.85 8.08
CA ASN F 37 34.14 -8.88 8.12
C ASN F 37 34.00 -8.33 9.53
N TRP F 38 33.38 -7.14 9.62
CA TRP F 38 33.07 -6.51 10.88
C TRP F 38 31.57 -6.21 10.94
N VAL F 39 30.97 -6.50 12.10
CA VAL F 39 29.54 -6.32 12.31
C VAL F 39 29.31 -5.61 13.64
N ARG F 40 28.25 -4.80 13.70
CA ARG F 40 27.89 -4.07 14.90
C ARG F 40 26.40 -4.20 15.15
N GLN F 41 26.03 -4.02 16.42
CA GLN F 41 24.64 -4.16 16.87
C GLN F 41 24.33 -3.01 17.81
N ALA F 42 23.52 -2.09 17.33
CA ALA F 42 23.14 -0.96 18.16
C ALA F 42 22.13 -1.41 19.20
N PRO F 43 22.19 -0.81 20.38
CA PRO F 43 21.15 -1.02 21.40
C PRO F 43 19.75 -1.07 20.83
N GLY F 44 19.06 -2.20 21.04
CA GLY F 44 17.68 -2.38 20.64
C GLY F 44 17.46 -2.61 19.16
N LYS F 45 18.51 -2.69 18.36
CA LYS F 45 18.43 -2.91 16.93
C LYS F 45 19.09 -4.24 16.60
N GLY F 46 19.01 -4.62 15.33
CA GLY F 46 19.61 -5.86 14.88
C GLY F 46 21.03 -5.67 14.37
N LEU F 47 21.65 -6.78 14.01
CA LEU F 47 23.01 -6.74 13.48
C LEU F 47 23.02 -6.05 12.11
N GLU F 48 24.04 -5.24 11.88
CA GLU F 48 24.21 -4.55 10.61
C GLU F 48 25.67 -4.66 10.17
N TRP F 49 25.86 -4.91 8.88
CA TRP F 49 27.21 -5.08 8.34
C TRP F 49 27.94 -3.75 8.31
N VAL F 50 29.18 -3.75 8.78
CA VAL F 50 29.99 -2.54 8.86
C VAL F 50 31.02 -2.47 7.72
N SER F 51 31.90 -3.45 7.63
CA SER F 51 32.98 -3.41 6.65
C SER F 51 33.46 -4.82 6.36
N ASP F 52 34.17 -4.95 5.24
CA ASP F 52 34.74 -6.21 4.81
C ASP F 52 36.09 -5.96 4.16
N ILE F 53 36.96 -6.96 4.23
CA ILE F 53 38.28 -6.91 3.61
C ILE F 53 38.55 -8.26 2.97
N SER F 54 39.12 -8.25 1.76
CA SER F 54 39.38 -9.48 1.04
C SER F 54 40.56 -10.23 1.66
N GLN F 55 40.94 -11.33 1.01
CA GLN F 55 42.01 -12.16 1.54
C GLN F 55 43.34 -11.42 1.54
N SER F 56 43.68 -10.79 0.42
CA SER F 56 44.94 -10.05 0.29
C SER F 56 44.80 -8.58 0.63
N GLY F 57 43.59 -8.11 0.96
CA GLY F 57 43.38 -6.71 1.26
C GLY F 57 43.27 -5.81 0.06
N ALA F 58 43.32 -6.34 -1.16
CA ALA F 58 43.22 -5.51 -2.35
C ALA F 58 41.83 -4.95 -2.56
N SER F 59 40.82 -5.54 -1.91
CA SER F 59 39.44 -5.09 -2.03
C SER F 59 38.87 -4.81 -0.66
N ILE F 60 38.35 -3.61 -0.47
CA ILE F 60 37.74 -3.18 0.79
C ILE F 60 36.46 -2.43 0.48
N SER F 61 35.51 -2.48 1.40
CA SER F 61 34.22 -1.81 1.23
C SER F 61 33.71 -1.37 2.58
N TYR F 62 32.78 -0.41 2.55
CA TYR F 62 32.23 0.18 3.76
C TYR F 62 30.76 0.51 3.53
N THR F 63 29.99 0.49 4.61
CA THR F 63 28.62 0.95 4.55
C THR F 63 28.58 2.48 4.58
N GLY F 64 27.44 3.03 4.17
CA GLY F 64 27.35 4.47 3.99
C GLY F 64 27.62 5.26 5.26
N SER F 65 27.21 4.73 6.40
CA SER F 65 27.31 5.49 7.65
C SER F 65 28.75 5.61 8.16
N VAL F 66 29.69 4.87 7.58
CA VAL F 66 31.05 4.83 8.10
C VAL F 66 32.10 5.21 7.06
N LYS F 67 31.74 5.33 5.78
CA LYS F 67 32.74 5.58 4.74
C LYS F 67 33.51 6.85 5.05
N GLY F 68 34.84 6.77 4.95
CA GLY F 68 35.70 7.89 5.23
C GLY F 68 36.03 8.10 6.68
N ARG F 69 35.37 7.39 7.60
CA ARG F 69 35.62 7.53 9.02
C ARG F 69 36.44 6.38 9.57
N PHE F 70 36.11 5.14 9.19
CA PHE F 70 36.78 3.95 9.68
C PHE F 70 37.75 3.43 8.63
N THR F 71 38.81 2.78 9.10
CA THR F 71 39.80 2.15 8.22
C THR F 71 40.01 0.72 8.67
N ILE F 72 39.78 -0.22 7.76
CA ILE F 72 39.90 -1.65 8.04
C ILE F 72 41.17 -2.18 7.41
N SER F 73 41.96 -2.90 8.19
CA SER F 73 43.19 -3.51 7.69
C SER F 73 43.35 -4.88 8.34
N ARG F 74 44.08 -5.75 7.65
CA ARG F 74 44.32 -7.11 8.11
C ARG F 74 45.81 -7.42 8.02
N ASP F 75 46.28 -8.25 8.94
CA ASP F 75 47.68 -8.67 8.99
C ASP F 75 47.72 -10.19 8.98
N ASN F 76 48.21 -10.77 7.88
CA ASN F 76 48.23 -12.22 7.77
C ASN F 76 49.35 -12.83 8.61
N ALA F 77 50.53 -12.20 8.63
CA ALA F 77 51.64 -12.75 9.38
C ALA F 77 51.31 -12.84 10.87
N LYS F 78 50.71 -11.78 11.42
CA LYS F 78 50.33 -11.76 12.83
C LYS F 78 48.94 -12.36 13.06
N ASN F 79 48.21 -12.70 12.00
CA ASN F 79 46.91 -13.36 12.13
C ASN F 79 45.92 -12.51 12.92
N THR F 80 45.83 -11.23 12.58
CA THR F 80 44.97 -10.29 13.27
C THR F 80 44.27 -9.38 12.27
N LEU F 81 43.11 -8.87 12.67
CA LEU F 81 42.32 -7.94 11.87
C LEU F 81 42.04 -6.68 12.68
N TYR F 82 42.10 -5.53 12.03
CA TYR F 82 42.03 -4.24 12.70
C TYR F 82 40.91 -3.39 12.11
N LEU F 83 40.36 -2.53 12.96
CA LEU F 83 39.41 -1.49 12.55
C LEU F 83 39.79 -0.20 13.25
N GLN F 84 40.31 0.76 12.50
CA GLN F 84 40.71 2.06 13.03
C GLN F 84 39.50 3.00 12.94
N MET F 85 39.11 3.56 14.07
CA MET F 85 37.92 4.39 14.18
C MET F 85 38.31 5.81 14.59
N ASN F 86 37.75 6.79 13.89
CA ASN F 86 37.97 8.20 14.23
C ASN F 86 36.73 8.98 13.83
N SER F 87 36.63 10.20 14.38
CA SER F 87 35.46 11.06 14.17
C SER F 87 34.19 10.36 14.66
N LEU F 88 34.28 9.74 15.83
CA LEU F 88 33.16 9.00 16.38
C LEU F 88 32.01 9.94 16.72
N LYS F 89 30.78 9.44 16.54
CA LYS F 89 29.57 10.17 16.85
C LYS F 89 28.76 9.43 17.91
N PRO F 90 27.89 10.13 18.63
CA PRO F 90 27.13 9.46 19.71
C PRO F 90 26.26 8.33 19.23
N GLU F 91 25.86 8.31 17.96
CA GLU F 91 24.98 7.27 17.43
C GLU F 91 25.72 5.98 17.12
N ASP F 92 27.05 5.99 17.08
CA ASP F 92 27.82 4.82 16.71
C ASP F 92 27.99 3.81 17.84
N THR F 93 27.54 4.14 19.05
CA THR F 93 27.63 3.19 20.16
C THR F 93 26.94 1.89 19.80
N ALA F 94 27.63 0.78 19.99
CA ALA F 94 27.10 -0.54 19.64
C ALA F 94 28.09 -1.60 20.11
N VAL F 95 27.71 -2.85 19.90
CA VAL F 95 28.58 -4.00 20.19
C VAL F 95 29.13 -4.50 18.87
N TYR F 96 30.46 -4.47 18.74
CA TYR F 96 31.13 -4.80 17.48
C TYR F 96 31.58 -6.27 17.51
N TYR F 97 31.27 -6.98 16.43
CA TYR F 97 31.61 -8.39 16.28
C TYR F 97 32.58 -8.57 15.14
N CYS F 98 33.58 -9.44 15.34
CA CYS F 98 34.52 -9.81 14.30
C CYS F 98 34.04 -11.12 13.68
N ALA F 99 33.64 -11.07 12.40
CA ALA F 99 33.00 -12.19 11.74
C ALA F 99 33.86 -12.69 10.59
N ARG F 100 33.68 -13.96 10.24
CA ARG F 100 34.41 -14.61 9.16
C ARG F 100 33.44 -15.16 8.14
N CYS F 101 33.69 -14.86 6.87
CA CYS F 101 32.91 -15.46 5.81
C CYS F 101 33.07 -16.97 5.84
N PRO F 102 31.98 -17.74 5.81
CA PRO F 102 32.08 -19.16 6.19
C PRO F 102 33.00 -19.99 5.32
N ALA F 103 33.09 -19.70 4.02
CA ALA F 103 33.78 -20.60 3.11
C ALA F 103 35.10 -19.98 2.63
N PRO F 104 36.11 -20.80 2.33
CA PRO F 104 37.37 -20.29 1.80
C PRO F 104 37.35 -20.12 0.29
N PHE F 105 38.27 -19.28 -0.19
CA PHE F 105 38.43 -19.03 -1.61
C PHE F 105 37.10 -18.62 -2.26
N THR F 106 36.34 -17.80 -1.55
CA THR F 106 35.01 -17.41 -2.00
C THR F 106 34.83 -15.91 -1.81
N ARG F 107 34.12 -15.29 -2.75
CA ARG F 107 33.81 -13.86 -2.69
C ARG F 107 32.56 -13.57 -1.88
N ASP F 108 31.61 -14.50 -1.84
CA ASP F 108 30.36 -14.29 -1.11
C ASP F 108 30.47 -14.79 0.32
N CYS F 109 29.54 -14.36 1.16
CA CYS F 109 29.27 -14.98 2.46
C CYS F 109 27.88 -14.52 2.91
N PHE F 110 26.97 -15.49 3.03
CA PHE F 110 25.55 -15.21 3.05
C PHE F 110 25.07 -14.72 4.42
N ASP F 111 25.31 -15.53 5.46
CA ASP F 111 24.68 -15.35 6.76
C ASP F 111 25.67 -14.85 7.80
N VAL F 112 26.55 -13.93 7.41
CA VAL F 112 27.45 -13.30 8.37
C VAL F 112 26.64 -12.52 9.40
N THR F 113 25.66 -11.76 8.93
CA THR F 113 24.80 -10.96 9.80
C THR F 113 23.56 -11.78 10.19
N SER F 114 23.82 -12.87 10.91
CA SER F 114 22.79 -13.78 11.37
C SER F 114 22.84 -13.88 12.89
N THR F 115 21.67 -14.14 13.49
CA THR F 115 21.58 -14.14 14.94
C THR F 115 22.42 -15.26 15.56
N THR F 116 22.45 -16.43 14.93
CA THR F 116 23.09 -17.61 15.48
C THR F 116 24.33 -18.01 14.67
N TYR F 117 25.06 -17.03 14.15
CA TYR F 117 26.28 -17.31 13.43
C TYR F 117 27.31 -17.94 14.36
N ALA F 118 27.94 -19.01 13.91
CA ALA F 118 28.89 -19.76 14.73
C ALA F 118 30.35 -19.47 14.38
N TYR F 119 30.60 -18.47 13.54
CA TYR F 119 31.95 -18.11 13.13
C TYR F 119 32.23 -16.64 13.39
N ARG F 120 31.79 -16.14 14.55
CA ARG F 120 32.05 -14.78 14.98
C ARG F 120 32.46 -14.77 16.44
N GLY F 121 33.21 -13.75 16.82
CA GLY F 121 33.71 -13.63 18.18
C GLY F 121 32.66 -13.12 19.14
N GLN F 122 33.06 -13.03 20.41
CA GLN F 122 32.15 -12.55 21.44
C GLN F 122 31.82 -11.08 21.24
N GLY F 123 32.79 -10.30 20.75
CA GLY F 123 32.58 -8.88 20.51
C GLY F 123 32.94 -8.05 21.73
N THR F 124 32.92 -6.73 21.52
CA THR F 124 33.24 -5.76 22.55
C THR F 124 32.27 -4.59 22.49
N GLN F 125 32.16 -3.88 23.60
CA GLN F 125 31.23 -2.76 23.72
C GLN F 125 31.96 -1.45 23.46
N VAL F 126 31.36 -0.61 22.62
CA VAL F 126 31.86 0.73 22.35
C VAL F 126 30.74 1.72 22.61
N THR F 127 31.01 2.74 23.42
CA THR F 127 30.01 3.71 23.84
C THR F 127 30.57 5.11 23.59
N VAL F 128 30.01 5.81 22.61
CA VAL F 128 30.41 7.20 22.32
C VAL F 128 29.45 8.09 23.11
N SER F 129 29.84 8.38 24.35
CA SER F 129 29.05 9.22 25.24
C SER F 129 29.91 10.35 25.77
N SER F 130 29.40 11.57 25.67
CA SER F 130 30.11 12.74 26.20
C SER F 130 29.86 12.85 27.70
N HIS F 131 30.92 13.20 28.43
CA HIS F 131 30.83 13.33 29.88
C HIS F 131 31.45 14.64 30.35
N THR G 6 30.04 27.50 12.27
CA THR G 6 28.69 26.89 12.30
C THR G 6 27.63 27.93 12.62
N ALA G 7 26.36 27.55 12.47
CA ALA G 7 25.26 28.47 12.72
C ALA G 7 25.11 28.79 14.21
N SER G 8 25.38 27.82 15.08
CA SER G 8 25.20 28.06 16.51
C SER G 8 26.13 29.17 17.01
N ILE G 9 27.40 29.13 16.62
CA ILE G 9 28.34 30.15 17.09
C ILE G 9 27.98 31.51 16.50
N ALA G 10 27.54 31.54 15.25
CA ALA G 10 27.13 32.80 14.65
C ALA G 10 25.92 33.40 15.38
N GLN G 11 24.94 32.56 15.71
CA GLN G 11 23.78 33.04 16.45
C GLN G 11 24.18 33.53 17.84
N ALA G 12 25.09 32.81 18.51
CA ALA G 12 25.54 33.25 19.82
C ALA G 12 26.25 34.60 19.73
N ARG G 13 27.10 34.77 18.71
CA ARG G 13 27.80 36.04 18.54
C ARG G 13 26.81 37.17 18.23
N LYS G 14 25.80 36.90 17.41
CA LYS G 14 24.81 37.93 17.10
C LYS G 14 24.03 38.33 18.36
N LEU G 15 23.63 37.34 19.16
CA LEU G 15 22.92 37.65 20.40
C LEU G 15 23.80 38.45 21.34
N VAL G 16 25.08 38.08 21.43
CA VAL G 16 26.00 38.78 22.33
C VAL G 16 26.19 40.22 21.86
N GLU G 17 26.33 40.43 20.56
CA GLU G 17 26.46 41.79 20.03
C GLU G 17 25.21 42.60 20.31
N GLN G 18 24.03 41.99 20.12
CA GLN G 18 22.78 42.68 20.43
C GLN G 18 22.72 43.05 21.90
N LEU G 19 23.18 42.16 22.78
CA LEU G 19 23.18 42.47 24.20
C LEU G 19 24.12 43.63 24.51
N LYS G 20 25.30 43.65 23.91
CA LYS G 20 26.19 44.80 24.12
C LYS G 20 25.53 46.09 23.65
N MET G 21 24.91 46.06 22.47
CA MET G 21 24.28 47.27 21.95
C MET G 21 23.17 47.75 22.88
N GLU G 22 22.37 46.81 23.39
CA GLU G 22 21.29 47.18 24.31
C GLU G 22 21.84 47.75 25.61
N ALA G 23 22.92 47.17 26.13
CA ALA G 23 23.44 47.60 27.42
C ALA G 23 23.90 49.05 27.38
N ASN G 24 24.58 49.45 26.31
CA ASN G 24 25.17 50.79 26.22
C ASN G 24 24.11 51.78 25.71
N ILE G 25 23.17 52.09 26.60
CA ILE G 25 22.13 53.07 26.33
C ILE G 25 21.95 53.96 27.55
N ASP G 26 21.36 55.12 27.32
CA ASP G 26 21.08 56.08 28.39
C ASP G 26 19.73 55.77 29.01
N ARG G 27 19.69 55.68 30.33
CA ARG G 27 18.46 55.37 31.07
C ARG G 27 18.15 56.50 32.03
N ILE G 28 16.87 56.85 32.11
CA ILE G 28 16.39 57.88 33.02
C ILE G 28 15.70 57.20 34.19
N LYS G 29 15.74 57.86 35.35
CA LYS G 29 15.21 57.26 36.57
C LYS G 29 13.70 57.07 36.46
N VAL G 30 13.19 56.10 37.21
CA VAL G 30 11.78 55.73 37.12
C VAL G 30 10.90 56.90 37.52
N SER G 31 11.26 57.60 38.59
CA SER G 31 10.43 58.71 39.07
C SER G 31 10.35 59.82 38.02
N LYS G 32 11.50 60.22 37.47
CA LYS G 32 11.49 61.28 36.47
C LYS G 32 10.73 60.86 35.22
N ALA G 33 10.92 59.61 34.79
CA ALA G 33 10.20 59.12 33.62
C ALA G 33 8.69 59.10 33.84
N ALA G 34 8.23 58.62 34.99
CA ALA G 34 6.81 58.54 35.28
C ALA G 34 6.18 59.90 35.51
N ALA G 35 6.96 60.88 35.97
CA ALA G 35 6.44 62.23 36.09
C ALA G 35 5.96 62.76 34.74
N ASP G 36 6.69 62.43 33.67
CA ASP G 36 6.28 62.86 32.34
C ASP G 36 4.94 62.25 31.96
N LEU G 37 4.76 60.95 32.21
CA LEU G 37 3.49 60.31 31.90
C LEU G 37 2.36 60.91 32.72
N MET G 38 2.60 61.18 34.00
CA MET G 38 1.57 61.77 34.85
C MET G 38 1.19 63.16 34.37
N ALA G 39 2.17 63.98 33.99
CA ALA G 39 1.86 65.31 33.45
C ALA G 39 1.09 65.19 32.14
N TYR G 40 1.47 64.24 31.29
CA TYR G 40 0.76 64.03 30.04
C TYR G 40 -0.69 63.66 30.29
N CYS G 41 -0.94 62.76 31.25
CA CYS G 41 -2.30 62.36 31.55
C CYS G 41 -3.10 63.52 32.14
N GLU G 42 -2.51 64.26 33.07
CA GLU G 42 -3.24 65.35 33.71
C GLU G 42 -3.58 66.46 32.72
N ALA G 43 -2.64 66.80 31.84
CA ALA G 43 -2.85 67.91 30.92
C ALA G 43 -4.02 67.65 29.99
N HIS G 44 -4.13 66.43 29.46
CA HIS G 44 -5.14 66.09 28.47
C HIS G 44 -6.32 65.32 29.05
N ALA G 45 -6.54 65.41 30.37
CA ALA G 45 -7.69 64.74 30.97
C ALA G 45 -8.99 65.31 30.43
N LYS G 46 -9.07 66.63 30.27
CA LYS G 46 -10.29 67.27 29.79
C LYS G 46 -10.57 66.98 28.32
N GLU G 47 -9.59 66.48 27.57
CA GLU G 47 -9.76 66.21 26.15
C GLU G 47 -10.01 64.74 25.85
N ASP G 48 -10.31 63.94 26.87
CA ASP G 48 -10.57 62.52 26.69
C ASP G 48 -12.07 62.25 26.83
N PRO G 49 -12.80 62.00 25.76
CA PRO G 49 -14.26 61.76 25.91
C PRO G 49 -14.57 60.61 26.84
N LEU G 50 -13.78 59.55 26.84
CA LEU G 50 -14.05 58.41 27.71
C LEU G 50 -13.94 58.80 29.17
N LEU G 51 -12.88 59.52 29.53
CA LEU G 51 -12.68 59.88 30.93
C LEU G 51 -13.70 60.93 31.37
N THR G 52 -13.90 61.97 30.56
CA THR G 52 -14.91 62.99 30.84
C THR G 52 -16.06 62.81 29.86
N PRO G 53 -17.24 62.38 30.32
CA PRO G 53 -18.35 62.16 29.38
C PRO G 53 -18.70 63.43 28.61
N VAL G 54 -19.06 63.25 27.34
CA VAL G 54 -19.44 64.36 26.47
C VAL G 54 -20.96 64.47 26.49
N PRO G 55 -21.53 65.68 26.52
CA PRO G 55 -22.99 65.80 26.45
C PRO G 55 -23.54 65.17 25.18
N ALA G 56 -24.75 64.62 25.29
CA ALA G 56 -25.36 63.95 24.14
C ALA G 56 -25.49 64.89 22.95
N SER G 57 -25.59 66.20 23.18
CA SER G 57 -25.69 67.13 22.06
C SER G 57 -24.43 67.13 21.21
N GLU G 58 -23.26 67.13 21.85
CA GLU G 58 -21.99 67.12 21.13
C GLU G 58 -21.46 65.71 20.87
N ASN G 59 -22.10 64.70 21.45
CA ASN G 59 -21.77 63.30 21.17
C ASN G 59 -22.34 62.89 19.82
N PRO G 60 -21.55 62.31 18.92
CA PRO G 60 -22.13 61.84 17.65
C PRO G 60 -22.82 60.49 17.75
N PHE G 61 -22.61 59.73 18.82
CA PHE G 61 -23.21 58.40 18.97
C PHE G 61 -24.48 58.48 19.83
N ARG G 62 -25.50 59.13 19.28
CA ARG G 62 -26.77 59.26 19.98
C ARG G 62 -27.50 57.92 20.05
N SER H 1 17.46 -18.02 -60.34
CA SER H 1 17.19 -19.47 -60.60
C SER H 1 18.19 -20.34 -59.85
N VAL H 2 17.93 -21.65 -59.83
CA VAL H 2 18.81 -22.59 -59.16
C VAL H 2 20.04 -22.80 -60.04
N SER H 3 21.22 -22.55 -59.48
CA SER H 3 22.45 -22.55 -60.27
C SER H 3 22.85 -23.94 -60.74
N GLU H 4 22.82 -24.93 -59.84
CA GLU H 4 23.27 -26.27 -60.20
C GLU H 4 22.45 -26.84 -61.35
N ILE H 5 21.13 -26.70 -61.28
CA ILE H 5 20.28 -27.14 -62.38
C ILE H 5 20.57 -26.35 -63.63
N GLN H 6 20.76 -25.02 -63.50
CA GLN H 6 21.06 -24.20 -64.66
C GLN H 6 22.38 -24.63 -65.31
N LEU H 7 23.40 -24.92 -64.49
CA LEU H 7 24.65 -25.41 -65.05
C LEU H 7 24.45 -26.75 -65.75
N MET H 8 23.63 -27.63 -65.16
CA MET H 8 23.37 -28.92 -65.78
C MET H 8 22.73 -28.75 -67.15
N HIS H 9 21.76 -27.86 -67.28
CA HIS H 9 21.13 -27.62 -68.57
C HIS H 9 22.12 -27.05 -69.57
N ASN H 10 22.99 -26.14 -69.13
CA ASN H 10 23.99 -25.58 -70.02
C ASN H 10 24.94 -26.66 -70.52
N LEU H 11 25.35 -27.58 -69.63
CA LEU H 11 26.23 -28.66 -70.04
C LEU H 11 25.57 -29.54 -71.10
N GLY H 12 24.28 -29.85 -70.92
CA GLY H 12 23.59 -30.65 -71.92
C GLY H 12 23.56 -29.99 -73.28
N LYS H 13 23.25 -28.69 -73.31
CA LYS H 13 23.26 -27.96 -74.57
C LYS H 13 24.66 -27.92 -75.17
N HIS H 14 25.67 -27.68 -74.33
CA HIS H 14 27.04 -27.60 -74.82
C HIS H 14 27.49 -28.93 -75.41
N LEU H 15 27.26 -30.03 -74.69
CA LEU H 15 27.68 -31.33 -75.18
C LEU H 15 26.88 -31.75 -76.40
N ASN H 16 25.58 -31.46 -76.42
CA ASN H 16 24.77 -31.79 -77.59
C ASN H 16 25.25 -31.03 -78.82
N SER H 17 25.62 -29.76 -78.65
CA SER H 17 26.17 -28.99 -79.76
C SER H 17 27.46 -29.62 -80.27
N MET H 18 28.32 -30.08 -79.37
CA MET H 18 29.56 -30.73 -79.80
C MET H 18 29.28 -31.96 -80.62
N GLU H 19 28.31 -32.78 -80.21
CA GLU H 19 27.94 -33.96 -81.00
C GLU H 19 27.45 -33.54 -82.38
N ARG H 20 26.61 -32.50 -82.43
CA ARG H 20 26.14 -31.99 -83.73
C ARG H 20 27.30 -31.46 -84.56
N VAL H 21 28.20 -30.68 -83.94
CA VAL H 21 29.31 -30.11 -84.69
C VAL H 21 30.24 -31.21 -85.18
N GLU H 22 30.59 -32.15 -84.30
CA GLU H 22 31.41 -33.28 -84.73
C GLU H 22 30.69 -34.12 -85.77
N TRP H 23 29.36 -34.22 -85.67
CA TRP H 23 28.59 -34.88 -86.72
C TRP H 23 28.74 -34.14 -88.04
N LEU H 24 28.70 -32.80 -88.00
CA LEU H 24 28.90 -32.01 -89.20
C LEU H 24 30.32 -32.20 -89.74
N ARG H 25 31.30 -32.25 -88.84
CA ARG H 25 32.69 -32.35 -89.27
C ARG H 25 32.94 -33.63 -90.07
N LYS H 26 32.45 -34.76 -89.58
CA LYS H 26 32.68 -36.01 -90.29
C LYS H 26 31.86 -36.08 -91.58
N LYS H 27 30.67 -35.47 -91.58
CA LYS H 27 29.92 -35.36 -92.84
C LYS H 27 30.69 -34.52 -93.85
N LEU H 28 31.35 -33.45 -93.39
CA LEU H 28 32.15 -32.63 -94.29
C LEU H 28 33.26 -33.45 -94.93
N GLN H 29 33.93 -34.28 -94.15
CA GLN H 29 34.99 -35.13 -94.70
C GLN H 29 34.43 -36.15 -95.69
N ASP H 30 33.27 -36.75 -95.36
CA ASP H 30 32.70 -37.75 -96.25
C ASP H 30 32.35 -37.16 -97.61
N VAL H 31 31.70 -36.00 -97.61
CA VAL H 31 31.36 -35.37 -98.88
C VAL H 31 32.62 -34.94 -99.63
N HIS H 32 33.63 -34.46 -98.89
CA HIS H 32 34.90 -34.12 -99.54
C HIS H 32 35.56 -35.35 -100.15
N ASN H 33 35.33 -36.53 -99.57
CA ASN H 33 35.85 -37.78 -100.08
C ASN H 33 34.91 -38.46 -101.07
N PHE H 34 33.75 -37.88 -101.34
CA PHE H 34 32.79 -38.46 -102.26
C PHE H 34 33.37 -38.60 -103.66
N VAL I 5 16.91 -23.17 -81.41
CA VAL I 5 17.94 -24.25 -81.41
C VAL I 5 17.26 -25.62 -81.44
N MET I 6 17.91 -26.57 -82.10
CA MET I 6 17.39 -27.93 -82.20
C MET I 6 18.51 -28.92 -81.86
N THR I 7 18.11 -30.09 -81.40
CA THR I 7 19.04 -31.06 -80.84
C THR I 7 19.58 -31.99 -81.91
N LYS I 8 20.42 -32.93 -81.48
CA LYS I 8 20.97 -33.93 -82.40
C LYS I 8 19.87 -34.79 -82.99
N GLU I 9 18.88 -35.17 -82.16
CA GLU I 9 17.78 -36.00 -82.66
C GLU I 9 17.03 -35.30 -83.77
N GLU I 10 16.77 -34.00 -83.61
CA GLU I 10 16.08 -33.25 -84.66
C GLU I 10 16.90 -33.26 -85.95
N GLN I 11 18.21 -33.05 -85.86
CA GLN I 11 19.03 -33.06 -87.06
C GLN I 11 18.97 -34.41 -87.76
N ILE I 12 19.01 -35.50 -86.98
CA ILE I 12 18.86 -36.82 -87.56
C ILE I 12 17.50 -36.97 -88.23
N PHE I 13 16.44 -36.49 -87.55
CA PHE I 13 15.10 -36.58 -88.11
C PHE I 13 14.99 -35.72 -89.38
N LEU I 14 15.46 -34.48 -89.32
CA LEU I 14 15.32 -33.58 -90.46
C LEU I 14 16.10 -34.09 -91.66
N LEU I 15 17.28 -34.66 -91.43
CA LEU I 15 18.05 -35.23 -92.54
C LEU I 15 17.29 -36.38 -93.19
N HIS I 16 16.64 -37.23 -92.39
CA HIS I 16 15.82 -38.30 -92.94
C HIS I 16 14.67 -37.72 -93.76
N ARG I 17 14.02 -36.69 -93.23
CA ARG I 17 12.97 -36.02 -94.01
C ARG I 17 13.56 -35.35 -95.24
N ALA I 18 14.73 -34.74 -95.11
CA ALA I 18 15.37 -34.10 -96.26
C ALA I 18 15.62 -35.11 -97.37
N GLN I 19 16.25 -36.24 -97.04
CA GLN I 19 16.50 -37.27 -98.04
C GLN I 19 15.20 -37.87 -98.55
N ALA I 20 14.12 -37.80 -97.77
CA ALA I 20 12.83 -38.30 -98.23
C ALA I 20 12.33 -37.50 -99.42
N GLN I 21 12.48 -36.17 -99.39
CA GLN I 21 12.07 -35.36 -100.53
C GLN I 21 12.90 -35.68 -101.76
N CYS I 22 14.18 -36.03 -101.56
CA CYS I 22 15.00 -36.48 -102.69
C CYS I 22 14.38 -37.71 -103.35
N GLU I 23 13.67 -38.53 -102.58
CA GLU I 23 13.00 -39.70 -103.14
C GLU I 23 11.61 -39.37 -103.67
N LYS I 24 10.84 -38.55 -102.93
CA LYS I 24 9.53 -38.14 -103.43
C LYS I 24 9.65 -37.34 -104.71
N ARG I 25 10.82 -36.76 -104.98
CA ARG I 25 11.09 -36.06 -106.23
C ARG I 25 10.68 -36.89 -107.43
N GLY I 79 24.69 -25.08 -121.38
CA GLY I 79 24.95 -26.50 -121.57
C GLY I 79 23.82 -27.37 -121.07
N ARG I 80 24.12 -28.65 -120.83
CA ARG I 80 23.11 -29.58 -120.35
C ARG I 80 22.84 -29.32 -118.87
N PRO I 81 21.70 -29.81 -118.36
CA PRO I 81 21.36 -29.59 -116.94
C PRO I 81 22.41 -30.13 -115.97
N CYS I 82 23.34 -30.94 -116.48
CA CYS I 82 24.43 -31.51 -115.70
C CYS I 82 23.95 -32.62 -114.77
N LEU I 83 22.63 -32.82 -114.69
CA LEU I 83 22.05 -33.90 -113.89
C LEU I 83 22.49 -33.82 -112.43
N PRO I 84 21.89 -34.62 -111.55
CA PRO I 84 22.32 -34.60 -110.14
C PRO I 84 23.78 -34.98 -109.98
N GLU I 85 24.61 -34.02 -109.58
CA GLU I 85 26.05 -34.23 -109.46
C GLU I 85 26.57 -33.50 -108.21
N TRP I 86 25.86 -33.63 -107.09
CA TRP I 86 26.09 -32.72 -105.98
C TRP I 86 26.63 -33.42 -104.73
N ASP I 87 25.89 -34.39 -104.18
CA ASP I 87 26.26 -35.05 -102.93
C ASP I 87 25.24 -36.15 -102.62
N HIS I 88 25.36 -36.76 -101.44
CA HIS I 88 24.34 -37.72 -101.00
C HIS I 88 23.67 -37.26 -99.71
N ILE I 89 24.09 -36.12 -99.17
CA ILE I 89 23.48 -35.58 -97.95
C ILE I 89 22.41 -34.54 -98.27
N LEU I 90 22.80 -33.44 -98.91
CA LEU I 90 21.84 -32.38 -99.21
C LEU I 90 20.88 -32.84 -100.31
N CYS I 91 19.88 -32.01 -100.60
CA CYS I 91 18.78 -32.39 -101.50
C CYS I 91 18.49 -31.28 -102.50
N TRP I 92 19.53 -30.81 -103.20
CA TRP I 92 19.38 -30.05 -104.44
C TRP I 92 19.98 -30.87 -105.57
N PRO I 93 19.29 -31.94 -106.00
CA PRO I 93 19.86 -32.90 -106.97
C PRO I 93 19.81 -32.40 -108.41
N LEU I 94 20.70 -31.48 -108.75
CA LEU I 94 20.81 -30.98 -110.10
C LEU I 94 22.04 -30.10 -110.21
N GLY I 95 22.67 -30.12 -111.39
CA GLY I 95 23.87 -29.34 -111.62
C GLY I 95 23.64 -28.09 -112.44
N ALA I 96 22.37 -27.79 -112.74
CA ALA I 96 22.00 -26.59 -113.49
C ALA I 96 22.50 -26.68 -114.92
N PRO I 97 21.95 -25.86 -115.84
CA PRO I 97 22.34 -25.97 -117.26
C PRO I 97 23.76 -25.51 -117.53
N GLY I 98 24.75 -26.31 -117.17
CA GLY I 98 26.14 -25.94 -117.43
C GLY I 98 26.50 -24.59 -116.84
N GLU I 99 26.07 -24.33 -115.62
CA GLU I 99 26.25 -23.03 -114.99
C GLU I 99 26.52 -23.23 -113.51
N VAL I 100 26.84 -22.13 -112.82
CA VAL I 100 26.97 -22.19 -111.38
C VAL I 100 25.62 -22.49 -110.77
N VAL I 101 25.58 -23.49 -109.88
CA VAL I 101 24.31 -23.90 -109.29
C VAL I 101 23.66 -22.73 -108.57
N ALA I 102 24.44 -21.97 -107.81
CA ALA I 102 23.96 -20.75 -107.16
C ALA I 102 22.82 -21.03 -106.19
N VAL I 103 22.74 -22.24 -105.67
CA VAL I 103 21.75 -22.57 -104.66
C VAL I 103 22.22 -22.02 -103.31
N PRO I 104 21.42 -21.23 -102.61
CA PRO I 104 21.87 -20.71 -101.30
C PRO I 104 22.19 -21.85 -100.35
N CYS I 105 22.99 -21.54 -99.35
CA CYS I 105 23.33 -22.52 -98.33
C CYS I 105 22.03 -23.03 -97.71
N PRO I 106 21.82 -24.34 -97.63
CA PRO I 106 20.50 -24.86 -97.24
C PRO I 106 20.07 -24.33 -95.87
N ASP I 107 18.80 -23.96 -95.77
CA ASP I 107 18.25 -23.43 -94.52
C ASP I 107 17.70 -24.52 -93.61
N TYR I 108 17.59 -25.75 -94.08
CA TYR I 108 17.12 -26.83 -93.21
C TYR I 108 18.20 -27.27 -92.23
N ILE I 109 19.48 -27.03 -92.55
CA ILE I 109 20.52 -27.21 -91.56
C ILE I 109 20.39 -26.11 -90.52
N TYR I 110 20.93 -26.35 -89.32
CA TYR I 110 20.61 -25.49 -88.19
C TYR I 110 21.02 -24.04 -88.44
N ASP I 111 22.33 -23.78 -88.48
CA ASP I 111 22.80 -22.41 -88.68
C ASP I 111 23.34 -22.20 -90.09
N PHE I 112 24.43 -22.89 -90.43
CA PHE I 112 24.92 -23.00 -91.80
C PHE I 112 25.05 -21.68 -92.53
N ASN I 113 24.98 -20.55 -91.81
CA ASN I 113 25.02 -19.24 -92.44
C ASN I 113 24.18 -19.22 -93.71
N HIS I 114 22.87 -19.41 -93.58
CA HIS I 114 22.01 -19.63 -94.74
C HIS I 114 22.19 -18.59 -95.83
N LYS I 115 22.58 -17.36 -95.49
CA LYS I 115 22.68 -16.31 -96.49
C LYS I 115 23.72 -16.63 -97.56
N GLY I 116 24.64 -17.55 -97.30
CA GLY I 116 25.68 -17.88 -98.26
C GLY I 116 25.14 -18.76 -99.39
N HIS I 117 26.08 -19.17 -100.26
CA HIS I 117 25.77 -19.97 -101.43
C HIS I 117 26.74 -21.13 -101.54
N ALA I 118 26.27 -22.23 -102.12
CA ALA I 118 27.14 -23.37 -102.37
C ALA I 118 28.07 -23.13 -103.54
N TYR I 119 27.57 -22.47 -104.59
CA TYR I 119 28.37 -22.14 -105.77
C TYR I 119 28.98 -23.37 -106.43
N ARG I 120 28.23 -24.47 -106.48
CA ARG I 120 28.63 -25.62 -107.28
C ARG I 120 28.56 -25.25 -108.76
N ARG I 121 29.48 -25.82 -109.55
CA ARG I 121 29.58 -25.44 -110.95
C ARG I 121 29.85 -26.68 -111.81
N CYS I 122 29.33 -26.63 -113.03
CA CYS I 122 29.65 -27.60 -114.08
C CYS I 122 29.93 -26.83 -115.36
N ASP I 123 30.83 -27.38 -116.18
CA ASP I 123 31.36 -26.63 -117.31
C ASP I 123 31.65 -27.52 -118.51
N ARG I 124 32.47 -27.02 -119.45
CA ARG I 124 32.65 -27.64 -120.75
C ARG I 124 31.38 -27.48 -121.57
N ASN I 125 30.46 -28.46 -121.49
CA ASN I 125 29.13 -28.26 -122.07
C ASN I 125 28.05 -28.84 -121.16
N GLY I 126 28.31 -29.01 -119.87
CA GLY I 126 27.37 -29.64 -118.97
C GLY I 126 28.00 -30.71 -118.11
N SER I 127 29.34 -30.76 -118.10
CA SER I 127 30.08 -31.80 -117.40
C SER I 127 30.82 -31.20 -116.22
N TRP I 128 30.91 -32.00 -115.15
CA TRP I 128 31.64 -31.59 -113.96
C TRP I 128 33.14 -31.46 -114.24
N GLU I 129 33.81 -30.67 -113.42
CA GLU I 129 35.26 -30.48 -113.52
C GLU I 129 35.98 -31.34 -112.49
N LEU I 130 36.27 -32.58 -112.87
CA LEU I 130 36.70 -33.59 -111.91
C LEU I 130 38.20 -33.84 -112.03
N VAL I 131 38.67 -34.78 -111.22
CA VAL I 131 40.07 -35.22 -111.16
C VAL I 131 41.07 -34.07 -111.02
N PRO I 132 40.85 -33.11 -110.11
CA PRO I 132 42.00 -32.32 -109.63
C PRO I 132 42.76 -33.11 -108.57
N GLY I 133 43.92 -33.65 -108.93
CA GLY I 133 44.55 -34.64 -108.06
C GLY I 133 43.77 -35.93 -107.97
N HIS I 134 42.96 -36.24 -108.99
CA HIS I 134 42.12 -37.42 -109.07
C HIS I 134 40.92 -37.36 -108.12
N ASN I 135 40.63 -36.19 -107.55
CA ASN I 135 39.42 -36.04 -106.75
C ASN I 135 38.19 -35.96 -107.67
N ARG I 136 37.03 -36.30 -107.11
CA ARG I 136 35.80 -36.38 -107.89
C ARG I 136 34.68 -35.67 -107.16
N THR I 137 33.71 -35.20 -107.93
CA THR I 137 32.59 -34.40 -107.42
C THR I 137 33.11 -33.15 -106.70
N TRP I 138 33.84 -32.33 -107.44
CA TRP I 138 34.39 -31.11 -106.88
C TRP I 138 33.26 -30.18 -106.43
N ALA I 139 33.40 -29.64 -105.22
CA ALA I 139 32.38 -28.79 -104.61
C ALA I 139 33.02 -27.50 -104.13
N ASN I 140 32.18 -26.48 -103.94
CA ASN I 140 32.64 -25.15 -103.60
C ASN I 140 32.05 -24.61 -102.31
N TYR I 141 31.37 -25.45 -101.51
CA TYR I 141 30.78 -24.92 -100.28
C TYR I 141 31.78 -24.86 -99.11
N SER I 142 33.09 -24.86 -99.38
CA SER I 142 34.07 -24.69 -98.31
C SER I 142 33.89 -23.34 -97.63
N GLU I 143 33.58 -22.31 -98.41
CA GLU I 143 33.31 -21.00 -97.84
C GLU I 143 31.94 -20.93 -97.16
N CYS I 144 31.02 -21.83 -97.51
CA CYS I 144 29.73 -21.87 -96.84
C CYS I 144 29.84 -22.46 -95.44
N VAL I 145 30.86 -23.27 -95.18
CA VAL I 145 31.01 -23.94 -93.88
C VAL I 145 32.00 -23.18 -93.02
N LYS I 146 32.19 -21.89 -93.32
CA LYS I 146 33.11 -21.02 -92.57
C LYS I 146 32.38 -20.51 -91.32
N PHE I 147 31.97 -21.44 -90.45
CA PHE I 147 31.08 -20.97 -89.35
C PHE I 147 31.44 -21.53 -87.97
N LEU I 148 30.69 -21.09 -86.95
CA LEU I 148 30.90 -21.57 -85.55
C LEU I 148 32.33 -22.07 -85.37
N GLU I 151 34.18 -22.84 -79.74
CA GLU I 151 33.58 -23.46 -78.56
C GLU I 151 34.57 -23.68 -77.42
N THR I 152 35.85 -23.41 -77.64
CA THR I 152 36.84 -23.70 -76.61
C THR I 152 36.61 -22.86 -75.36
N ARG I 153 36.15 -21.62 -75.54
CA ARG I 153 35.98 -20.73 -74.38
C ARG I 153 34.97 -21.28 -73.39
N GLU I 154 33.83 -21.77 -73.89
CA GLU I 154 32.80 -22.30 -73.00
C GLU I 154 33.30 -23.52 -72.23
N ARG I 155 34.00 -24.42 -72.92
CA ARG I 155 34.49 -25.63 -72.25
C ARG I 155 35.49 -25.29 -71.16
N GLU I 156 36.37 -24.32 -71.41
CA GLU I 156 37.39 -23.96 -70.42
C GLU I 156 36.75 -23.48 -69.13
N VAL I 157 35.77 -22.59 -69.22
CA VAL I 157 35.12 -22.10 -68.01
C VAL I 157 34.30 -23.20 -67.36
N PHE I 158 33.66 -24.08 -68.17
CA PHE I 158 32.94 -25.21 -67.59
C PHE I 158 33.88 -26.10 -66.79
N ASP I 159 35.07 -26.40 -67.35
CA ASP I 159 36.04 -27.19 -66.61
C ASP I 159 36.53 -26.45 -65.38
N ARG I 160 36.75 -25.13 -65.51
CA ARG I 160 37.20 -24.35 -64.35
C ARG I 160 36.18 -24.42 -63.23
N LEU I 161 34.89 -24.25 -63.56
CA LEU I 161 33.85 -24.37 -62.54
C LEU I 161 33.81 -25.78 -61.97
N ALA I 162 34.05 -26.78 -62.80
CA ALA I 162 34.03 -28.16 -62.33
C ALA I 162 35.10 -28.40 -61.27
N MET I 163 36.31 -27.88 -61.52
CA MET I 163 37.40 -28.10 -60.57
C MET I 163 37.17 -27.34 -59.28
N ILE I 164 36.59 -26.14 -59.36
CA ILE I 164 36.39 -25.31 -58.16
C ILE I 164 35.41 -26.00 -57.22
N TYR I 165 34.25 -26.42 -57.73
CA TYR I 165 33.24 -26.98 -56.84
C TYR I 165 33.57 -28.41 -56.44
N THR I 166 34.26 -29.16 -57.30
CA THR I 166 34.69 -30.49 -56.91
C THR I 166 35.66 -30.42 -55.73
N VAL I 167 36.60 -29.47 -55.77
CA VAL I 167 37.52 -29.29 -54.66
C VAL I 167 36.76 -28.81 -53.42
N GLY I 168 35.90 -27.81 -53.59
CA GLY I 168 35.15 -27.29 -52.45
C GLY I 168 34.23 -28.33 -51.84
N TYR I 169 33.59 -29.14 -52.67
CA TYR I 169 32.72 -30.19 -52.15
C TYR I 169 33.52 -31.27 -51.45
N SER I 170 34.72 -31.57 -51.96
CA SER I 170 35.54 -32.62 -51.35
C SER I 170 35.95 -32.25 -49.93
N VAL I 171 36.40 -31.00 -49.75
CA VAL I 171 36.82 -30.55 -48.41
C VAL I 171 35.62 -30.54 -47.47
N SER I 172 34.47 -30.09 -47.96
CA SER I 172 33.27 -30.07 -47.12
C SER I 172 32.89 -31.48 -46.68
N LEU I 173 32.96 -32.45 -47.59
CA LEU I 173 32.66 -33.83 -47.22
C LEU I 173 33.59 -34.32 -46.12
N ALA I 174 34.89 -34.09 -46.28
CA ALA I 174 35.85 -34.53 -45.26
C ALA I 174 35.59 -33.83 -43.93
N SER I 175 35.37 -32.52 -43.96
CA SER I 175 35.10 -31.79 -42.73
C SER I 175 33.78 -32.24 -42.10
N LEU I 176 32.73 -32.39 -42.92
CA LEU I 176 31.43 -32.77 -42.39
C LEU I 176 31.44 -34.20 -41.84
N THR I 177 32.16 -35.11 -42.50
CA THR I 177 32.24 -36.49 -42.01
C THR I 177 32.90 -36.53 -40.63
N VAL I 178 33.98 -35.77 -40.44
CA VAL I 178 34.56 -35.68 -39.10
C VAL I 178 33.55 -35.08 -38.13
N ALA I 179 32.80 -34.07 -38.59
CA ALA I 179 31.81 -33.43 -37.73
C ALA I 179 30.71 -34.42 -37.33
N VAL I 180 30.21 -35.20 -38.28
CA VAL I 180 29.15 -36.15 -37.97
C VAL I 180 29.65 -37.21 -36.99
N LEU I 181 30.87 -37.71 -37.20
CA LEU I 181 31.42 -38.70 -36.29
C LEU I 181 31.58 -38.12 -34.89
N ILE I 182 32.04 -36.87 -34.79
CA ILE I 182 32.22 -36.25 -33.47
C ILE I 182 30.89 -36.14 -32.76
N LEU I 183 29.87 -35.59 -33.43
CA LEU I 183 28.58 -35.41 -32.78
C LEU I 183 27.97 -36.74 -32.36
N ALA I 184 28.09 -37.76 -33.21
CA ALA I 184 27.47 -39.05 -32.91
C ALA I 184 28.12 -39.75 -31.73
N TYR I 185 29.46 -39.72 -31.64
CA TYR I 185 30.14 -40.52 -30.62
C TYR I 185 29.87 -39.99 -29.22
N PHE I 186 30.01 -38.68 -29.02
CA PHE I 186 29.79 -38.10 -27.70
C PHE I 186 28.31 -38.16 -27.34
N ARG I 187 28.01 -38.74 -26.18
CA ARG I 187 26.62 -38.79 -25.72
C ARG I 187 26.16 -37.46 -25.13
N ARG I 188 27.08 -36.65 -24.62
CA ARG I 188 26.71 -35.36 -24.06
C ARG I 188 26.08 -34.46 -25.11
N LEU I 189 26.64 -34.47 -26.32
CA LEU I 189 26.16 -33.59 -27.39
C LEU I 189 24.80 -34.00 -27.93
N HIS I 190 24.28 -35.15 -27.52
CA HIS I 190 22.99 -35.62 -28.02
C HIS I 190 21.87 -34.69 -27.57
N CYS I 191 21.33 -33.91 -28.49
CA CYS I 191 20.26 -32.98 -28.19
C CYS I 191 19.46 -32.71 -29.46
N THR I 192 18.24 -32.20 -29.27
CA THR I 192 17.39 -31.89 -30.42
C THR I 192 18.08 -30.91 -31.36
N ARG I 193 18.80 -29.93 -30.81
CA ARG I 193 19.58 -29.02 -31.64
C ARG I 193 20.64 -29.78 -32.42
N ASN I 194 21.33 -30.72 -31.77
CA ASN I 194 22.40 -31.45 -32.43
C ASN I 194 21.86 -32.49 -33.40
N TYR I 195 20.68 -33.06 -33.13
CA TYR I 195 20.09 -33.99 -34.08
C TYR I 195 19.81 -33.30 -35.41
N ILE I 196 19.26 -32.09 -35.37
CA ILE I 196 19.00 -31.34 -36.59
C ILE I 196 20.32 -30.96 -37.26
N HIS I 197 21.33 -30.63 -36.46
CA HIS I 197 22.65 -30.37 -37.03
C HIS I 197 23.19 -31.59 -37.75
N MET I 198 23.06 -32.77 -37.14
CA MET I 198 23.48 -33.99 -37.82
C MET I 198 22.68 -34.21 -39.09
N HIS I 199 21.37 -33.95 -39.04
CA HIS I 199 20.56 -34.07 -40.26
C HIS I 199 21.04 -33.08 -41.32
N LEU I 200 21.31 -31.84 -40.92
CA LEU I 200 21.80 -30.85 -41.88
C LEU I 200 23.17 -31.26 -42.42
N PHE I 201 24.08 -31.68 -41.54
CA PHE I 201 25.39 -32.11 -42.00
C PHE I 201 25.28 -33.27 -42.97
N LEU I 202 24.45 -34.26 -42.64
CA LEU I 202 24.24 -35.39 -43.56
C LEU I 202 23.74 -34.91 -44.91
N SER I 203 22.69 -34.08 -44.90
CA SER I 203 22.11 -33.63 -46.16
C SER I 203 23.16 -32.98 -47.05
N PHE I 204 24.12 -32.27 -46.46
CA PHE I 204 25.22 -31.74 -47.24
C PHE I 204 26.04 -32.87 -47.86
N MET I 205 26.26 -33.95 -47.11
CA MET I 205 27.04 -35.07 -47.65
C MET I 205 26.33 -35.73 -48.83
N LEU I 206 25.07 -36.13 -48.65
CA LEU I 206 24.36 -36.76 -49.75
C LEU I 206 24.31 -35.84 -50.96
N ARG I 207 24.18 -34.53 -50.73
CA ARG I 207 24.21 -33.59 -51.85
C ARG I 207 25.54 -33.67 -52.59
N ALA I 208 26.65 -33.72 -51.87
CA ALA I 208 27.96 -33.69 -52.51
C ALA I 208 28.26 -35.00 -53.24
N VAL I 209 28.02 -36.13 -52.57
CA VAL I 209 28.35 -37.42 -53.17
C VAL I 209 27.52 -37.65 -54.44
N SER I 210 26.23 -37.29 -54.40
CA SER I 210 25.39 -37.45 -55.58
C SER I 210 25.89 -36.59 -56.74
N ILE I 211 26.35 -35.38 -56.45
CA ILE I 211 26.92 -34.53 -57.50
C ILE I 211 28.13 -35.22 -58.11
N PHE I 212 28.98 -35.82 -57.28
CA PHE I 212 30.09 -36.61 -57.79
C PHE I 212 29.59 -37.78 -58.62
N VAL I 213 28.55 -38.46 -58.14
CA VAL I 213 27.98 -39.58 -58.89
C VAL I 213 27.41 -39.10 -60.21
N LYS I 214 26.70 -37.95 -60.19
CA LYS I 214 26.17 -37.40 -61.43
C LYS I 214 27.29 -37.05 -62.40
N ASP I 215 28.37 -36.44 -61.89
CA ASP I 215 29.48 -36.08 -62.76
C ASP I 215 30.11 -37.33 -63.38
N ALA I 216 30.28 -38.39 -62.59
CA ALA I 216 30.88 -39.61 -63.11
C ALA I 216 30.03 -40.21 -64.22
N VAL I 217 28.71 -40.25 -64.02
CA VAL I 217 27.83 -40.82 -65.04
C VAL I 217 27.81 -39.94 -66.29
N LEU I 218 27.68 -38.63 -66.11
CA LEU I 218 27.58 -37.73 -67.26
C LEU I 218 28.88 -37.70 -68.06
N TYR I 219 30.01 -37.50 -67.38
CA TYR I 219 31.28 -37.38 -68.08
C TYR I 219 31.64 -38.68 -68.78
N SER I 220 31.44 -39.82 -68.11
CA SER I 220 31.79 -41.11 -68.69
C SER I 220 30.86 -41.44 -69.86
N ALA I 250 19.92 -42.60 -75.80
CA ALA I 250 20.90 -42.49 -74.73
C ALA I 250 20.19 -42.27 -73.38
N GLY I 251 18.91 -42.59 -73.34
CA GLY I 251 18.13 -42.42 -72.13
C GLY I 251 18.13 -43.65 -71.24
N TYR I 252 19.30 -44.05 -70.76
CA TYR I 252 19.41 -45.24 -69.93
C TYR I 252 18.90 -44.96 -68.53
N ALA I 253 18.50 -46.03 -67.83
CA ALA I 253 17.92 -45.89 -66.51
C ALA I 253 18.92 -45.29 -65.52
N GLY I 254 20.18 -45.74 -65.58
CA GLY I 254 21.16 -45.23 -64.64
C GLY I 254 21.34 -43.72 -64.73
N CYS I 255 21.31 -43.19 -65.95
CA CYS I 255 21.44 -41.74 -66.13
C CYS I 255 20.30 -41.00 -65.44
N ARG I 256 19.06 -41.50 -65.61
CA ARG I 256 17.93 -40.88 -64.96
C ARG I 256 18.03 -40.98 -63.43
N VAL I 257 18.46 -42.15 -62.94
CA VAL I 257 18.55 -42.36 -61.50
C VAL I 257 19.54 -41.39 -60.88
N ALA I 258 20.69 -41.20 -61.53
CA ALA I 258 21.69 -40.27 -61.01
C ALA I 258 21.15 -38.85 -60.98
N VAL I 259 20.45 -38.44 -62.04
CA VAL I 259 19.95 -37.06 -62.12
C VAL I 259 18.89 -36.82 -61.05
N THR I 260 17.91 -37.72 -60.94
CA THR I 260 16.83 -37.50 -59.98
C THR I 260 17.34 -37.51 -58.55
N PHE I 261 18.29 -38.39 -58.23
CA PHE I 261 18.87 -38.39 -56.89
C PHE I 261 19.59 -37.08 -56.61
N PHE I 262 20.33 -36.56 -57.60
CA PHE I 262 21.05 -35.31 -57.41
C PHE I 262 20.10 -34.17 -57.11
N LEU I 263 18.98 -34.09 -57.84
CA LEU I 263 18.00 -33.04 -57.57
C LEU I 263 17.36 -33.24 -56.20
N TYR I 264 17.01 -34.48 -55.85
CA TYR I 264 16.39 -34.74 -54.57
C TYR I 264 17.34 -34.41 -53.42
N PHE I 265 18.61 -34.79 -53.56
CA PHE I 265 19.59 -34.48 -52.52
C PHE I 265 19.90 -32.98 -52.47
N LEU I 266 19.84 -32.30 -53.62
CA LEU I 266 19.99 -30.85 -53.61
C LEU I 266 18.81 -30.19 -52.90
N ALA I 267 17.59 -30.67 -53.15
CA ALA I 267 16.41 -30.06 -52.56
C ALA I 267 16.38 -30.27 -51.05
N THR I 268 16.70 -31.48 -50.59
CA THR I 268 16.64 -31.75 -49.15
C THR I 268 17.65 -30.91 -48.38
N ASN I 269 18.84 -30.70 -48.97
CA ASN I 269 19.83 -29.84 -48.33
C ASN I 269 19.30 -28.42 -48.19
N TYR I 270 18.64 -27.91 -49.23
CA TYR I 270 18.07 -26.57 -49.17
C TYR I 270 17.00 -26.48 -48.10
N TYR I 271 16.11 -27.47 -48.03
CA TYR I 271 15.03 -27.43 -47.04
C TYR I 271 15.55 -27.66 -45.63
N TRP I 272 16.60 -28.47 -45.47
CA TRP I 272 17.18 -28.64 -44.14
C TRP I 272 17.81 -27.35 -43.64
N ILE I 273 18.35 -26.53 -44.54
CA ILE I 273 18.76 -25.19 -44.16
C ILE I 273 17.56 -24.39 -43.67
N LEU I 274 16.43 -24.50 -44.39
CA LEU I 274 15.20 -23.85 -43.95
C LEU I 274 14.73 -24.42 -42.62
N VAL I 275 14.84 -25.73 -42.45
CA VAL I 275 14.44 -26.35 -41.18
C VAL I 275 15.24 -25.78 -40.03
N GLU I 276 16.56 -25.65 -40.21
CA GLU I 276 17.39 -25.06 -39.16
C GLU I 276 16.97 -23.62 -38.87
N GLY I 277 16.69 -22.84 -39.92
CA GLY I 277 16.23 -21.48 -39.70
C GLY I 277 14.88 -21.43 -39.02
N LEU I 278 13.95 -22.27 -39.47
CA LEU I 278 12.64 -22.34 -38.82
C LEU I 278 12.77 -22.82 -37.38
N TYR I 279 13.63 -23.80 -37.14
CA TYR I 279 13.81 -24.30 -35.77
C TYR I 279 14.33 -23.21 -34.85
N LEU I 280 15.32 -22.43 -35.31
CA LEU I 280 15.81 -21.33 -34.49
C LEU I 280 14.73 -20.29 -34.25
N HIS I 281 13.96 -19.95 -35.28
CA HIS I 281 12.88 -18.99 -35.12
C HIS I 281 11.86 -19.47 -34.11
N SER I 282 11.52 -20.77 -34.15
CA SER I 282 10.58 -21.31 -33.19
C SER I 282 11.10 -21.19 -31.76
N LEU I 283 12.40 -21.47 -31.57
CA LEU I 283 12.96 -21.41 -30.22
C LEU I 283 12.86 -20.01 -29.65
N ILE I 284 13.25 -18.99 -30.43
CA ILE I 284 13.29 -17.63 -29.92
C ILE I 284 11.89 -17.09 -29.70
N PHE I 285 10.99 -17.30 -30.67
CA PHE I 285 9.70 -16.63 -30.69
C PHE I 285 8.57 -17.45 -30.09
N MET I 286 8.86 -18.64 -29.56
CA MET I 286 7.84 -19.48 -28.93
C MET I 286 8.28 -19.83 -27.52
N ALA I 287 7.37 -19.65 -26.57
CA ALA I 287 7.67 -19.90 -25.16
C ALA I 287 7.53 -21.36 -24.77
N PHE I 288 6.93 -22.20 -25.61
CA PHE I 288 6.75 -23.62 -25.31
C PHE I 288 7.19 -24.45 -26.52
N PHE I 289 7.71 -25.64 -26.22
CA PHE I 289 8.21 -26.53 -27.26
C PHE I 289 7.74 -27.95 -26.98
N SER I 290 7.55 -28.72 -28.05
CA SER I 290 7.21 -30.15 -27.97
C SER I 290 8.22 -30.88 -28.85
N GLU I 291 9.29 -31.38 -28.24
CA GLU I 291 10.34 -32.04 -29.00
C GLU I 291 9.81 -33.28 -29.72
N LYS I 292 8.96 -34.06 -29.04
CA LYS I 292 8.48 -35.31 -29.63
C LYS I 292 7.75 -35.06 -30.94
N LYS I 293 7.01 -33.96 -31.04
CA LYS I 293 6.20 -33.65 -32.21
C LYS I 293 6.95 -32.81 -33.24
N TYR I 294 7.52 -31.67 -32.82
CA TYR I 294 8.16 -30.77 -33.76
C TYR I 294 9.36 -31.42 -34.44
N LEU I 295 10.16 -32.17 -33.67
CA LEU I 295 11.36 -32.79 -34.25
C LEU I 295 10.99 -33.72 -35.39
N TRP I 296 9.99 -34.59 -35.18
CA TRP I 296 9.55 -35.47 -36.25
C TRP I 296 8.95 -34.68 -37.40
N GLY I 297 8.17 -33.63 -37.09
CA GLY I 297 7.58 -32.82 -38.14
C GLY I 297 8.63 -32.16 -39.00
N PHE I 298 9.69 -31.61 -38.38
CA PHE I 298 10.77 -31.01 -39.14
C PHE I 298 11.47 -32.04 -40.01
N THR I 299 11.71 -33.24 -39.47
CA THR I 299 12.37 -34.27 -40.25
C THR I 299 11.54 -34.67 -41.47
N VAL I 300 10.23 -34.83 -41.28
CA VAL I 300 9.36 -35.19 -42.41
C VAL I 300 9.37 -34.08 -43.45
N PHE I 301 9.27 -32.82 -42.99
CA PHE I 301 9.28 -31.70 -43.93
C PHE I 301 10.58 -31.62 -44.69
N GLY I 302 11.70 -31.84 -44.00
CA GLY I 302 13.00 -31.75 -44.66
C GLY I 302 13.21 -32.85 -45.68
N TRP I 303 12.74 -34.07 -45.39
CA TRP I 303 12.97 -35.23 -46.24
C TRP I 303 11.80 -35.52 -47.17
N GLY I 304 10.58 -35.65 -46.62
CA GLY I 304 9.44 -36.05 -47.40
C GLY I 304 9.04 -35.07 -48.50
N LEU I 305 8.97 -33.78 -48.16
CA LEU I 305 8.48 -32.80 -49.12
C LEU I 305 9.36 -32.71 -50.36
N PRO I 306 10.69 -32.63 -50.25
CA PRO I 306 11.50 -32.65 -51.48
C PRO I 306 11.26 -33.89 -52.34
N ALA I 307 11.05 -35.04 -51.71
CA ALA I 307 10.77 -36.25 -52.47
C ALA I 307 9.48 -36.11 -53.28
N VAL I 308 8.46 -35.50 -52.69
CA VAL I 308 7.20 -35.30 -53.40
C VAL I 308 7.43 -34.43 -54.64
N PHE I 309 8.19 -33.36 -54.49
CA PHE I 309 8.46 -32.47 -55.62
C PHE I 309 9.28 -33.19 -56.70
N VAL I 310 10.24 -34.01 -56.27
CA VAL I 310 11.00 -34.80 -57.24
C VAL I 310 10.11 -35.86 -57.87
N ALA I 311 9.24 -36.48 -57.07
CA ALA I 311 8.37 -37.52 -57.59
C ALA I 311 7.42 -36.96 -58.65
N VAL I 312 6.81 -35.81 -58.38
CA VAL I 312 5.89 -35.22 -59.35
C VAL I 312 6.65 -34.77 -60.59
N TRP I 313 7.86 -34.22 -60.41
CA TRP I 313 8.67 -33.85 -61.55
C TRP I 313 9.05 -35.08 -62.38
N VAL I 314 9.43 -36.17 -61.71
CA VAL I 314 9.76 -37.40 -62.43
C VAL I 314 8.54 -37.93 -63.16
N SER I 315 7.38 -37.92 -62.50
CA SER I 315 6.16 -38.40 -63.15
C SER I 315 5.82 -37.55 -64.36
N VAL I 316 5.93 -36.22 -64.22
CA VAL I 316 5.65 -35.34 -65.35
C VAL I 316 6.63 -35.61 -66.49
N ARG I 317 7.92 -35.70 -66.18
CA ARG I 317 8.92 -35.92 -67.21
C ARG I 317 8.69 -37.25 -67.94
N ALA I 318 8.35 -38.29 -67.18
CA ALA I 318 8.19 -39.61 -67.80
C ALA I 318 6.95 -39.68 -68.69
N THR I 319 5.89 -38.98 -68.32
CA THR I 319 4.62 -39.07 -69.02
C THR I 319 4.38 -37.92 -70.01
N LEU I 320 5.32 -37.00 -70.15
CA LEU I 320 5.18 -35.89 -71.09
C LEU I 320 6.21 -35.92 -72.20
N ALA I 321 7.50 -36.00 -71.86
CA ALA I 321 8.57 -35.99 -72.85
C ALA I 321 9.30 -37.33 -72.93
N ASN I 322 9.86 -37.79 -71.81
CA ASN I 322 10.54 -39.09 -71.75
C ASN I 322 11.48 -39.28 -72.93
N THR I 323 12.35 -38.29 -73.14
CA THR I 323 13.29 -38.30 -74.25
C THR I 323 14.71 -38.26 -73.68
N GLY I 324 15.51 -39.26 -74.03
CA GLY I 324 16.89 -39.34 -73.60
C GLY I 324 17.04 -39.12 -72.10
N CYS I 325 18.20 -38.62 -71.71
CA CYS I 325 18.44 -38.30 -70.32
C CYS I 325 17.66 -37.06 -69.91
N TRP I 326 17.42 -36.94 -68.61
CA TRP I 326 16.80 -35.74 -68.05
C TRP I 326 17.81 -34.62 -67.85
N ASP I 327 19.02 -34.76 -68.39
CA ASP I 327 20.03 -33.71 -68.29
C ASP I 327 19.59 -32.44 -69.02
N LEU I 328 18.72 -32.56 -70.02
CA LEU I 328 18.27 -31.43 -70.82
C LEU I 328 16.93 -30.93 -70.29
N SER I 329 16.65 -29.66 -70.57
CA SER I 329 15.40 -29.03 -70.16
C SER I 329 14.44 -28.98 -71.34
N SER I 330 13.23 -29.51 -71.15
CA SER I 330 12.21 -29.53 -72.19
C SER I 330 11.27 -28.34 -72.13
N GLY I 331 11.48 -27.42 -71.17
CA GLY I 331 10.63 -26.26 -71.08
C GLY I 331 10.57 -25.68 -69.67
N ASN I 332 9.37 -25.30 -69.23
CA ASN I 332 9.18 -24.70 -67.92
C ASN I 332 9.01 -25.72 -66.81
N LYS I 333 9.00 -27.02 -67.14
CA LYS I 333 8.78 -28.04 -66.11
C LYS I 333 9.90 -28.07 -65.08
N LYS I 334 11.07 -27.50 -65.40
CA LYS I 334 12.13 -27.43 -64.41
C LYS I 334 11.72 -26.61 -63.20
N TRP I 335 10.77 -25.68 -63.37
CA TRP I 335 10.28 -24.87 -62.27
C TRP I 335 9.53 -25.68 -61.22
N ILE I 336 9.16 -26.92 -61.53
CA ILE I 336 8.53 -27.77 -60.53
C ILE I 336 9.46 -27.96 -59.33
N ILE I 337 10.75 -28.11 -59.59
CA ILE I 337 11.74 -28.30 -58.54
C ILE I 337 12.41 -26.97 -58.17
N GLN I 338 12.69 -26.12 -59.16
CA GLN I 338 13.41 -24.89 -58.89
C GLN I 338 12.60 -23.95 -58.00
N VAL I 339 11.32 -23.75 -58.32
CA VAL I 339 10.54 -22.74 -57.61
C VAL I 339 10.44 -23.04 -56.11
N PRO I 340 10.10 -24.25 -55.68
CA PRO I 340 10.05 -24.49 -54.23
C PRO I 340 11.38 -24.24 -53.52
N ILE I 341 12.50 -24.57 -54.16
CA ILE I 341 13.80 -24.32 -53.55
C ILE I 341 14.01 -22.82 -53.38
N LEU I 342 13.68 -22.04 -54.40
CA LEU I 342 13.79 -20.59 -54.29
C LEU I 342 12.83 -20.04 -53.25
N ALA I 343 11.62 -20.59 -53.18
CA ALA I 343 10.66 -20.13 -52.16
C ALA I 343 11.21 -20.33 -50.76
N SER I 344 12.08 -21.33 -50.57
CA SER I 344 12.67 -21.57 -49.26
C SER I 344 13.70 -20.49 -48.91
N ILE I 345 14.46 -20.05 -49.91
CA ILE I 345 15.55 -19.10 -49.65
C ILE I 345 14.99 -17.79 -49.09
N VAL I 346 13.95 -17.26 -49.72
CA VAL I 346 13.37 -15.98 -49.27
C VAL I 346 12.82 -16.13 -47.86
N LEU I 347 12.10 -17.21 -47.60
CA LEU I 347 11.55 -17.43 -46.26
C LEU I 347 12.68 -17.51 -45.25
N ASN I 348 13.74 -18.25 -45.56
CA ASN I 348 14.88 -18.33 -44.67
C ASN I 348 15.55 -16.96 -44.53
N PHE I 349 15.64 -16.21 -45.63
CA PHE I 349 16.22 -14.88 -45.56
C PHE I 349 15.41 -13.97 -44.65
N ILE I 350 14.08 -14.05 -44.74
CA ILE I 350 13.22 -13.23 -43.89
C ILE I 350 13.44 -13.62 -42.43
N LEU I 351 13.52 -14.91 -42.14
CA LEU I 351 13.79 -15.35 -40.78
C LEU I 351 15.16 -14.86 -40.31
N PHE I 352 16.15 -14.88 -41.21
CA PHE I 352 17.49 -14.41 -40.85
C PHE I 352 17.47 -12.96 -40.41
N ILE I 353 16.78 -12.10 -41.17
CA ILE I 353 16.69 -10.69 -40.81
C ILE I 353 15.96 -10.55 -39.48
N ASN I 354 14.87 -11.30 -39.30
CA ASN I 354 14.12 -11.25 -38.04
C ASN I 354 14.99 -11.65 -36.86
N ILE I 355 15.79 -12.70 -37.03
CA ILE I 355 16.67 -13.16 -35.95
C ILE I 355 17.69 -12.08 -35.61
N VAL I 356 18.19 -11.38 -36.64
CA VAL I 356 19.13 -10.28 -36.38
C VAL I 356 18.45 -9.17 -35.59
N ARG I 357 17.14 -8.99 -35.81
CA ARG I 357 16.42 -7.92 -35.12
C ARG I 357 16.45 -8.14 -33.60
N VAL I 358 16.11 -9.34 -33.15
CA VAL I 358 16.11 -9.60 -31.71
C VAL I 358 17.51 -9.51 -31.15
N LEU I 359 18.52 -9.93 -31.92
CA LEU I 359 19.90 -9.77 -31.47
C LEU I 359 20.26 -8.31 -31.29
N ALA I 360 19.80 -7.44 -32.19
CA ALA I 360 20.03 -6.00 -32.04
C ALA I 360 19.24 -5.42 -30.89
N THR I 361 18.11 -6.06 -30.53
CA THR I 361 17.28 -5.55 -29.44
C THR I 361 17.84 -5.96 -28.08
N LYS I 362 18.14 -7.25 -27.91
CA LYS I 362 18.61 -7.73 -26.62
C LYS I 362 19.94 -7.08 -26.24
N LEU I 363 20.87 -6.99 -27.19
CA LEU I 363 22.15 -6.33 -26.90
C LEU I 363 21.94 -4.88 -26.52
N ARG I 364 20.92 -4.25 -27.10
CA ARG I 364 20.58 -2.88 -26.71
C ARG I 364 20.10 -2.81 -25.27
N GLU I 365 19.43 -3.85 -24.80
CA GLU I 365 18.93 -3.91 -23.43
C GLU I 365 20.01 -4.15 -22.40
N THR I 366 21.17 -4.68 -22.81
CA THR I 366 22.28 -4.95 -21.90
C THR I 366 23.52 -4.13 -22.26
N ASN I 367 23.36 -3.09 -23.07
CA ASN I 367 24.49 -2.26 -23.47
C ASN I 367 25.55 -3.08 -24.17
N THR I 373 26.99 0.92 -27.94
CA THR I 373 28.41 0.81 -27.62
C THR I 373 29.14 0.06 -28.74
N ARG I 374 30.45 0.30 -28.84
CA ARG I 374 31.23 -0.39 -29.86
C ARG I 374 31.20 -1.90 -29.66
N GLN I 375 31.29 -2.35 -28.41
CA GLN I 375 31.27 -3.79 -28.15
C GLN I 375 30.00 -4.42 -28.68
N GLN I 376 28.84 -3.80 -28.40
CA GLN I 376 27.57 -4.36 -28.85
C GLN I 376 27.56 -4.52 -30.37
N TYR I 377 28.05 -3.52 -31.10
CA TYR I 377 28.13 -3.63 -32.55
C TYR I 377 29.06 -4.77 -32.95
N ARG I 378 30.19 -4.93 -32.26
CA ARG I 378 31.11 -5.99 -32.59
C ARG I 378 30.47 -7.37 -32.40
N LYS I 379 29.75 -7.57 -31.29
CA LYS I 379 29.09 -8.85 -31.07
C LYS I 379 28.00 -9.08 -32.11
N LEU I 380 27.22 -8.05 -32.44
CA LEU I 380 26.16 -8.20 -33.43
C LEU I 380 26.74 -8.57 -34.79
N LEU I 381 27.80 -7.89 -35.22
CA LEU I 381 28.42 -8.23 -36.49
C LEU I 381 29.00 -9.64 -36.46
N LYS I 382 29.68 -10.00 -35.36
CA LYS I 382 30.19 -11.36 -35.24
C LYS I 382 29.06 -12.38 -35.24
N SER I 383 27.98 -12.10 -34.52
CA SER I 383 26.84 -13.01 -34.51
C SER I 383 26.22 -13.13 -35.90
N THR I 384 26.14 -12.02 -36.63
CA THR I 384 25.58 -12.07 -37.98
C THR I 384 26.44 -12.94 -38.89
N LEU I 385 27.77 -12.81 -38.80
CA LEU I 385 28.64 -13.55 -39.70
C LEU I 385 28.55 -15.05 -39.46
N VAL I 386 28.51 -15.47 -38.20
CA VAL I 386 28.45 -16.90 -37.90
C VAL I 386 27.14 -17.50 -38.40
N LEU I 387 26.04 -16.76 -38.24
CA LEU I 387 24.73 -17.26 -38.66
C LEU I 387 24.53 -17.20 -40.16
N MET I 388 25.33 -16.42 -40.88
CA MET I 388 25.14 -16.29 -42.33
C MET I 388 25.29 -17.62 -43.05
N PRO I 389 26.39 -18.37 -42.88
CA PRO I 389 26.50 -19.65 -43.61
C PRO I 389 25.40 -20.64 -43.26
N LEU I 390 24.93 -20.66 -42.01
CA LEU I 390 23.87 -21.59 -41.64
C LEU I 390 22.58 -21.28 -42.38
N PHE I 391 22.21 -20.00 -42.48
CA PHE I 391 20.93 -19.62 -43.07
C PHE I 391 20.97 -19.56 -44.59
N GLY I 392 22.13 -19.76 -45.21
CA GLY I 392 22.21 -19.67 -46.66
C GLY I 392 21.88 -18.30 -47.18
N VAL I 393 22.38 -17.25 -46.52
CA VAL I 393 22.07 -15.88 -46.93
C VAL I 393 22.70 -15.58 -48.29
N HIS I 394 23.86 -16.16 -48.57
CA HIS I 394 24.55 -15.88 -49.83
C HIS I 394 23.72 -16.29 -51.05
N TYR I 395 22.74 -17.18 -50.86
CA TYR I 395 21.89 -17.59 -51.97
C TYR I 395 21.02 -16.44 -52.49
N ILE I 396 20.72 -15.46 -51.65
CA ILE I 396 19.78 -14.41 -52.04
C ILE I 396 20.36 -13.49 -53.10
N VAL I 397 21.68 -13.47 -53.28
CA VAL I 397 22.28 -12.53 -54.21
C VAL I 397 21.80 -12.79 -55.64
N PHE I 398 21.77 -14.05 -56.05
CA PHE I 398 21.39 -14.44 -57.40
C PHE I 398 20.19 -15.37 -57.41
N MET I 399 19.26 -15.18 -56.46
CA MET I 399 18.09 -16.05 -56.40
C MET I 399 17.19 -15.87 -57.62
N ALA I 400 16.83 -14.62 -57.93
CA ALA I 400 15.79 -14.32 -58.90
C ALA I 400 16.31 -14.16 -60.32
N THR I 401 17.54 -14.57 -60.58
CA THR I 401 18.09 -14.42 -61.93
C THR I 401 17.57 -15.53 -62.83
N PRO I 402 16.87 -15.20 -63.93
CA PRO I 402 16.46 -16.26 -64.88
C PRO I 402 17.64 -16.77 -65.68
N TYR I 403 17.39 -17.65 -66.64
CA TYR I 403 18.45 -18.27 -67.43
C TYR I 403 19.11 -17.22 -68.31
N THR I 404 20.36 -16.89 -67.99
CA THR I 404 21.14 -15.95 -68.77
C THR I 404 22.08 -16.70 -69.70
N GLU I 405 22.38 -16.09 -70.84
CA GLU I 405 23.24 -16.74 -71.82
C GLU I 405 24.63 -17.02 -71.22
N VAL I 406 25.22 -18.12 -71.65
CA VAL I 406 26.51 -18.53 -71.10
C VAL I 406 27.58 -17.47 -71.35
N SER I 407 27.62 -16.93 -72.57
CA SER I 407 28.62 -15.92 -72.93
C SER I 407 28.13 -14.56 -72.42
N GLY I 408 28.25 -14.38 -71.11
CA GLY I 408 27.86 -13.14 -70.49
C GLY I 408 28.56 -12.95 -69.17
N THR I 409 28.81 -11.68 -68.81
CA THR I 409 29.47 -11.38 -67.55
C THR I 409 28.64 -11.84 -66.36
N LEU I 410 27.33 -11.61 -66.41
CA LEU I 410 26.46 -11.99 -65.30
C LEU I 410 26.49 -13.50 -65.07
N TRP I 411 26.45 -14.27 -66.16
CA TRP I 411 26.48 -15.73 -66.04
C TRP I 411 27.80 -16.19 -65.43
N GLN I 412 28.91 -15.62 -65.88
CA GLN I 412 30.22 -16.05 -65.40
C GLN I 412 30.38 -15.76 -63.91
N VAL I 413 30.04 -14.53 -63.49
CA VAL I 413 30.21 -14.16 -62.09
C VAL I 413 29.28 -14.99 -61.21
N GLN I 414 28.06 -15.26 -61.69
CA GLN I 414 27.12 -16.04 -60.90
C GLN I 414 27.63 -17.46 -60.67
N MET I 415 28.12 -18.11 -61.73
CA MET I 415 28.60 -19.48 -61.59
C MET I 415 29.81 -19.55 -60.66
N HIS I 416 30.76 -18.62 -60.84
CA HIS I 416 31.92 -18.58 -59.96
C HIS I 416 31.51 -18.29 -58.53
N TYR I 417 30.57 -17.36 -58.35
CA TYR I 417 30.13 -16.98 -57.01
C TYR I 417 29.44 -18.14 -56.31
N GLU I 418 28.49 -18.78 -56.99
CA GLU I 418 27.73 -19.86 -56.36
C GLU I 418 28.59 -21.11 -56.18
N MET I 419 29.31 -21.50 -57.21
CA MET I 419 30.10 -22.73 -57.14
C MET I 419 31.22 -22.64 -56.11
N LEU I 420 31.55 -21.44 -55.64
CA LEU I 420 32.56 -21.28 -54.60
C LEU I 420 31.93 -21.31 -53.21
N PHE I 421 30.90 -20.48 -53.00
CA PHE I 421 30.28 -20.39 -51.67
C PHE I 421 29.42 -21.61 -51.38
N ASN I 422 28.68 -22.10 -52.37
CA ASN I 422 27.86 -23.30 -52.15
C ASN I 422 28.74 -24.48 -51.78
N SER I 423 29.88 -24.65 -52.46
CA SER I 423 30.76 -25.76 -52.17
C SER I 423 31.34 -25.67 -50.77
N PHE I 424 31.78 -24.47 -50.37
CA PHE I 424 32.45 -24.28 -49.09
C PHE I 424 31.50 -23.96 -47.96
N GLN I 425 30.18 -23.87 -48.23
CA GLN I 425 29.23 -23.61 -47.17
C GLN I 425 29.26 -24.73 -46.13
N GLY I 426 29.29 -25.99 -46.58
CA GLY I 426 29.38 -27.10 -45.65
C GLY I 426 30.63 -27.05 -44.81
N PHE I 427 31.76 -26.69 -45.43
CA PHE I 427 33.01 -26.59 -44.68
C PHE I 427 32.92 -25.50 -43.61
N PHE I 428 32.36 -24.34 -43.96
CA PHE I 428 32.23 -23.26 -42.99
C PHE I 428 31.27 -23.66 -41.86
N VAL I 429 30.15 -24.30 -42.20
CA VAL I 429 29.18 -24.68 -41.18
C VAL I 429 29.81 -25.68 -40.21
N ALA I 430 30.56 -26.66 -40.73
CA ALA I 430 31.20 -27.62 -39.85
C ALA I 430 32.20 -26.95 -38.92
N ILE I 431 32.98 -26.01 -39.45
CA ILE I 431 33.98 -25.32 -38.63
C ILE I 431 33.31 -24.55 -37.50
N ILE I 432 32.27 -23.78 -37.83
CA ILE I 432 31.69 -22.86 -36.86
C ILE I 432 30.92 -23.62 -35.79
N TYR I 433 30.08 -24.59 -36.20
CA TYR I 433 29.07 -25.12 -35.30
C TYR I 433 29.45 -26.48 -34.70
N CYS I 434 30.49 -27.13 -35.20
CA CYS I 434 30.97 -28.38 -34.60
C CYS I 434 32.41 -28.26 -34.10
N PHE I 435 33.33 -27.80 -34.94
CA PHE I 435 34.72 -27.70 -34.52
C PHE I 435 34.94 -26.54 -33.57
N CYS I 436 34.30 -25.40 -33.82
CA CYS I 436 34.43 -24.22 -32.98
C CYS I 436 33.43 -24.20 -31.83
N ASN I 437 32.52 -25.16 -31.77
CA ASN I 437 31.53 -25.20 -30.69
C ASN I 437 32.21 -25.37 -29.35
N GLY I 438 31.79 -24.58 -28.36
CA GLY I 438 32.38 -24.67 -27.05
C GLY I 438 32.15 -26.02 -26.39
N GLU I 439 30.93 -26.54 -26.50
CA GLU I 439 30.64 -27.84 -25.89
C GLU I 439 31.46 -28.95 -26.51
N VAL I 440 31.61 -28.94 -27.84
CA VAL I 440 32.41 -29.96 -28.51
C VAL I 440 33.86 -29.87 -28.06
N GLN I 441 34.41 -28.66 -28.00
CA GLN I 441 35.80 -28.49 -27.58
C GLN I 441 35.99 -28.97 -26.15
N ALA I 442 35.09 -28.61 -25.25
CA ALA I 442 35.19 -29.07 -23.87
C ALA I 442 35.07 -30.58 -23.78
N GLU I 443 34.13 -31.16 -24.54
CA GLU I 443 33.96 -32.61 -24.53
C GLU I 443 35.21 -33.31 -25.03
N ILE I 444 35.80 -32.81 -26.13
CA ILE I 444 37.01 -33.42 -26.66
C ILE I 444 38.15 -33.30 -25.67
N LYS I 445 38.30 -32.13 -25.03
CA LYS I 445 39.39 -31.93 -24.09
C LYS I 445 39.29 -32.91 -22.92
N LYS I 446 38.08 -33.10 -22.38
CA LYS I 446 37.91 -34.02 -21.26
C LYS I 446 38.26 -35.44 -21.68
N SER I 447 37.73 -35.90 -22.82
CA SER I 447 37.99 -37.27 -23.25
C SER I 447 39.46 -37.51 -23.50
N TRP I 448 40.13 -36.56 -24.16
CA TRP I 448 41.56 -36.71 -24.42
C TRP I 448 42.35 -36.73 -23.13
N SER I 449 42.02 -35.84 -22.20
CA SER I 449 42.74 -35.79 -20.93
C SER I 449 42.56 -37.10 -20.15
N ARG I 450 41.32 -37.60 -20.09
CA ARG I 450 41.07 -38.85 -19.39
C ARG I 450 41.79 -40.01 -20.06
N TRP I 451 41.75 -40.07 -21.40
CA TRP I 451 42.43 -41.15 -22.10
C TRP I 451 43.94 -41.09 -21.87
N THR I 452 44.52 -39.89 -21.91
CA THR I 452 45.96 -39.77 -21.66
C THR I 452 46.30 -40.17 -20.23
N LEU I 453 45.49 -39.75 -19.26
CA LEU I 453 45.75 -40.11 -17.87
C LEU I 453 45.66 -41.61 -17.67
N ALA I 454 44.64 -42.25 -18.26
CA ALA I 454 44.51 -43.70 -18.13
C ALA I 454 45.69 -44.41 -18.79
N LEU I 455 46.12 -43.94 -19.95
CA LEU I 455 47.24 -44.53 -20.66
C LEU I 455 48.55 -44.26 -19.92
N GLN J 3 11.99 35.19 34.06
CA GLN J 3 12.29 34.28 32.92
C GLN J 3 12.03 32.83 33.29
N VAL J 4 11.41 32.09 32.37
CA VAL J 4 11.10 30.68 32.60
C VAL J 4 12.33 29.85 32.29
N GLN J 5 12.83 29.13 33.29
CA GLN J 5 14.00 28.29 33.13
C GLN J 5 13.82 27.00 33.93
N LEU J 6 14.26 25.89 33.34
CA LEU J 6 14.23 24.58 34.00
C LEU J 6 15.63 23.99 33.94
N GLN J 7 16.12 23.53 35.09
CA GLN J 7 17.46 22.95 35.21
C GLN J 7 17.32 21.48 35.57
N GLU J 8 18.04 20.62 34.85
CA GLU J 8 18.03 19.19 35.08
C GLU J 8 19.31 18.76 35.78
N SER J 9 19.18 17.94 36.80
CA SER J 9 20.31 17.43 37.56
C SER J 9 20.22 15.91 37.65
N GLY J 10 21.37 15.27 37.71
CA GLY J 10 21.44 13.82 37.74
C GLY J 10 21.60 13.22 36.37
N GLY J 11 22.19 12.03 36.32
CA GLY J 11 22.43 11.36 35.06
C GLY J 11 23.82 10.75 34.99
N GLY J 12 24.35 10.64 33.78
CA GLY J 12 25.70 10.11 33.58
C GLY J 12 25.70 8.64 33.25
N LEU J 13 26.73 7.96 33.75
CA LEU J 13 26.94 6.54 33.47
C LEU J 13 26.32 5.71 34.58
N VAL J 14 25.50 4.73 34.20
CA VAL J 14 24.81 3.85 35.13
C VAL J 14 24.89 2.43 34.59
N GLN J 15 25.21 1.48 35.47
CA GLN J 15 25.22 0.09 35.07
C GLN J 15 23.79 -0.39 34.82
N PRO J 16 23.58 -1.31 33.88
CA PRO J 16 22.21 -1.81 33.64
C PRO J 16 21.67 -2.50 34.89
N GLY J 17 20.37 -2.31 35.13
CA GLY J 17 19.72 -2.89 36.29
C GLY J 17 19.88 -2.10 37.56
N GLY J 18 20.53 -0.95 37.52
CA GLY J 18 20.74 -0.12 38.69
C GLY J 18 19.60 0.84 38.95
N SER J 19 19.89 1.85 39.77
CA SER J 19 18.91 2.85 40.15
C SER J 19 19.49 4.24 39.90
N LEU J 20 18.60 5.19 39.65
CA LEU J 20 19.01 6.56 39.39
C LEU J 20 17.87 7.51 39.75
N ARG J 21 18.21 8.77 39.96
CA ARG J 21 17.24 9.81 40.26
C ARG J 21 17.53 11.03 39.41
N LEU J 22 16.48 11.62 38.83
CA LEU J 22 16.59 12.82 38.03
C LEU J 22 15.82 13.94 38.71
N SER J 23 16.46 15.09 38.85
CA SER J 23 15.86 16.26 39.49
C SER J 23 15.68 17.37 38.47
N CYS J 24 14.51 18.00 38.49
CA CYS J 24 14.18 19.11 37.60
C CYS J 24 13.78 20.30 38.46
N ALA J 25 14.67 21.27 38.58
CA ALA J 25 14.40 22.50 39.31
C ALA J 25 13.82 23.54 38.36
N ALA J 26 12.71 24.16 38.78
CA ALA J 26 11.99 25.11 37.96
C ALA J 26 11.91 26.45 38.67
N SER J 27 12.17 27.54 37.94
CA SER J 27 12.10 28.88 38.48
C SER J 27 11.53 29.81 37.43
N GLY J 28 10.89 30.89 37.89
CA GLY J 28 10.32 31.89 37.01
C GLY J 28 8.84 31.76 36.76
N PHE J 29 8.16 30.84 37.44
CA PHE J 29 6.72 30.66 37.25
C PHE J 29 6.18 29.89 38.46
N THR J 30 4.86 29.70 38.48
CA THR J 30 4.21 28.95 39.55
C THR J 30 4.23 27.48 39.20
N PHE J 31 5.03 26.71 39.93
CA PHE J 31 5.16 25.28 39.63
C PHE J 31 3.84 24.55 39.82
N SER J 32 3.09 24.92 40.86
CA SER J 32 1.85 24.21 41.17
C SER J 32 0.83 24.33 40.04
N ASN J 33 0.74 25.51 39.43
CA ASN J 33 -0.32 25.80 38.48
C ASN J 33 -0.09 25.20 37.10
N TYR J 34 1.10 24.69 36.82
CA TYR J 34 1.46 24.19 35.49
C TYR J 34 1.71 22.68 35.55
N LYS J 35 1.12 21.96 34.61
CA LYS J 35 1.38 20.53 34.50
C LYS J 35 2.77 20.29 33.93
N MET J 36 3.39 19.19 34.34
CA MET J 36 4.78 18.90 34.01
C MET J 36 4.87 17.65 33.16
N ASN J 37 5.99 17.51 32.45
CA ASN J 37 6.22 16.39 31.56
C ASN J 37 7.69 16.03 31.55
N TRP J 38 7.98 14.77 31.20
CA TRP J 38 9.33 14.29 30.97
C TRP J 38 9.46 13.77 29.54
N VAL J 39 10.50 14.22 28.85
CA VAL J 39 10.74 13.84 27.46
C VAL J 39 12.19 13.37 27.34
N ARG J 40 12.38 12.33 26.53
CA ARG J 40 13.70 11.78 26.28
C ARG J 40 13.95 11.72 24.77
N GLN J 41 15.22 11.87 24.40
CA GLN J 41 15.65 11.84 23.01
C GLN J 41 16.76 10.82 22.87
N ALA J 42 16.45 9.68 22.24
CA ALA J 42 17.43 8.64 22.04
C ALA J 42 18.44 9.07 20.97
N PRO J 43 19.63 8.45 20.93
CA PRO J 43 20.63 8.85 19.94
C PRO J 43 20.23 8.39 18.55
N GLY J 44 20.14 9.35 17.63
CA GLY J 44 19.71 9.07 16.27
C GLY J 44 18.21 9.00 16.07
N LYS J 45 17.43 9.20 17.12
CA LYS J 45 15.97 9.18 17.04
C LYS J 45 15.41 10.51 17.51
N GLY J 46 14.09 10.69 17.32
CA GLY J 46 13.43 11.91 17.70
C GLY J 46 12.95 11.90 19.15
N LEU J 47 12.40 13.04 19.56
CA LEU J 47 11.88 13.16 20.91
C LEU J 47 10.65 12.27 21.10
N GLU J 48 10.56 11.65 22.27
CA GLU J 48 9.44 10.79 22.61
C GLU J 48 8.99 11.09 24.03
N TRP J 49 7.67 11.11 24.23
CA TRP J 49 7.10 11.43 25.54
C TRP J 49 7.29 10.26 26.50
N VAL J 50 7.74 10.56 27.70
CA VAL J 50 8.03 9.54 28.71
C VAL J 50 6.91 9.44 29.74
N SER J 51 6.64 10.54 30.46
CA SER J 51 5.66 10.50 31.54
C SER J 51 5.12 11.90 31.78
N ASP J 52 3.99 11.96 32.48
CA ASP J 52 3.36 13.22 32.84
C ASP J 52 2.79 13.11 34.25
N ILE J 53 2.66 14.27 34.91
CA ILE J 53 2.06 14.36 36.23
C ILE J 53 1.20 15.62 36.27
N SER J 54 0.01 15.51 36.86
CA SER J 54 -0.91 16.63 36.92
C SER J 54 -0.43 17.67 37.93
N GLN J 55 -1.25 18.71 38.11
CA GLN J 55 -0.87 19.79 39.02
C GLN J 55 -0.75 19.29 40.46
N SER J 56 -1.74 18.54 40.93
CA SER J 56 -1.75 18.03 42.29
C SER J 56 -1.14 16.64 42.40
N GLY J 57 -0.75 16.03 41.29
CA GLY J 57 -0.19 14.69 41.32
C GLY J 57 -1.21 13.57 41.41
N ALA J 58 -2.51 13.89 41.42
CA ALA J 58 -3.53 12.85 41.51
C ALA J 58 -3.63 12.02 40.22
N SER J 59 -3.09 12.52 39.12
CA SER J 59 -3.13 11.83 37.84
C SER J 59 -1.71 11.68 37.32
N ILE J 60 -1.33 10.44 36.99
CA ILE J 60 0.00 10.13 36.49
C ILE J 60 -0.14 9.11 35.36
N SER J 61 0.67 9.27 34.31
CA SER J 61 0.63 8.37 33.17
C SER J 61 2.06 8.06 32.74
N TYR J 62 2.19 6.99 31.96
CA TYR J 62 3.50 6.52 31.53
C TYR J 62 3.40 5.89 30.15
N THR J 63 4.54 5.85 29.47
CA THR J 63 4.63 5.14 28.19
C THR J 63 4.84 3.66 28.42
N GLY J 64 4.49 2.87 27.41
CA GLY J 64 4.57 1.42 27.55
C GLY J 64 5.96 0.92 27.85
N SER J 65 6.98 1.54 27.25
CA SER J 65 8.36 1.09 27.47
C SER J 65 8.86 1.42 28.86
N VAL J 66 8.13 2.22 29.63
CA VAL J 66 8.58 2.68 30.94
C VAL J 66 7.66 2.27 32.07
N LYS J 67 6.41 1.90 31.81
CA LYS J 67 5.46 1.61 32.88
C LYS J 67 6.02 0.57 33.84
N GLY J 68 5.94 0.87 35.14
CA GLY J 68 6.42 -0.02 36.17
C GLY J 68 7.91 0.08 36.45
N ARG J 69 8.67 0.79 35.61
CA ARG J 69 10.10 0.94 35.81
C ARG J 69 10.47 2.28 36.42
N PHE J 70 9.84 3.36 35.98
CA PHE J 70 10.11 4.70 36.48
C PHE J 70 8.96 5.16 37.37
N THR J 71 9.28 6.09 38.28
CA THR J 71 8.29 6.71 39.15
C THR J 71 8.48 8.22 39.09
N ILE J 72 7.38 8.94 38.89
CA ILE J 72 7.40 10.39 38.72
C ILE J 72 6.67 11.03 39.88
N SER J 73 7.31 12.03 40.49
CA SER J 73 6.72 12.74 41.61
C SER J 73 7.11 14.21 41.53
N ARG J 74 6.29 15.05 42.15
CA ARG J 74 6.51 16.49 42.15
C ARG J 74 6.31 17.03 43.56
N ASP J 75 7.11 18.02 43.94
CA ASP J 75 7.01 18.69 45.23
C ASP J 75 6.77 20.18 44.97
N ASN J 76 5.54 20.62 45.19
CA ASN J 76 5.21 22.03 44.96
C ASN J 76 5.94 22.94 45.94
N ALA J 77 6.06 22.51 47.19
CA ALA J 77 6.73 23.35 48.19
C ALA J 77 8.18 23.63 47.79
N LYS J 78 8.89 22.61 47.30
CA LYS J 78 10.28 22.77 46.88
C LYS J 78 10.41 23.17 45.42
N ASN J 79 9.30 23.21 44.67
CA ASN J 79 9.33 23.61 43.27
C ASN J 79 10.29 22.74 42.46
N THR J 80 10.15 21.42 42.61
CA THR J 80 11.01 20.46 41.94
C THR J 80 10.18 19.31 41.39
N LEU J 81 10.69 18.68 40.34
CA LEU J 81 10.06 17.53 39.73
C LEU J 81 11.08 16.40 39.65
N TYR J 82 10.64 15.18 39.94
CA TYR J 82 11.53 14.03 40.07
C TYR J 82 11.11 12.90 39.14
N LEU J 83 12.09 12.11 38.74
CA LEU J 83 11.88 10.87 37.99
C LEU J 83 12.79 9.80 38.56
N GLN J 84 12.22 8.88 39.32
CA GLN J 84 12.97 7.78 39.94
C GLN J 84 13.02 6.63 38.95
N MET J 85 14.24 6.25 38.55
CA MET J 85 14.46 5.23 37.55
C MET J 85 15.18 4.04 38.17
N ASN J 86 14.70 2.84 37.88
CA ASN J 86 15.32 1.62 38.36
C ASN J 86 15.12 0.52 37.32
N SER J 87 15.94 -0.52 37.41
CA SER J 87 15.91 -1.62 36.45
C SER J 87 16.18 -1.10 35.03
N LEU J 88 17.19 -0.24 34.92
CA LEU J 88 17.52 0.37 33.65
C LEU J 88 18.01 -0.68 32.65
N LYS J 89 17.83 -0.40 31.37
CA LYS J 89 18.22 -1.29 30.30
C LYS J 89 19.14 -0.57 29.32
N PRO J 90 19.98 -1.30 28.58
CA PRO J 90 20.91 -0.62 27.65
C PRO J 90 20.21 0.26 26.63
N GLU J 91 19.00 -0.08 26.20
CA GLU J 91 18.28 0.71 25.20
C GLU J 91 17.66 1.97 25.78
N ASP J 92 17.75 2.18 27.09
CA ASP J 92 17.15 3.34 27.73
C ASP J 92 18.04 4.58 27.68
N THR J 93 19.26 4.45 27.18
CA THR J 93 20.15 5.62 27.08
C THR J 93 19.52 6.67 26.18
N ALA J 94 19.54 7.92 26.64
CA ALA J 94 18.96 9.03 25.88
C ALA J 94 19.25 10.31 26.65
N VAL J 95 18.85 11.43 26.05
CA VAL J 95 18.93 12.74 26.69
C VAL J 95 17.54 13.10 27.19
N TYR J 96 17.42 13.34 28.49
CA TYR J 96 16.14 13.56 29.13
C TYR J 96 15.89 15.06 29.31
N TYR J 97 14.71 15.50 28.90
CA TYR J 97 14.30 16.89 29.01
C TYR J 97 13.12 17.02 29.97
N CYS J 98 13.14 18.06 30.79
CA CYS J 98 12.03 18.38 31.68
C CYS J 98 11.19 19.46 31.02
N ALA J 99 9.93 19.13 30.74
CA ALA J 99 9.05 19.97 29.95
C ALA J 99 7.84 20.41 30.77
N ARG J 100 7.26 21.54 30.37
CA ARG J 100 6.11 22.12 31.04
C ARG J 100 5.01 22.37 30.01
N CYS J 101 3.76 22.12 30.41
CA CYS J 101 2.65 22.39 29.52
C CYS J 101 2.55 23.89 29.25
N PRO J 102 2.33 24.31 28.00
CA PRO J 102 2.40 25.74 27.69
C PRO J 102 1.42 26.59 28.49
N ALA J 103 0.23 26.09 28.80
CA ALA J 103 -0.80 26.89 29.45
C ALA J 103 -1.15 26.33 30.83
N PRO J 104 -1.56 27.18 31.75
CA PRO J 104 -2.00 26.70 33.07
C PRO J 104 -3.48 26.33 33.08
N PHE J 105 -3.86 25.60 34.13
CA PHE J 105 -5.25 25.18 34.33
C PHE J 105 -5.79 24.47 33.10
N THR J 106 -4.96 23.61 32.49
CA THR J 106 -5.32 22.91 31.29
C THR J 106 -4.87 21.45 31.39
N ARG J 107 -5.57 20.59 30.66
CA ARG J 107 -5.28 19.16 30.63
C ARG J 107 -4.48 18.74 29.41
N ASP J 108 -4.54 19.51 28.33
CA ASP J 108 -3.91 19.14 27.07
C ASP J 108 -2.56 19.84 26.92
N CYS J 109 -1.59 19.11 26.37
CA CYS J 109 -0.28 19.65 26.01
C CYS J 109 -0.03 19.27 24.56
N PHE J 110 -0.02 20.27 23.66
CA PHE J 110 0.01 19.99 22.23
C PHE J 110 1.43 19.72 21.73
N ASP J 111 2.31 20.72 21.86
CA ASP J 111 3.62 20.70 21.23
C ASP J 111 4.76 20.56 22.25
N VAL J 112 4.55 19.76 23.29
CA VAL J 112 5.63 19.50 24.24
C VAL J 112 6.75 18.75 23.56
N THR J 113 6.41 17.74 22.75
CA THR J 113 7.41 16.94 22.03
C THR J 113 7.64 17.57 20.65
N SER J 114 8.25 18.74 20.67
CA SER J 114 8.55 19.49 19.46
C SER J 114 10.01 19.91 19.45
N THR J 115 10.56 20.09 18.25
CA THR J 115 11.98 20.41 18.12
C THR J 115 12.32 21.75 18.72
N THR J 116 11.43 22.74 18.58
CA THR J 116 11.71 24.12 18.98
C THR J 116 10.78 24.53 20.12
N TYR J 117 10.61 23.62 21.09
CA TYR J 117 9.83 23.96 22.27
C TYR J 117 10.65 24.87 23.18
N ALA J 118 10.05 25.99 23.58
CA ALA J 118 10.73 27.02 24.35
C ALA J 118 10.44 26.95 25.85
N TYR J 119 9.79 25.90 26.31
CA TYR J 119 9.46 25.73 27.72
C TYR J 119 9.98 24.40 28.25
N ARG J 120 11.20 24.04 27.86
CA ARG J 120 11.87 22.84 28.34
C ARG J 120 13.31 23.16 28.70
N GLY J 121 13.86 22.38 29.63
CA GLY J 121 15.22 22.60 30.09
C GLY J 121 16.25 22.04 29.14
N GLN J 122 17.52 22.31 29.46
CA GLN J 122 18.61 21.84 28.62
C GLN J 122 18.66 20.32 28.58
N GLY J 123 18.46 19.67 29.72
CA GLY J 123 18.44 18.22 29.79
C GLY J 123 19.74 17.65 30.32
N THR J 124 19.71 16.35 30.58
CA THR J 124 20.86 15.61 31.10
C THR J 124 21.04 14.34 30.29
N GLN J 125 22.28 13.86 30.23
CA GLN J 125 22.62 12.66 29.49
C GLN J 125 22.63 11.46 30.42
N VAL J 126 21.96 10.39 30.00
CA VAL J 126 21.93 9.12 30.73
C VAL J 126 22.39 8.03 29.78
N THR J 127 23.39 7.25 30.22
CA THR J 127 23.99 6.20 29.40
C THR J 127 23.97 4.91 30.19
N VAL J 128 23.16 3.96 29.75
CA VAL J 128 23.08 2.62 30.39
C VAL J 128 23.99 1.72 29.55
N SER J 129 25.26 1.66 29.94
CA SER J 129 26.24 0.83 29.27
C SER J 129 27.02 0.04 30.31
N SER J 130 27.16 -1.27 30.08
CA SER J 130 27.88 -2.13 31.00
C SER J 130 29.39 -2.02 30.76
N HIS J 131 30.16 -2.25 31.82
CA HIS J 131 31.61 -2.17 31.74
C HIS J 131 32.26 -3.22 32.63
N SER K 1 -62.92 9.67 16.70
CA SER K 1 -63.56 10.92 16.20
C SER K 1 -62.98 12.14 16.90
N VAL K 2 -63.25 13.33 16.36
CA VAL K 2 -62.76 14.57 16.95
C VAL K 2 -63.58 14.86 18.21
N SER K 3 -62.90 14.94 19.34
CA SER K 3 -63.59 15.10 20.62
C SER K 3 -64.33 16.43 20.72
N GLU K 4 -63.71 17.54 20.28
CA GLU K 4 -64.34 18.84 20.43
C GLU K 4 -65.63 18.92 19.61
N ILE K 5 -65.59 18.43 18.36
CA ILE K 5 -66.77 18.47 17.51
C ILE K 5 -67.87 17.59 18.09
N GLN K 6 -67.51 16.42 18.61
CA GLN K 6 -68.50 15.55 19.23
C GLN K 6 -69.14 16.23 20.44
N LEU K 7 -68.32 16.88 21.26
CA LEU K 7 -68.85 17.58 22.43
C LEU K 7 -69.79 18.71 22.00
N MET K 8 -69.41 19.45 20.95
CA MET K 8 -70.26 20.55 20.49
C MET K 8 -71.59 20.01 19.96
N HIS K 9 -71.56 18.92 19.20
CA HIS K 9 -72.80 18.30 18.72
C HIS K 9 -73.66 17.85 19.89
N ASN K 10 -73.06 17.22 20.90
CA ASN K 10 -73.83 16.74 22.03
C ASN K 10 -74.44 17.91 22.80
N LEU K 11 -73.70 18.99 22.98
CA LEU K 11 -74.24 20.17 23.65
C LEU K 11 -75.40 20.75 22.86
N GLY K 12 -75.28 20.84 21.54
CA GLY K 12 -76.38 21.33 20.73
C GLY K 12 -77.62 20.47 20.88
N LYS K 13 -77.45 19.15 20.81
CA LYS K 13 -78.57 18.24 20.96
C LYS K 13 -79.21 18.40 22.35
N HIS K 14 -78.39 18.50 23.39
CA HIS K 14 -78.93 18.61 24.75
C HIS K 14 -79.69 19.91 24.92
N LEU K 15 -79.17 21.01 24.38
CA LEU K 15 -79.86 22.28 24.52
C LEU K 15 -81.17 22.30 23.72
N ASN K 16 -81.17 21.68 22.54
CA ASN K 16 -82.42 21.56 21.79
C ASN K 16 -83.44 20.72 22.57
N SER K 17 -82.98 19.64 23.20
CA SER K 17 -83.87 18.82 24.01
C SER K 17 -84.42 19.61 25.19
N MET K 18 -83.57 20.42 25.83
CA MET K 18 -84.04 21.24 26.94
C MET K 18 -85.09 22.25 26.47
N GLU K 19 -84.85 22.87 25.31
CA GLU K 19 -85.85 23.80 24.76
C GLU K 19 -87.18 23.07 24.51
N ARG K 20 -87.11 21.88 23.92
CA ARG K 20 -88.32 21.12 23.67
C ARG K 20 -89.03 20.75 24.97
N VAL K 21 -88.27 20.38 26.00
CA VAL K 21 -88.88 19.97 27.26
C VAL K 21 -89.53 21.16 27.95
N GLU K 22 -88.90 22.33 27.91
CA GLU K 22 -89.52 23.51 28.50
C GLU K 22 -90.76 23.93 27.72
N TRP K 23 -90.72 23.81 26.39
CA TRP K 23 -91.92 24.08 25.59
C TRP K 23 -93.05 23.13 25.98
N LEU K 24 -92.72 21.85 26.16
CA LEU K 24 -93.71 20.88 26.61
C LEU K 24 -94.26 21.25 27.99
N ARG K 25 -93.38 21.69 28.89
CA ARG K 25 -93.82 22.06 30.23
C ARG K 25 -94.80 23.22 30.19
N LYS K 26 -94.49 24.25 29.41
CA LYS K 26 -95.39 25.40 29.36
C LYS K 26 -96.68 25.06 28.63
N LYS K 27 -96.63 24.17 27.63
CA LYS K 27 -97.87 23.71 27.00
C LYS K 27 -98.73 22.92 27.99
N LEU K 28 -98.10 22.09 28.81
CA LEU K 28 -98.84 21.37 29.84
C LEU K 28 -99.49 22.32 30.82
N GLN K 29 -98.75 23.36 31.24
CA GLN K 29 -99.33 24.36 32.14
C GLN K 29 -100.50 25.07 31.48
N ASP K 30 -100.36 25.42 30.19
CA ASP K 30 -101.44 26.11 29.49
C ASP K 30 -102.69 25.25 29.40
N VAL K 31 -102.53 23.98 29.00
CA VAL K 31 -103.69 23.10 28.89
C VAL K 31 -104.32 22.86 30.26
N HIS K 32 -103.49 22.76 31.30
CA HIS K 32 -104.04 22.63 32.66
C HIS K 32 -104.86 23.86 33.04
N ASN K 33 -104.51 25.02 32.51
CA ASN K 33 -105.23 26.27 32.78
C ASN K 33 -106.35 26.53 31.78
N PHE K 34 -106.53 25.66 30.80
CA PHE K 34 -107.57 25.84 29.79
C PHE K 34 -108.95 25.92 30.42
N VAL L 5 -84.45 10.48 15.20
CA VAL L 5 -84.65 11.72 16.00
C VAL L 5 -84.93 12.90 15.07
N MET L 6 -85.74 13.83 15.55
CA MET L 6 -86.10 15.02 14.79
C MET L 6 -85.96 16.25 15.67
N THR L 7 -85.76 17.40 15.02
CA THR L 7 -85.40 18.62 15.71
C THR L 7 -86.65 19.44 16.07
N LYS L 8 -86.42 20.59 16.70
CA LYS L 8 -87.51 21.48 17.07
C LYS L 8 -88.23 21.99 15.84
N GLU L 9 -87.47 22.34 14.80
CA GLU L 9 -88.08 22.83 13.56
C GLU L 9 -88.97 21.75 12.95
N GLU L 10 -88.50 20.50 12.95
CA GLU L 10 -89.31 19.41 12.43
C GLU L 10 -90.58 19.23 13.27
N GLN L 11 -90.49 19.38 14.58
CA GLN L 11 -91.67 19.28 15.42
C GLN L 11 -92.67 20.38 15.09
N ILE L 12 -92.19 21.61 14.91
CA ILE L 12 -93.09 22.71 14.56
C ILE L 12 -93.76 22.44 13.22
N PHE L 13 -92.98 21.99 12.24
CA PHE L 13 -93.53 21.68 10.93
C PHE L 13 -94.56 20.57 11.01
N LEU L 14 -94.28 19.53 11.81
CA LEU L 14 -95.21 18.42 11.95
C LEU L 14 -96.50 18.86 12.62
N LEU L 15 -96.40 19.73 13.64
CA LEU L 15 -97.61 20.24 14.27
C LEU L 15 -98.42 21.08 13.28
N HIS L 16 -97.74 21.90 12.48
CA HIS L 16 -98.45 22.68 11.47
C HIS L 16 -99.15 21.78 10.47
N ARG L 17 -98.48 20.72 10.02
CA ARG L 17 -99.11 19.81 9.07
C ARG L 17 -100.26 19.04 9.71
N ALA L 18 -100.14 18.68 10.99
CA ALA L 18 -101.25 18.05 11.68
C ALA L 18 -102.46 18.96 11.73
N GLN L 19 -102.24 20.24 12.06
CA GLN L 19 -103.34 21.20 12.05
C GLN L 19 -103.90 21.40 10.64
N ALA L 20 -103.04 21.33 9.62
CA ALA L 20 -103.53 21.44 8.25
C ALA L 20 -104.42 20.27 7.87
N GLN L 21 -103.99 19.03 8.19
CA GLN L 21 -104.87 17.87 7.99
C GLN L 21 -106.18 18.05 8.74
N CYS L 22 -106.08 18.57 9.97
CA CYS L 22 -107.23 18.62 10.86
C CYS L 22 -108.23 19.69 10.43
N GLU L 23 -107.75 20.73 9.75
CA GLU L 23 -108.59 21.64 8.99
C GLU L 23 -109.18 20.98 7.75
N LYS L 24 -108.36 20.21 7.02
CA LYS L 24 -108.83 19.55 5.82
C LYS L 24 -109.98 18.58 6.11
N ARG L 25 -110.10 18.13 7.36
CA ARG L 25 -111.20 17.28 7.78
C ARG L 25 -112.54 17.80 7.25
N GLY L 79 -124.16 6.65 23.57
CA GLY L 79 -124.61 8.02 23.55
C GLY L 79 -124.33 8.70 22.22
N ARG L 80 -124.36 10.04 22.21
CA ARG L 80 -124.09 10.79 21.00
C ARG L 80 -122.60 10.73 20.68
N PRO L 81 -122.22 11.04 19.43
CA PRO L 81 -120.80 11.00 19.05
C PRO L 81 -119.92 11.86 19.94
N CYS L 82 -120.53 12.74 20.74
CA CYS L 82 -119.84 13.51 21.76
C CYS L 82 -119.05 14.67 21.16
N LEU L 83 -118.97 14.73 19.82
CA LEU L 83 -118.41 15.84 19.09
C LEU L 83 -116.97 16.14 19.49
N PRO L 84 -116.26 16.98 18.74
CA PRO L 84 -114.87 17.32 19.10
C PRO L 84 -114.80 18.03 20.44
N GLU L 85 -114.24 17.38 21.45
CA GLU L 85 -114.21 17.90 22.81
C GLU L 85 -112.87 17.56 23.46
N TRP L 86 -111.77 17.73 22.73
CA TRP L 86 -110.53 17.06 23.10
C TRP L 86 -109.39 18.02 23.43
N ASP L 87 -108.98 18.87 22.49
CA ASP L 87 -107.89 19.82 22.71
C ASP L 87 -107.72 20.67 21.45
N HIS L 88 -106.68 21.52 21.42
CA HIS L 88 -106.41 22.31 20.22
C HIS L 88 -105.04 21.98 19.62
N ILE L 89 -104.26 21.13 20.29
CA ILE L 89 -102.95 20.74 19.77
C ILE L 89 -103.03 19.44 18.98
N LEU L 90 -103.42 18.35 19.63
CA LEU L 90 -103.73 17.13 18.91
C LEU L 90 -105.06 17.30 18.17
N CYS L 91 -105.27 16.48 17.14
CA CYS L 91 -106.45 16.58 16.29
C CYS L 91 -107.03 15.19 16.00
N TRP L 92 -107.36 14.45 17.05
CA TRP L 92 -108.39 13.41 16.98
C TRP L 92 -109.68 14.09 17.47
N PRO L 93 -110.45 14.69 16.55
CA PRO L 93 -111.52 15.63 16.95
C PRO L 93 -112.87 14.94 17.12
N LEU L 94 -112.99 14.14 18.16
CA LEU L 94 -114.25 13.45 18.43
C LEU L 94 -114.17 12.79 19.80
N GLY L 95 -115.31 12.82 20.51
CA GLY L 95 -115.39 12.24 21.82
C GLY L 95 -115.96 10.83 21.83
N ALA L 96 -116.14 10.26 20.63
CA ALA L 96 -116.66 8.91 20.47
C ALA L 96 -118.11 8.84 20.93
N PRO L 97 -118.86 7.78 20.58
CA PRO L 97 -120.27 7.72 20.96
C PRO L 97 -120.48 7.53 22.45
N GLY L 98 -120.22 8.57 23.24
CA GLY L 98 -120.40 8.47 24.67
C GLY L 98 -119.59 7.35 25.29
N GLU L 99 -118.33 7.19 24.86
CA GLU L 99 -117.50 6.09 25.29
C GLU L 99 -116.07 6.60 25.47
N VAL L 100 -115.21 5.73 25.99
CA VAL L 100 -113.79 6.07 26.08
C VAL L 100 -113.23 6.20 24.68
N VAL L 101 -112.54 7.31 24.43
CA VAL L 101 -112.03 7.57 23.08
C VAL L 101 -111.09 6.45 22.64
N ALA L 102 -110.21 6.00 23.54
CA ALA L 102 -109.34 4.85 23.28
C ALA L 102 -108.44 5.07 22.08
N VAL L 103 -108.11 6.33 21.78
CA VAL L 103 -107.16 6.64 20.71
C VAL L 103 -105.75 6.46 21.26
N PRO L 104 -104.89 5.65 20.62
CA PRO L 104 -103.53 5.47 21.13
C PRO L 104 -102.80 6.80 21.22
N CYS L 105 -101.72 6.81 22.00
CA CYS L 105 -100.90 8.01 22.11
C CYS L 105 -100.40 8.38 20.71
N PRO L 106 -100.58 9.62 20.27
CA PRO L 106 -100.29 9.95 18.86
C PRO L 106 -98.87 9.57 18.46
N ASP L 107 -98.75 9.03 17.25
CA ASP L 107 -97.46 8.62 16.71
C ASP L 107 -96.73 9.74 16.00
N TYR L 108 -97.42 10.82 15.62
CA TYR L 108 -96.74 11.92 14.93
C TYR L 108 -95.91 12.76 15.90
N ILE L 109 -96.15 12.64 17.20
CA ILE L 109 -95.23 13.22 18.18
C ILE L 109 -93.98 12.34 18.22
N TYR L 110 -92.87 12.91 18.69
CA TYR L 110 -91.58 12.26 18.52
C TYR L 110 -91.54 10.90 19.22
N ASP L 111 -91.54 10.90 20.56
CA ASP L 111 -91.46 9.64 21.30
C ASP L 111 -92.81 9.25 21.88
N PHE L 112 -93.32 10.07 22.80
CA PHE L 112 -94.71 9.99 23.28
C PHE L 112 -95.18 8.57 23.56
N ASN L 113 -94.27 7.65 23.87
CA ASN L 113 -94.59 6.27 24.24
C ASN L 113 -95.82 5.78 23.50
N HIS L 114 -95.76 5.80 22.16
CA HIS L 114 -96.96 5.64 21.33
C HIS L 114 -97.83 4.47 21.73
N LYS L 115 -97.27 3.43 22.36
CA LYS L 115 -98.06 2.24 22.67
C LYS L 115 -99.16 2.52 23.69
N GLY L 116 -99.13 3.65 24.37
CA GLY L 116 -100.16 3.99 25.34
C GLY L 116 -101.42 4.53 24.68
N HIS L 117 -102.35 4.96 25.52
CA HIS L 117 -103.63 5.49 25.08
C HIS L 117 -103.94 6.80 25.80
N ALA L 118 -104.67 7.67 25.11
CA ALA L 118 -105.12 8.90 25.73
C ALA L 118 -106.22 8.66 26.76
N TYR L 119 -107.13 7.72 26.47
CA TYR L 119 -108.18 7.32 27.41
C TYR L 119 -109.12 8.47 27.74
N ARG L 120 -109.35 9.37 26.79
CA ARG L 120 -110.36 10.42 26.99
C ARG L 120 -111.75 9.79 27.05
N ARG L 121 -112.63 10.40 27.82
CA ARG L 121 -113.95 9.84 28.06
C ARG L 121 -114.99 10.95 28.20
N CYS L 122 -116.21 10.66 27.77
CA CYS L 122 -117.37 11.47 28.07
C CYS L 122 -118.54 10.53 28.36
N ASP L 123 -119.52 11.03 29.13
CA ASP L 123 -120.51 10.15 29.73
C ASP L 123 -121.89 10.83 29.82
N ARG L 124 -122.75 10.29 30.67
CA ARG L 124 -124.16 10.67 30.74
C ARG L 124 -124.85 10.16 29.48
N ASN L 125 -124.88 10.97 28.42
CA ASN L 125 -125.25 10.44 27.11
C ASN L 125 -124.43 11.04 25.98
N GLY L 126 -123.21 11.53 26.25
CA GLY L 126 -122.38 12.11 25.22
C GLY L 126 -121.73 13.43 25.60
N SER L 127 -121.80 13.78 26.88
CA SER L 127 -121.24 15.05 27.37
C SER L 127 -120.04 14.78 28.25
N TRP L 128 -119.07 15.69 28.18
CA TRP L 128 -117.85 15.58 28.97
C TRP L 128 -118.15 15.65 30.47
N GLU L 129 -117.27 15.05 31.25
CA GLU L 129 -117.33 15.15 32.71
C GLU L 129 -116.56 16.37 33.21
N LEU L 130 -117.17 17.55 33.07
CA LEU L 130 -116.46 18.79 33.29
C LEU L 130 -116.65 19.28 34.72
N VAL L 131 -116.08 20.45 34.99
CA VAL L 131 -116.11 21.15 36.27
C VAL L 131 -115.80 20.24 37.46
N PRO L 132 -114.68 19.48 37.45
CA PRO L 132 -114.10 19.06 38.72
C PRO L 132 -113.24 20.18 39.28
N GLY L 133 -113.72 20.84 40.33
CA GLY L 133 -113.08 22.08 40.76
C GLY L 133 -113.18 23.17 39.73
N HIS L 134 -114.23 23.16 38.91
CA HIS L 134 -114.49 24.13 37.85
C HIS L 134 -113.53 24.00 36.67
N ASN L 135 -112.77 22.92 36.61
CA ASN L 135 -111.96 22.65 35.42
C ASN L 135 -112.84 22.15 34.28
N ARG L 136 -112.38 22.37 33.06
CA ARG L 136 -113.16 22.02 31.87
C ARG L 136 -112.30 21.24 30.90
N THR L 137 -112.95 20.45 30.05
CA THR L 137 -112.28 19.58 29.09
C THR L 137 -111.35 18.62 29.82
N TRP L 138 -111.91 17.87 30.76
CA TRP L 138 -111.13 16.91 31.52
C TRP L 138 -110.49 15.89 30.58
N ALA L 139 -109.19 15.65 30.78
CA ALA L 139 -108.43 14.76 29.92
C ALA L 139 -107.71 13.72 30.78
N ASN L 140 -107.39 12.59 30.16
CA ASN L 140 -106.79 11.45 30.86
C ASN L 140 -105.45 11.04 30.29
N TYR L 141 -104.78 11.91 29.52
CA TYR L 141 -103.47 11.55 28.98
C TYR L 141 -102.32 11.86 29.93
N SER L 142 -102.60 12.03 31.22
CA SER L 142 -101.52 12.25 32.18
C SER L 142 -100.59 11.04 32.25
N GLU L 143 -101.17 9.83 32.17
CA GLU L 143 -100.36 8.62 32.15
C GLU L 143 -99.68 8.38 30.81
N CYS L 144 -100.18 9.00 29.73
CA CYS L 144 -99.54 8.86 28.43
C CYS L 144 -98.27 9.69 28.34
N VAL L 145 -98.13 10.72 29.18
CA VAL L 145 -96.99 11.62 29.12
C VAL L 145 -96.00 11.26 30.23
N LYS L 146 -96.04 10.02 30.70
CA LYS L 146 -95.13 9.54 31.75
C LYS L 146 -93.79 9.15 31.10
N PHE L 147 -92.96 10.17 30.85
CA PHE L 147 -91.68 9.96 30.20
C PHE L 147 -90.68 11.03 30.64
N THR L 152 -80.77 15.05 33.66
CA THR L 152 -79.84 15.76 34.54
C THR L 152 -78.43 15.20 34.43
N ARG L 153 -78.31 13.89 34.23
CA ARG L 153 -76.98 13.28 34.20
C ARG L 153 -76.15 13.81 33.04
N GLU L 154 -76.76 13.93 31.85
CA GLU L 154 -76.04 14.43 30.69
C GLU L 154 -75.57 15.86 30.93
N ARG L 155 -76.43 16.71 31.48
CA ARG L 155 -76.03 18.09 31.75
C ARG L 155 -74.92 18.14 32.78
N GLU L 156 -75.00 17.31 33.81
CA GLU L 156 -73.96 17.29 34.84
C GLU L 156 -72.60 16.92 34.24
N VAL L 157 -72.58 15.87 33.42
CA VAL L 157 -71.31 15.46 32.82
C VAL L 157 -70.81 16.53 31.85
N PHE L 158 -71.72 17.17 31.11
CA PHE L 158 -71.30 18.22 30.19
C PHE L 158 -70.69 19.39 30.94
N ASP L 159 -71.29 19.77 32.08
CA ASP L 159 -70.73 20.86 32.88
C ASP L 159 -69.38 20.46 33.46
N ARG L 160 -69.24 19.21 33.90
CA ARG L 160 -67.94 18.77 34.42
C ARG L 160 -66.86 18.86 33.35
N LEU L 161 -67.16 18.40 32.14
CA LEU L 161 -66.20 18.49 31.05
C LEU L 161 -65.91 19.95 30.70
N ALA L 162 -66.95 20.79 30.69
CA ALA L 162 -66.75 22.20 30.43
C ALA L 162 -65.78 22.81 31.42
N MET L 163 -65.99 22.55 32.71
CA MET L 163 -65.10 23.11 33.73
C MET L 163 -63.68 22.60 33.56
N ILE L 164 -63.52 21.28 33.37
CA ILE L 164 -62.17 20.72 33.32
C ILE L 164 -61.41 21.29 32.14
N TYR L 165 -62.03 21.34 30.96
CA TYR L 165 -61.28 21.82 29.80
C TYR L 165 -61.12 23.33 29.83
N THR L 166 -62.07 24.06 30.44
CA THR L 166 -61.87 25.50 30.60
C THR L 166 -60.64 25.77 31.46
N VAL L 167 -60.53 25.06 32.59
CA VAL L 167 -59.38 25.26 33.47
C VAL L 167 -58.09 24.90 32.74
N GLY L 168 -58.08 23.74 32.06
CA GLY L 168 -56.88 23.33 31.37
C GLY L 168 -56.46 24.29 30.28
N TYR L 169 -57.41 24.73 29.45
CA TYR L 169 -57.10 25.67 28.39
C TYR L 169 -56.65 27.01 28.93
N SER L 170 -57.24 27.48 30.04
CA SER L 170 -56.79 28.73 30.63
C SER L 170 -55.35 28.63 31.11
N VAL L 171 -55.01 27.55 31.81
CA VAL L 171 -53.65 27.36 32.28
C VAL L 171 -52.69 27.29 31.11
N SER L 172 -53.06 26.54 30.07
CA SER L 172 -52.21 26.40 28.90
C SER L 172 -52.04 27.75 28.20
N LEU L 173 -53.10 28.55 28.13
CA LEU L 173 -53.02 29.86 27.50
C LEU L 173 -52.05 30.77 28.24
N ALA L 174 -52.13 30.78 29.58
CA ALA L 174 -51.20 31.59 30.35
C ALA L 174 -49.76 31.14 30.12
N SER L 175 -49.51 29.83 30.24
CA SER L 175 -48.16 29.33 30.05
C SER L 175 -47.67 29.64 28.64
N LEU L 176 -48.54 29.54 27.64
CA LEU L 176 -48.14 29.70 26.26
C LEU L 176 -47.87 31.16 25.92
N THR L 177 -48.66 32.09 26.46
CA THR L 177 -48.35 33.50 26.24
C THR L 177 -47.04 33.89 26.92
N VAL L 178 -46.79 33.36 28.12
CA VAL L 178 -45.51 33.61 28.76
C VAL L 178 -44.37 33.07 27.90
N ALA L 179 -44.53 31.84 27.39
CA ALA L 179 -43.50 31.22 26.57
C ALA L 179 -43.27 32.03 25.28
N VAL L 180 -44.34 32.50 24.66
CA VAL L 180 -44.21 33.28 23.42
C VAL L 180 -43.46 34.58 23.70
N LEU L 181 -43.81 35.26 24.80
CA LEU L 181 -43.09 36.47 25.15
C LEU L 181 -41.61 36.19 25.37
N ILE L 182 -41.30 35.11 26.10
CA ILE L 182 -39.90 34.79 26.37
C ILE L 182 -39.16 34.52 25.06
N LEU L 183 -39.76 33.72 24.19
CA LEU L 183 -39.09 33.38 22.93
C LEU L 183 -38.89 34.61 22.05
N ALA L 184 -39.90 35.49 21.99
CA ALA L 184 -39.80 36.65 21.12
C ALA L 184 -38.82 37.70 21.63
N TYR L 185 -38.76 37.91 22.95
CA TYR L 185 -37.93 38.99 23.47
C TYR L 185 -36.46 38.74 23.19
N PHE L 186 -35.99 37.51 23.40
CA PHE L 186 -34.57 37.22 23.29
C PHE L 186 -34.16 37.02 21.84
N ARG L 187 -33.12 37.73 21.41
CA ARG L 187 -32.62 37.59 20.04
C ARG L 187 -31.80 36.32 19.86
N ARG L 188 -31.14 35.83 20.92
CA ARG L 188 -30.34 34.63 20.80
C ARG L 188 -31.19 33.43 20.41
N LEU L 189 -32.40 33.33 20.96
CA LEU L 189 -33.28 32.19 20.69
C LEU L 189 -33.89 32.24 19.29
N HIS L 190 -33.70 33.33 18.55
CA HIS L 190 -34.28 33.44 17.21
C HIS L 190 -33.68 32.39 16.28
N CYS L 191 -34.47 31.38 15.94
CA CYS L 191 -34.02 30.33 15.03
C CYS L 191 -35.24 29.70 14.38
N THR L 192 -35.00 28.98 13.29
CA THR L 192 -36.11 28.33 12.58
C THR L 192 -36.86 27.36 13.49
N ARG L 193 -36.12 26.58 14.27
CA ARG L 193 -36.77 25.70 15.24
C ARG L 193 -37.62 26.51 16.22
N ASN L 194 -37.06 27.60 16.74
CA ASN L 194 -37.82 28.46 17.65
C ASN L 194 -38.96 29.16 16.93
N TYR L 195 -38.79 29.47 15.64
CA TYR L 195 -39.89 30.06 14.88
C TYR L 195 -41.06 29.08 14.78
N ILE L 196 -40.78 27.82 14.48
CA ILE L 196 -41.86 26.84 14.42
C ILE L 196 -42.47 26.62 15.80
N HIS L 197 -41.64 26.65 16.85
CA HIS L 197 -42.18 26.54 18.21
C HIS L 197 -43.12 27.70 18.51
N MET L 198 -42.73 28.92 18.13
CA MET L 198 -43.60 30.08 18.35
C MET L 198 -44.89 29.96 17.56
N HIS L 199 -44.80 29.47 16.32
CA HIS L 199 -46.02 29.30 15.52
C HIS L 199 -46.95 28.27 16.16
N LEU L 200 -46.39 27.17 16.67
CA LEU L 200 -47.22 26.19 17.37
C LEU L 200 -47.84 26.79 18.62
N PHE L 201 -47.08 27.60 19.36
CA PHE L 201 -47.63 28.23 20.55
C PHE L 201 -48.77 29.17 20.19
N LEU L 202 -48.61 29.95 19.12
CA LEU L 202 -49.68 30.83 18.67
C LEU L 202 -50.90 30.03 18.24
N SER L 203 -50.68 28.89 17.58
CA SER L 203 -51.81 28.04 17.19
C SER L 203 -52.55 27.54 18.43
N PHE L 204 -51.82 27.10 19.46
CA PHE L 204 -52.47 26.65 20.68
C PHE L 204 -53.26 27.78 21.34
N MET L 205 -52.67 28.98 21.41
CA MET L 205 -53.36 30.10 22.04
C MET L 205 -54.62 30.47 21.26
N LEU L 206 -54.53 30.46 19.93
CA LEU L 206 -55.70 30.76 19.10
C LEU L 206 -56.77 29.70 19.28
N ARG L 207 -56.37 28.44 19.39
CA ARG L 207 -57.33 27.37 19.65
C ARG L 207 -58.06 27.61 20.97
N ALA L 208 -57.31 27.98 22.02
CA ALA L 208 -57.93 28.22 23.32
C ALA L 208 -58.90 29.40 23.26
N VAL L 209 -58.47 30.52 22.66
CA VAL L 209 -59.34 31.69 22.61
C VAL L 209 -60.56 31.41 21.75
N SER L 210 -60.39 30.64 20.68
CA SER L 210 -61.53 30.28 19.84
C SER L 210 -62.52 29.41 20.59
N ILE L 211 -62.04 28.44 21.37
CA ILE L 211 -62.96 27.60 22.11
C ILE L 211 -63.70 28.43 23.16
N PHE L 212 -63.00 29.37 23.80
CA PHE L 212 -63.66 30.25 24.77
C PHE L 212 -64.72 31.10 24.10
N VAL L 213 -64.42 31.66 22.92
CA VAL L 213 -65.40 32.48 22.21
C VAL L 213 -66.60 31.65 21.80
N LYS L 214 -66.36 30.44 21.31
CA LYS L 214 -67.46 29.56 20.93
C LYS L 214 -68.34 29.24 22.13
N ASP L 215 -67.73 28.95 23.29
CA ASP L 215 -68.51 28.67 24.49
C ASP L 215 -69.33 29.88 24.88
N ALA L 216 -68.73 31.07 24.84
CA ALA L 216 -69.47 32.29 25.20
C ALA L 216 -70.65 32.51 24.27
N VAL L 217 -70.45 32.33 22.96
CA VAL L 217 -71.53 32.54 22.01
C VAL L 217 -72.64 31.51 22.20
N LEU L 218 -72.27 30.24 22.37
CA LEU L 218 -73.27 29.18 22.45
C LEU L 218 -74.07 29.28 23.75
N TYR L 219 -73.38 29.43 24.88
CA TYR L 219 -74.08 29.48 26.16
C TYR L 219 -75.00 30.69 26.24
N SER L 220 -74.51 31.86 25.82
CA SER L 220 -75.29 33.08 25.87
C SER L 220 -76.45 33.02 24.88
N ALA L 250 -82.52 30.80 14.17
CA ALA L 250 -81.47 31.11 15.12
C ALA L 250 -80.09 31.03 14.45
N GLY L 251 -80.07 31.09 13.12
CA GLY L 251 -78.83 31.00 12.38
C GLY L 251 -78.19 32.34 12.12
N TYR L 252 -77.80 33.03 13.20
CA TYR L 252 -77.18 34.34 13.07
C TYR L 252 -75.74 34.20 12.58
N ALA L 253 -75.23 35.29 11.98
CA ALA L 253 -73.90 35.26 11.40
C ALA L 253 -72.82 35.07 12.46
N GLY L 254 -72.98 35.68 13.62
CA GLY L 254 -71.96 35.56 14.66
C GLY L 254 -71.73 34.14 15.11
N CYS L 255 -72.82 33.37 15.26
CA CYS L 255 -72.69 31.96 15.65
C CYS L 255 -71.90 31.19 14.60
N ARG L 256 -72.23 31.39 13.32
CA ARG L 256 -71.50 30.72 12.25
C ARG L 256 -70.03 31.10 12.25
N VAL L 257 -69.74 32.39 12.43
CA VAL L 257 -68.35 32.85 12.44
C VAL L 257 -67.58 32.22 13.59
N ALA L 258 -68.19 32.19 14.77
CA ALA L 258 -67.53 31.58 15.92
C ALA L 258 -67.25 30.10 15.67
N VAL L 259 -68.24 29.37 15.15
CA VAL L 259 -68.06 27.93 14.93
C VAL L 259 -66.96 27.68 13.91
N THR L 260 -67.00 28.41 12.79
CA THR L 260 -66.01 28.19 11.75
C THR L 260 -64.61 28.58 12.21
N PHE L 261 -64.48 29.68 12.97
CA PHE L 261 -63.18 30.05 13.49
C PHE L 261 -62.66 29.00 14.46
N PHE L 262 -63.53 28.45 15.31
CA PHE L 262 -63.11 27.40 16.23
C PHE L 262 -62.59 26.19 15.47
N LEU L 263 -63.35 25.74 14.46
CA LEU L 263 -62.92 24.58 13.68
C LEU L 263 -61.60 24.87 12.97
N TYR L 264 -61.48 26.06 12.37
CA TYR L 264 -60.25 26.42 11.66
C TYR L 264 -59.06 26.43 12.59
N PHE L 265 -59.21 26.98 13.80
CA PHE L 265 -58.08 27.05 14.72
C PHE L 265 -57.71 25.66 15.23
N LEU L 266 -58.70 24.80 15.48
CA LEU L 266 -58.40 23.43 15.87
C LEU L 266 -57.61 22.71 14.78
N ALA L 267 -58.06 22.85 13.52
CA ALA L 267 -57.37 22.22 12.41
C ALA L 267 -55.96 22.78 12.26
N THR L 268 -55.79 24.09 12.44
CA THR L 268 -54.47 24.68 12.35
C THR L 268 -53.55 24.15 13.43
N ASN L 269 -54.05 24.00 14.65
CA ASN L 269 -53.23 23.45 15.72
C ASN L 269 -52.80 22.02 15.40
N TYR L 270 -53.73 21.20 14.90
CA TYR L 270 -53.38 19.83 14.55
C TYR L 270 -52.34 19.78 13.43
N TYR L 271 -52.54 20.59 12.38
CA TYR L 271 -51.57 20.57 11.30
C TYR L 271 -50.24 21.19 11.72
N TRP L 272 -50.24 22.05 12.73
CA TRP L 272 -48.98 22.61 13.21
C TRP L 272 -48.20 21.63 14.07
N ILE L 273 -48.89 20.82 14.88
CA ILE L 273 -48.17 19.73 15.56
C ILE L 273 -47.63 18.74 14.51
N LEU L 274 -48.42 18.50 13.45
CA LEU L 274 -47.90 17.69 12.35
C LEU L 274 -46.68 18.34 11.71
N VAL L 275 -46.69 19.67 11.57
CA VAL L 275 -45.55 20.38 10.98
C VAL L 275 -44.32 20.24 11.86
N GLU L 276 -44.49 20.33 13.17
CA GLU L 276 -43.38 20.10 14.09
C GLU L 276 -42.80 18.70 13.88
N GLY L 277 -43.67 17.69 13.82
CA GLY L 277 -43.18 16.34 13.61
C GLY L 277 -42.45 16.18 12.29
N LEU L 278 -43.01 16.75 11.22
CA LEU L 278 -42.39 16.65 9.91
C LEU L 278 -41.05 17.38 9.88
N TYR L 279 -40.97 18.53 10.53
CA TYR L 279 -39.70 19.26 10.59
C TYR L 279 -38.64 18.45 11.32
N LEU L 280 -39.00 17.84 12.45
CA LEU L 280 -38.02 17.01 13.16
C LEU L 280 -37.59 15.83 12.29
N HIS L 281 -38.54 15.19 11.61
CA HIS L 281 -38.20 14.06 10.74
C HIS L 281 -37.27 14.51 9.62
N SER L 282 -37.55 15.65 9.00
CA SER L 282 -36.69 16.16 7.94
C SER L 282 -35.30 16.46 8.46
N LEU L 283 -35.20 17.09 9.64
CA LEU L 283 -33.89 17.37 10.21
C LEU L 283 -33.10 16.10 10.43
N ILE L 284 -33.74 15.07 10.98
CA ILE L 284 -33.01 13.84 11.31
C ILE L 284 -32.64 13.08 10.04
N PHE L 285 -33.56 12.97 9.09
CA PHE L 285 -33.40 12.06 7.95
C PHE L 285 -32.91 12.75 6.68
N MET L 286 -32.58 14.03 6.73
CA MET L 286 -32.08 14.76 5.57
C MET L 286 -30.72 15.37 5.89
N ALA L 287 -29.74 15.15 5.01
CA ALA L 287 -28.41 15.69 5.20
C ALA L 287 -28.28 17.14 4.74
N PHE L 288 -29.25 17.66 4.00
CA PHE L 288 -29.24 19.03 3.52
C PHE L 288 -30.58 19.69 3.83
N PHE L 289 -30.52 20.99 4.14
CA PHE L 289 -31.72 21.74 4.48
C PHE L 289 -31.70 23.07 3.75
N SER L 290 -32.90 23.59 3.48
CA SER L 290 -33.10 24.88 2.81
C SER L 290 -34.12 25.65 3.65
N GLU L 291 -33.64 26.50 4.56
CA GLU L 291 -34.53 27.20 5.47
C GLU L 291 -35.47 28.12 4.72
N LYS L 292 -34.94 28.93 3.80
CA LYS L 292 -35.74 29.97 3.16
C LYS L 292 -36.96 29.38 2.45
N LYS L 293 -36.86 28.15 1.96
CA LYS L 293 -37.96 27.50 1.26
C LYS L 293 -38.78 26.61 2.18
N TYR L 294 -38.13 25.75 2.97
CA TYR L 294 -38.87 24.80 3.79
C TYR L 294 -39.65 25.50 4.89
N LEU L 295 -39.10 26.57 5.46
CA LEU L 295 -39.83 27.30 6.51
C LEU L 295 -41.14 27.86 5.97
N TRP L 296 -41.08 28.52 4.81
CA TRP L 296 -42.30 29.08 4.22
C TRP L 296 -43.26 27.96 3.81
N GLY L 297 -42.73 26.86 3.26
CA GLY L 297 -43.59 25.76 2.90
C GLY L 297 -44.33 25.17 4.09
N PHE L 298 -43.61 24.98 5.20
CA PHE L 298 -44.23 24.46 6.42
C PHE L 298 -45.28 25.44 6.96
N THR L 299 -44.96 26.74 6.94
CA THR L 299 -45.93 27.73 7.39
C THR L 299 -47.20 27.69 6.55
N VAL L 300 -47.04 27.63 5.22
CA VAL L 300 -48.20 27.59 4.34
C VAL L 300 -49.01 26.32 4.59
N PHE L 301 -48.33 25.17 4.70
CA PHE L 301 -49.04 23.92 4.94
C PHE L 301 -49.81 23.98 6.26
N GLY L 302 -49.20 24.56 7.28
CA GLY L 302 -49.87 24.65 8.57
C GLY L 302 -51.07 25.58 8.57
N TRP L 303 -50.97 26.71 7.87
CA TRP L 303 -52.02 27.73 7.94
C TRP L 303 -53.07 27.59 6.84
N GLY L 304 -52.65 27.63 5.57
CA GLY L 304 -53.60 27.65 4.47
C GLY L 304 -54.43 26.39 4.30
N LEU L 305 -53.79 25.21 4.39
CA LEU L 305 -54.52 23.98 4.12
C LEU L 305 -55.71 23.80 5.06
N PRO L 306 -55.59 24.01 6.38
CA PRO L 306 -56.80 24.05 7.20
C PRO L 306 -57.79 25.09 6.73
N ALA L 307 -57.29 26.25 6.27
CA ALA L 307 -58.18 27.26 5.72
C ALA L 307 -58.91 26.74 4.49
N VAL L 308 -58.20 26.02 3.62
CA VAL L 308 -58.83 25.48 2.42
C VAL L 308 -59.92 24.48 2.79
N PHE L 309 -59.62 23.59 3.74
CA PHE L 309 -60.62 22.59 4.13
C PHE L 309 -61.82 23.25 4.80
N VAL L 310 -61.59 24.25 5.64
CA VAL L 310 -62.70 24.95 6.30
C VAL L 310 -63.52 25.71 5.27
N ALA L 311 -62.88 26.28 4.25
CA ALA L 311 -63.62 26.95 3.19
C ALA L 311 -64.48 25.96 2.41
N VAL L 312 -63.93 24.78 2.11
CA VAL L 312 -64.74 23.77 1.43
C VAL L 312 -65.94 23.38 2.29
N TRP L 313 -65.71 23.16 3.58
CA TRP L 313 -66.79 22.76 4.47
C TRP L 313 -67.85 23.85 4.58
N VAL L 314 -67.42 25.11 4.68
CA VAL L 314 -68.39 26.20 4.86
C VAL L 314 -69.19 26.40 3.57
N SER L 315 -68.53 26.29 2.41
CA SER L 315 -69.27 26.38 1.15
C SER L 315 -70.29 25.25 1.04
N VAL L 316 -69.90 24.03 1.40
CA VAL L 316 -70.83 22.91 1.32
C VAL L 316 -72.01 23.13 2.25
N ARG L 317 -71.73 23.58 3.48
CA ARG L 317 -72.80 23.80 4.44
C ARG L 317 -73.75 24.90 3.96
N ALA L 318 -73.20 25.97 3.40
CA ALA L 318 -74.03 27.09 2.98
C ALA L 318 -74.88 26.73 1.76
N THR L 319 -74.33 25.95 0.83
CA THR L 319 -75.02 25.62 -0.40
C THR L 319 -75.78 24.29 -0.35
N LEU L 320 -75.76 23.60 0.79
CA LEU L 320 -76.47 22.33 0.92
C LEU L 320 -77.60 22.39 1.92
N ALA L 321 -77.33 22.79 3.17
CA ALA L 321 -78.33 22.82 4.22
C ALA L 321 -78.65 24.24 4.68
N ASN L 322 -77.65 24.98 5.14
CA ASN L 322 -77.81 26.38 5.56
C ASN L 322 -79.02 26.53 6.48
N THR L 323 -79.04 25.70 7.53
CA THR L 323 -80.13 25.69 8.51
C THR L 323 -79.57 26.01 9.89
N GLY L 324 -80.11 27.06 10.51
CA GLY L 324 -79.71 27.46 11.84
C GLY L 324 -78.20 27.55 11.98
N CYS L 325 -77.74 27.39 13.21
CA CYS L 325 -76.31 27.36 13.47
C CYS L 325 -75.70 26.07 12.93
N TRP L 326 -74.40 26.13 12.66
CA TRP L 326 -73.62 24.95 12.31
C TRP L 326 -73.21 24.15 13.54
N ASP L 327 -73.79 24.45 14.70
CA ASP L 327 -73.51 23.68 15.90
C ASP L 327 -73.96 22.24 15.76
N LEU L 328 -74.87 21.97 14.83
CA LEU L 328 -75.42 20.64 14.63
C LEU L 328 -74.82 20.00 13.38
N SER L 329 -74.78 18.67 13.38
CA SER L 329 -74.30 17.91 12.23
C SER L 329 -75.48 17.45 11.40
N SER L 330 -75.42 17.72 10.09
CA SER L 330 -76.47 17.33 9.17
C SER L 330 -76.18 16.01 8.46
N GLY L 331 -75.06 15.36 8.79
CA GLY L 331 -74.72 14.10 8.16
C GLY L 331 -73.24 13.81 8.16
N ASN L 332 -72.73 13.33 7.02
CA ASN L 332 -71.33 12.95 6.88
C ASN L 332 -70.42 14.13 6.53
N LYS L 333 -70.98 15.32 6.32
CA LYS L 333 -70.17 16.47 5.92
C LYS L 333 -69.20 16.89 7.01
N LYS L 334 -69.43 16.49 8.27
CA LYS L 334 -68.44 16.75 9.31
C LYS L 334 -67.12 16.07 8.99
N TRP L 335 -67.17 14.97 8.25
CA TRP L 335 -65.94 14.26 7.90
C TRP L 335 -65.01 15.10 7.04
N ILE L 336 -65.53 16.07 6.28
CA ILE L 336 -64.67 16.92 5.47
C ILE L 336 -63.59 17.56 6.33
N ILE L 337 -63.94 17.97 7.54
CA ILE L 337 -62.98 18.56 8.47
C ILE L 337 -62.36 17.51 9.37
N GLN L 338 -63.13 16.48 9.75
CA GLN L 338 -62.61 15.52 10.73
C GLN L 338 -61.51 14.63 10.15
N VAL L 339 -61.71 14.11 8.94
CA VAL L 339 -60.80 13.10 8.39
C VAL L 339 -59.37 13.64 8.26
N PRO L 340 -59.14 14.84 7.72
CA PRO L 340 -57.74 15.31 7.59
C PRO L 340 -57.01 15.37 8.92
N ILE L 341 -57.70 15.75 10.00
CA ILE L 341 -57.04 15.84 11.30
C ILE L 341 -56.57 14.46 11.75
N LEU L 342 -57.43 13.45 11.57
CA LEU L 342 -57.06 12.08 11.96
C LEU L 342 -55.93 11.56 11.08
N ALA L 343 -55.96 11.89 9.79
CA ALA L 343 -54.88 11.50 8.89
C ALA L 343 -53.57 12.13 9.32
N SER L 344 -53.60 13.40 9.75
CA SER L 344 -52.41 14.05 10.29
C SER L 344 -51.94 13.34 11.55
N ILE L 345 -52.88 12.96 12.43
CA ILE L 345 -52.51 12.32 13.69
C ILE L 345 -51.78 11.00 13.43
N VAL L 346 -52.32 10.19 12.53
CA VAL L 346 -51.69 8.88 12.28
C VAL L 346 -50.28 9.06 11.72
N LEU L 347 -50.13 9.99 10.77
CA LEU L 347 -48.83 10.23 10.16
C LEU L 347 -47.84 10.72 11.22
N ASN L 348 -48.30 11.60 12.11
CA ASN L 348 -47.43 12.06 13.19
C ASN L 348 -47.02 10.89 14.07
N PHE L 349 -47.94 9.93 14.29
CA PHE L 349 -47.59 8.75 15.08
C PHE L 349 -46.49 7.93 14.39
N ILE L 350 -46.59 7.76 13.07
CA ILE L 350 -45.55 6.99 12.37
C ILE L 350 -44.21 7.72 12.47
N LEU L 351 -44.23 9.04 12.27
CA LEU L 351 -42.99 9.81 12.39
C LEU L 351 -42.42 9.69 13.80
N PHE L 352 -43.29 9.68 14.81
CA PHE L 352 -42.84 9.49 16.20
C PHE L 352 -42.14 8.16 16.38
N ILE L 353 -42.74 7.08 15.86
CA ILE L 353 -42.15 5.76 16.06
C ILE L 353 -40.80 5.68 15.34
N ASN L 354 -40.70 6.31 14.17
CA ASN L 354 -39.42 6.36 13.46
C ASN L 354 -38.37 7.13 14.27
N ILE L 355 -38.78 8.24 14.86
CA ILE L 355 -37.84 9.04 15.67
C ILE L 355 -37.37 8.23 16.87
N VAL L 356 -38.29 7.50 17.51
CA VAL L 356 -37.90 6.63 18.63
C VAL L 356 -36.93 5.57 18.15
N ARG L 357 -37.15 5.03 16.94
CA ARG L 357 -36.25 4.04 16.40
C ARG L 357 -34.83 4.60 16.26
N VAL L 358 -34.71 5.79 15.66
CA VAL L 358 -33.38 6.36 15.47
C VAL L 358 -32.75 6.71 16.81
N LEU L 359 -33.54 7.19 17.77
CA LEU L 359 -33.01 7.48 19.10
C LEU L 359 -32.47 6.23 19.76
N ALA L 360 -33.18 5.11 19.67
CA ALA L 360 -32.68 3.85 20.20
C ALA L 360 -31.41 3.41 19.48
N THR L 361 -31.38 3.54 18.15
CA THR L 361 -30.21 3.12 17.39
C THR L 361 -28.96 3.89 17.80
N LYS L 362 -29.06 5.21 17.89
CA LYS L 362 -27.88 6.01 18.23
C LYS L 362 -27.40 5.70 19.65
N LEU L 363 -28.33 5.57 20.59
CA LEU L 363 -27.94 5.24 21.96
C LEU L 363 -27.28 3.86 22.01
N ARG L 364 -27.78 2.91 21.23
CA ARG L 364 -27.13 1.61 21.14
C ARG L 364 -25.71 1.74 20.60
N GLU L 365 -25.52 2.57 19.57
CA GLU L 365 -24.19 2.82 19.03
C GLU L 365 -23.28 3.51 20.01
N THR L 366 -23.82 4.25 20.99
CA THR L 366 -23.01 4.90 22.02
C THR L 366 -23.21 4.27 23.38
N ASN L 367 -23.64 3.01 23.42
CA ASN L 367 -23.87 2.31 24.68
C ASN L 367 -24.84 3.10 25.57
N THR L 373 -27.55 -0.73 28.09
CA THR L 373 -27.31 -0.45 29.49
C THR L 373 -28.51 0.26 30.12
N ARG L 374 -28.55 0.27 31.46
CA ARG L 374 -29.66 0.91 32.16
C ARG L 374 -29.72 2.40 31.82
N GLN L 375 -28.57 3.06 31.75
CA GLN L 375 -28.55 4.48 31.42
C GLN L 375 -29.14 4.72 30.04
N GLN L 376 -28.82 3.85 29.08
CA GLN L 376 -29.38 4.00 27.74
C GLN L 376 -30.90 3.90 27.76
N TYR L 377 -31.43 2.91 28.49
CA TYR L 377 -32.89 2.77 28.56
C TYR L 377 -33.53 3.97 29.25
N ARG L 378 -32.90 4.46 30.32
CA ARG L 378 -33.44 5.62 31.01
C ARG L 378 -33.48 6.83 30.08
N LYS L 379 -32.39 7.07 29.34
CA LYS L 379 -32.36 8.19 28.41
C LYS L 379 -33.41 8.03 27.32
N LEU L 380 -33.56 6.80 26.80
CA LEU L 380 -34.56 6.57 25.75
C LEU L 380 -35.96 6.85 26.27
N LEU L 381 -36.29 6.36 27.46
CA LEU L 381 -37.62 6.60 28.02
C LEU L 381 -37.84 8.08 28.31
N LYS L 382 -36.82 8.77 28.84
CA LYS L 382 -36.97 10.18 29.11
C LYS L 382 -37.21 10.96 27.81
N SER L 383 -36.46 10.66 26.76
CA SER L 383 -36.66 11.33 25.49
C SER L 383 -38.03 11.01 24.91
N THR L 384 -38.48 9.76 25.05
CA THR L 384 -39.80 9.39 24.56
C THR L 384 -40.90 10.18 25.28
N LEU L 385 -40.78 10.29 26.61
CA LEU L 385 -41.76 11.06 27.37
C LEU L 385 -41.71 12.54 26.99
N VAL L 386 -40.51 13.07 26.78
CA VAL L 386 -40.38 14.47 26.38
C VAL L 386 -41.06 14.71 25.03
N LEU L 387 -40.86 13.79 24.09
CA LEU L 387 -41.42 13.95 22.75
C LEU L 387 -42.89 13.57 22.68
N MET L 388 -43.41 12.89 23.70
CA MET L 388 -44.82 12.49 23.67
C MET L 388 -45.76 13.70 23.55
N PRO L 389 -45.69 14.71 24.41
CA PRO L 389 -46.62 15.84 24.25
C PRO L 389 -46.44 16.60 22.95
N LEU L 390 -45.21 16.72 22.46
CA LEU L 390 -44.98 17.50 21.24
C LEU L 390 -45.61 16.84 20.03
N PHE L 391 -45.60 15.50 19.99
CA PHE L 391 -46.13 14.79 18.83
C PHE L 391 -47.62 14.47 18.96
N GLY L 392 -48.23 14.72 20.11
CA GLY L 392 -49.64 14.42 20.29
C GLY L 392 -49.95 12.95 20.13
N VAL L 393 -49.10 12.09 20.69
CA VAL L 393 -49.32 10.65 20.57
C VAL L 393 -50.60 10.24 21.29
N HIS L 394 -51.01 11.00 22.31
CA HIS L 394 -52.23 10.67 23.03
C HIS L 394 -53.46 10.73 22.13
N TYR L 395 -53.38 11.42 21.00
CA TYR L 395 -54.51 11.46 20.07
C TYR L 395 -54.83 10.09 19.50
N ILE L 396 -53.85 9.20 19.42
CA ILE L 396 -54.04 7.92 18.73
C ILE L 396 -54.95 6.97 19.51
N VAL L 397 -55.13 7.19 20.81
CA VAL L 397 -55.81 6.19 21.63
C VAL L 397 -57.30 6.13 21.29
N PHE L 398 -57.94 7.28 21.06
CA PHE L 398 -59.32 7.32 20.56
C PHE L 398 -59.41 7.97 19.18
N MET L 399 -58.47 7.65 18.29
CA MET L 399 -58.50 8.23 16.96
C MET L 399 -59.63 7.63 16.12
N ALA L 400 -59.80 6.31 16.19
CA ALA L 400 -60.74 5.60 15.34
C ALA L 400 -62.13 5.43 15.95
N THR L 401 -62.34 5.90 17.17
CA THR L 401 -63.63 5.71 17.82
C THR L 401 -64.72 6.47 17.06
N PRO L 402 -65.82 5.82 16.67
CA PRO L 402 -66.89 6.55 15.99
C PRO L 402 -67.80 7.30 16.95
N TYR L 403 -68.86 7.90 16.43
CA TYR L 403 -69.81 8.65 17.26
C TYR L 403 -70.56 7.68 18.15
N THR L 404 -70.13 7.57 19.41
CA THR L 404 -70.73 6.67 20.38
C THR L 404 -71.80 7.41 21.17
N GLU L 405 -72.82 6.67 21.59
CA GLU L 405 -73.91 7.28 22.36
C GLU L 405 -73.39 7.87 23.65
N VAL L 406 -73.99 8.99 24.06
CA VAL L 406 -73.49 9.73 25.21
C VAL L 406 -73.53 8.88 26.46
N SER L 407 -74.63 8.17 26.69
CA SER L 407 -74.80 7.35 27.88
C SER L 407 -74.05 6.03 27.69
N GLY L 408 -72.73 6.12 27.75
CA GLY L 408 -71.89 4.95 27.59
C GLY L 408 -70.55 5.15 28.28
N THR L 409 -69.98 4.05 28.76
CA THR L 409 -68.70 4.12 29.44
C THR L 409 -67.60 4.60 28.48
N LEU L 410 -67.60 4.09 27.25
CA LEU L 410 -66.58 4.48 26.29
C LEU L 410 -66.63 5.98 26.02
N TRP L 411 -67.84 6.51 25.80
CA TRP L 411 -67.96 7.94 25.54
C TRP L 411 -67.48 8.76 26.72
N GLN L 412 -67.86 8.36 27.93
CA GLN L 412 -67.47 9.11 29.12
C GLN L 412 -65.96 9.11 29.30
N VAL L 413 -65.33 7.93 29.20
CA VAL L 413 -63.89 7.86 29.40
C VAL L 413 -63.15 8.62 28.32
N GLN L 414 -63.60 8.49 27.06
CA GLN L 414 -62.96 9.22 25.98
C GLN L 414 -63.07 10.72 26.21
N MET L 415 -64.25 11.19 26.61
CA MET L 415 -64.44 12.62 26.83
C MET L 415 -63.54 13.13 27.95
N HIS L 416 -63.50 12.41 29.07
CA HIS L 416 -62.66 12.86 30.18
C HIS L 416 -61.19 12.88 29.76
N TYR L 417 -60.72 11.77 29.18
CA TYR L 417 -59.33 11.67 28.76
C TYR L 417 -58.95 12.81 27.81
N GLU L 418 -59.81 13.07 26.81
CA GLU L 418 -59.49 14.10 25.82
C GLU L 418 -59.54 15.49 26.44
N MET L 419 -60.66 15.84 27.07
CA MET L 419 -60.76 17.18 27.63
C MET L 419 -59.71 17.44 28.72
N LEU L 420 -59.07 16.40 29.25
CA LEU L 420 -57.93 16.62 30.13
C LEU L 420 -56.63 16.82 29.33
N PHE L 421 -56.27 15.83 28.52
CA PHE L 421 -54.95 15.83 27.88
C PHE L 421 -54.84 16.85 26.75
N ASN L 422 -55.87 16.97 25.91
CA ASN L 422 -55.88 18.06 24.94
C ASN L 422 -55.66 19.40 25.62
N SER L 423 -56.35 19.63 26.74
CA SER L 423 -56.25 20.91 27.43
C SER L 423 -54.85 21.14 27.99
N PHE L 424 -54.26 20.12 28.62
CA PHE L 424 -52.97 20.28 29.28
C PHE L 424 -51.77 20.05 28.36
N GLN L 425 -52.01 19.68 27.10
CA GLN L 425 -50.90 19.48 26.17
C GLN L 425 -50.13 20.77 25.96
N GLY L 426 -50.83 21.90 25.82
CA GLY L 426 -50.15 23.17 25.68
C GLY L 426 -49.27 23.49 26.87
N PHE L 427 -49.79 23.29 28.09
CA PHE L 427 -49.00 23.55 29.28
C PHE L 427 -47.77 22.65 29.35
N PHE L 428 -47.94 21.36 29.02
CA PHE L 428 -46.81 20.45 29.04
C PHE L 428 -45.75 20.87 28.03
N VAL L 429 -46.17 21.22 26.82
CA VAL L 429 -45.22 21.64 25.79
C VAL L 429 -44.50 22.91 26.23
N ALA L 430 -45.23 23.86 26.80
CA ALA L 430 -44.61 25.11 27.24
C ALA L 430 -43.58 24.86 28.34
N ILE L 431 -43.92 24.02 29.31
CA ILE L 431 -42.99 23.76 30.41
C ILE L 431 -41.75 23.02 29.91
N ILE L 432 -41.94 22.13 28.93
CA ILE L 432 -40.81 21.30 28.50
C ILE L 432 -39.90 22.08 27.55
N TYR L 433 -40.45 22.59 26.44
CA TYR L 433 -39.63 23.09 25.36
C TYR L 433 -39.23 24.56 25.50
N CYS L 434 -39.83 25.30 26.43
CA CYS L 434 -39.46 26.69 26.65
C CYS L 434 -38.93 26.94 28.05
N PHE L 435 -39.68 26.55 29.08
CA PHE L 435 -39.24 26.82 30.45
C PHE L 435 -38.10 25.90 30.85
N CYS L 436 -38.15 24.63 30.45
CA CYS L 436 -37.12 23.67 30.79
C CYS L 436 -35.99 23.61 29.78
N ASN L 437 -36.10 24.36 28.68
CA ASN L 437 -35.05 24.35 27.67
C ASN L 437 -33.77 24.97 28.22
N GLY L 438 -32.63 24.34 27.92
CA GLY L 438 -31.37 24.82 28.45
C GLY L 438 -31.00 26.20 27.94
N GLU L 439 -31.20 26.45 26.64
CA GLU L 439 -30.83 27.73 26.07
C GLU L 439 -31.62 28.87 26.70
N VAL L 440 -32.93 28.68 26.88
CA VAL L 440 -33.76 29.73 27.48
C VAL L 440 -33.34 29.97 28.92
N GLN L 441 -33.05 28.91 29.67
CA GLN L 441 -32.60 29.09 31.05
C GLN L 441 -31.28 29.85 31.10
N ALA L 442 -30.33 29.50 30.22
CA ALA L 442 -29.07 30.23 30.20
C ALA L 442 -29.29 31.69 29.85
N GLU L 443 -30.14 31.96 28.86
CA GLU L 443 -30.37 33.34 28.46
C GLU L 443 -31.02 34.15 29.58
N ILE L 444 -32.02 33.57 30.25
CA ILE L 444 -32.69 34.29 31.33
C ILE L 444 -31.72 34.52 32.48
N LYS L 445 -30.88 33.52 32.80
CA LYS L 445 -29.91 33.70 33.87
C LYS L 445 -28.93 34.84 33.53
N LYS L 446 -28.41 34.85 32.31
CA LYS L 446 -27.47 35.89 31.91
C LYS L 446 -28.13 37.27 31.96
N SER L 447 -29.35 37.37 31.42
CA SER L 447 -30.04 38.66 31.41
C SER L 447 -30.31 39.16 32.82
N TRP L 448 -30.79 38.26 33.70
CA TRP L 448 -31.08 38.67 35.07
C TRP L 448 -29.81 39.08 35.80
N SER L 449 -28.72 38.33 35.60
CA SER L 449 -27.47 38.68 36.25
C SER L 449 -26.97 40.04 35.78
N ARG L 450 -27.02 40.30 34.47
CA ARG L 450 -26.56 41.59 33.95
C ARG L 450 -27.44 42.71 34.48
N TRP L 451 -28.76 42.51 34.53
CA TRP L 451 -29.65 43.56 35.02
C TRP L 451 -29.40 43.84 36.48
N THR L 452 -29.22 42.79 37.30
CA THR L 452 -28.93 43.00 38.71
C THR L 452 -27.61 43.71 38.92
N LEU L 453 -26.57 43.32 38.17
CA LEU L 453 -25.27 43.97 38.31
C LEU L 453 -25.35 45.43 37.91
N ALA L 454 -26.06 45.74 36.82
CA ALA L 454 -26.20 47.13 36.41
C ALA L 454 -26.95 47.95 37.46
N LEU L 455 -28.00 47.37 38.03
CA LEU L 455 -28.78 48.04 39.06
C LEU L 455 -27.99 48.10 40.38
#